data_9AUH
#
_entry.id   9AUH
#
_cell.length_a   1.00
_cell.length_b   1.00
_cell.length_c   1.00
_cell.angle_alpha   90.00
_cell.angle_beta   90.00
_cell.angle_gamma   90.00
#
_symmetry.space_group_name_H-M   'P 1'
#
loop_
_entity.id
_entity.type
_entity.pdbx_description
1 polymer 'HIV-1 BG505 DS-SOSIP glycoprotein gp120'
2 polymer 'HIV-1 BG505 DS-SOSIP glycoprotein gp41'
3 polymer 'UCA3 heavy chain'
4 polymer 'UCA3 light chain'
5 branched alpha-D-mannopyranose-(1-3)-[alpha-D-mannopyranose-(1-6)]beta-D-mannopyranose-(1-4)-2-acetamido-2-deoxy-beta-D-glucopyranose-(1-4)-2-acetamido-2-deoxy-beta-D-glucopyranose
6 branched alpha-D-mannopyranose-(1-2)-alpha-D-mannopyranose-(1-2)-alpha-D-mannopyranose-(1-3)-[alpha-D-mannopyranose-(1-3)-[alpha-D-mannopyranose-(1-6)]alpha-D-mannopyranose-(1-6)]beta-D-mannopyranose-(1-4)-2-acetamido-2-deoxy-beta-D-glucopyranose-(1-4)-2-acetamido-2-deoxy-beta-D-glucopyranose
7 branched beta-D-mannopyranose-(1-4)-2-acetamido-2-deoxy-beta-D-glucopyranose-(1-4)-2-acetamido-2-deoxy-beta-D-glucopyranose
8 branched 2-acetamido-2-deoxy-beta-D-glucopyranose-(1-4)-2-acetamido-2-deoxy-beta-D-glucopyranose
9 branched alpha-D-mannopyranose-(1-2)-alpha-D-mannopyranose-(1-3)-[alpha-D-mannopyranose-(1-3)-[alpha-D-mannopyranose-(1-6)]alpha-D-mannopyranose-(1-6)]beta-D-mannopyranose-(1-4)-2-acetamido-2-deoxy-beta-D-glucopyranose-(1-4)-2-acetamido-2-deoxy-beta-D-glucopyranose
10 non-polymer 2-acetamido-2-deoxy-beta-D-glucopyranose
#
loop_
_entity_poly.entity_id
_entity_poly.type
_entity_poly.pdbx_seq_one_letter_code
_entity_poly.pdbx_strand_id
1 'polypeptide(L)'
;AENLWVTVYYGVPVWKEAKTTLFCASDARAYEKEVHNVWATHACVPTDPSPQELVLGNVTENFNMWKNDMVDQMHEDIIS
LWDQSLKPCVKLTPLCVTLICSDAGSGGVEEMKNCSFNTTTEIRDKEKKEYALFYKPDIVPLSETNNTSEYRLINCNTSA
CTQACPKVTFEPIPIHYCAPAGYAILKCNDETFNGTGPCSNVSTVQCTHGIRPVVSTQLLLNGSLAEKEIVIRSENLTNN
AKIIIVHLHTPVEIVCTRPNNNTRKSVRIGPGQTFYATGDIIGDIKQAHCNISEEKWNDTLQKVGIELQKHFPNKTIKYN
QSAGGDMEITTHSFNCGGEFFYCNTSNLFNGTYNGTYISTNSSANSTSTITLQCRIKQIINMWQGVGRCMYAPPIAGNIT
CRSNITGLLLTRDGGTNSNETETFRPAGGDMRDNWRSELYKYKVVKIEPLGVAPTRCKRRVVGRRRRRR
;
A,B,C
2 'polypeptide(L)'
;AVGIGAVFLGFLGAAGSTMGAASMTLTVQARNLLSGIVQQQSNLLRAPEAQQHLLKLTVWGIKQLQARVLAVERYLRDQQ
LLGIWGCSGKLICCTNVPWNSSWSNRNLSEIWDNMTWLQWDKEISNYTQIIYGLLEESQNQQEKNEQDLLALD
;
D,E,F
3 'polypeptide(L)'
;QVQLVQSGAEVKKPGASVKVSCKASGYTFTGYYMHWVRQAPGQGLEWMGWINPNSGGTNYAQKFQGRVTMTRDTSISTAY
MELSRLRSDDTAVYYCARGGWISLYYDSSGYPNFDYWGQGTLVTVSSASTKGPSVFPLAPSSKSTSGGTAALGCLVKDYF
PEPVTVSWNSGALTSGVHTFPAVLQSSGLYSLSSVVTVPSSSLGTQTYICNVNHKPSNTKVDKRVEPKSCDK
;
G,H,I
4 'polypeptide(L)'
;QSALTQPASVSGSPGQSITISCTGTSSDVGSYNLVSWYQQHPGKAPKLMIYEVSKRPSGVSNRFSGSKSGNTASLTISGL
QAEDEADYYCCSYAGSSTVIFGGGTKLTVLGQPKANPTVTLFPPSSEELQANKATLVCLISDFYPGAVTVAWKADSSPVK
AGVETTTPSKQSNNKYAASSYLSLTPEQWKSHRSYSCQVTHEGSTVEKTVAPTECS
;
J,K,L
#
# COMPACT_ATOMS: atom_id res chain seq x y z
N GLU A 2 24.27 31.11 56.31
CA GLU A 2 23.40 32.24 56.63
C GLU A 2 22.71 32.76 55.38
N ASN A 3 23.45 32.80 54.28
CA ASN A 3 22.88 33.18 53.00
C ASN A 3 22.19 31.98 52.34
N LEU A 4 21.64 32.21 51.16
CA LEU A 4 20.91 31.17 50.43
C LEU A 4 21.53 30.98 49.06
N TRP A 5 21.99 29.77 48.77
CA TRP A 5 22.49 29.40 47.47
C TRP A 5 21.60 28.32 46.87
N VAL A 6 21.47 28.34 45.55
CA VAL A 6 20.57 27.41 44.87
C VAL A 6 21.23 26.03 44.82
N THR A 7 20.39 24.99 44.79
CA THR A 7 20.87 23.61 44.82
C THR A 7 19.87 22.74 44.08
N VAL A 8 20.32 22.02 43.07
CA VAL A 8 19.43 21.23 42.23
C VAL A 8 19.48 19.77 42.67
N TYR A 9 18.37 19.08 42.46
CA TYR A 9 18.20 17.69 42.85
C TYR A 9 17.75 16.87 41.65
N TYR A 10 18.08 15.58 41.67
CA TYR A 10 17.65 14.65 40.63
C TYR A 10 16.78 13.58 41.27
N GLY A 11 15.58 13.40 40.73
CA GLY A 11 14.64 12.45 41.29
C GLY A 11 13.58 13.11 42.15
N VAL A 12 13.06 14.24 41.68
CA VAL A 12 12.09 15.02 42.42
C VAL A 12 10.69 14.64 41.93
N PRO A 13 9.78 14.23 42.83
CA PRO A 13 8.47 13.73 42.38
C PRO A 13 7.49 14.81 41.92
N VAL A 14 7.56 15.20 40.65
CA VAL A 14 6.67 16.19 40.06
C VAL A 14 5.94 15.56 38.88
N TRP A 15 4.62 15.76 38.83
CA TRP A 15 3.80 15.32 37.70
C TRP A 15 3.48 16.49 36.79
N LYS A 16 3.22 16.17 35.52
CA LYS A 16 2.59 17.08 34.57
C LYS A 16 1.63 16.26 33.72
N GLU A 17 0.43 16.77 33.50
CA GLU A 17 -0.53 16.06 32.66
C GLU A 17 -0.12 16.20 31.20
N ALA A 18 -0.05 15.07 30.49
CA ALA A 18 0.43 15.07 29.12
C ALA A 18 -0.14 13.86 28.39
N LYS A 19 0.00 13.88 27.07
CA LYS A 19 -0.42 12.79 26.21
C LYS A 19 0.81 12.12 25.60
N THR A 20 0.77 10.80 25.50
CA THR A 20 1.89 10.02 24.99
C THR A 20 1.36 8.91 24.09
N THR A 21 2.26 8.07 23.60
CA THR A 21 1.90 6.93 22.77
C THR A 21 1.98 5.67 23.64
N LEU A 22 0.82 5.25 24.13
CA LEU A 22 0.74 4.01 24.90
C LEU A 22 0.97 2.81 23.99
N PHE A 23 1.64 1.78 24.50
CA PHE A 23 1.92 0.60 23.72
C PHE A 23 1.38 -0.65 24.41
N CYS A 24 1.05 -1.65 23.59
CA CYS A 24 0.44 -2.88 24.07
C CYS A 24 1.43 -3.75 24.85
N ALA A 25 0.87 -4.61 25.69
CA ALA A 25 1.64 -5.64 26.37
C ALA A 25 0.68 -6.76 26.74
N SER A 26 0.84 -7.92 26.12
CA SER A 26 -0.04 -9.06 26.33
C SER A 26 0.69 -10.16 27.09
N ASP A 27 -0.02 -11.25 27.32
CA ASP A 27 0.56 -12.40 28.01
C ASP A 27 1.38 -13.25 27.03
N ALA A 28 2.14 -14.18 27.59
CA ALA A 28 3.02 -15.03 26.80
C ALA A 28 2.38 -16.37 26.41
N ARG A 29 1.13 -16.62 26.82
CA ARG A 29 0.49 -17.89 26.50
C ARG A 29 0.06 -17.97 25.04
N ALA A 30 -0.28 -16.82 24.45
CA ALA A 30 -0.73 -16.81 23.05
C ALA A 30 0.41 -16.99 22.07
N TYR A 31 1.66 -16.78 22.50
CA TYR A 31 2.80 -16.95 21.62
C TYR A 31 3.21 -18.39 21.42
N GLU A 32 2.65 -19.32 22.20
CA GLU A 32 2.98 -20.74 22.03
C GLU A 32 2.37 -21.32 20.76
N LYS A 33 1.22 -20.78 20.33
CA LYS A 33 0.54 -21.28 19.14
C LYS A 33 1.13 -20.60 17.90
N GLU A 34 0.49 -20.81 16.75
CA GLU A 34 0.94 -20.19 15.52
C GLU A 34 0.58 -18.71 15.50
N VAL A 35 1.24 -17.97 14.61
CA VAL A 35 0.96 -16.56 14.40
C VAL A 35 -0.24 -16.44 13.47
N HIS A 36 -0.79 -15.22 13.37
CA HIS A 36 -1.95 -14.86 12.54
C HIS A 36 -3.18 -15.70 12.90
N ASN A 37 -3.64 -15.53 14.14
CA ASN A 37 -4.81 -16.26 14.61
C ASN A 37 -5.82 -15.33 15.29
N VAL A 38 -5.34 -14.21 15.84
CA VAL A 38 -6.18 -13.27 16.58
C VAL A 38 -6.16 -11.95 15.82
N TRP A 39 -7.30 -11.25 15.81
CA TRP A 39 -7.43 -9.98 15.12
C TRP A 39 -6.51 -8.90 15.68
N ALA A 40 -6.14 -8.98 16.96
CA ALA A 40 -5.43 -7.91 17.62
C ALA A 40 -4.01 -8.26 18.02
N THR A 41 -3.82 -9.29 18.84
CA THR A 41 -2.53 -9.55 19.49
C THR A 41 -1.53 -10.26 18.59
N HIS A 42 -0.48 -10.83 19.22
CA HIS A 42 0.70 -11.55 18.72
C HIS A 42 1.81 -10.63 18.25
N ALA A 43 1.64 -9.31 18.34
CA ALA A 43 2.76 -8.36 18.25
C ALA A 43 2.63 -7.40 19.42
N CYS A 44 3.09 -7.86 20.59
CA CYS A 44 3.09 -7.08 21.81
C CYS A 44 4.25 -7.59 22.66
N VAL A 45 4.75 -6.74 23.55
CA VAL A 45 5.84 -7.17 24.43
C VAL A 45 5.27 -8.06 25.52
N PRO A 46 6.01 -9.08 25.99
CA PRO A 46 5.48 -9.91 27.08
C PRO A 46 5.55 -9.19 28.41
N THR A 47 4.45 -9.28 29.16
CA THR A 47 4.38 -8.63 30.46
C THR A 47 5.22 -9.38 31.49
N ASP A 48 5.60 -8.65 32.54
CA ASP A 48 6.32 -9.27 33.64
C ASP A 48 5.38 -10.17 34.45
N PRO A 49 5.87 -11.28 35.00
CA PRO A 49 4.98 -12.19 35.74
C PRO A 49 4.52 -11.66 37.08
N SER A 50 5.17 -10.65 37.64
CA SER A 50 4.79 -10.08 38.93
C SER A 50 4.67 -8.56 38.82
N PRO A 51 3.55 -8.07 38.25
CA PRO A 51 3.35 -6.61 38.23
C PRO A 51 2.72 -6.10 39.52
N GLN A 52 3.44 -5.26 40.25
CA GLN A 52 2.95 -4.73 41.52
C GLN A 52 3.01 -3.21 41.52
N GLU A 53 1.93 -2.60 41.96
CA GLU A 53 1.83 -1.14 42.05
C GLU A 53 2.33 -0.70 43.42
N LEU A 54 2.08 0.57 43.76
CA LEU A 54 2.48 1.11 45.04
C LEU A 54 1.47 2.18 45.45
N VAL A 55 1.08 2.18 46.72
CA VAL A 55 0.25 3.24 47.24
C VAL A 55 1.14 4.47 47.49
N LEU A 56 0.59 5.66 47.19
CA LEU A 56 1.41 6.86 47.26
C LEU A 56 1.53 7.39 48.68
N GLY A 57 0.40 7.76 49.28
CA GLY A 57 0.44 8.33 50.62
C GLY A 57 -0.56 9.45 50.78
N ASN A 58 -0.08 10.63 51.18
CA ASN A 58 -0.94 11.79 51.41
C ASN A 58 -1.14 12.57 50.11
N VAL A 59 -1.77 11.90 49.14
CA VAL A 59 -1.89 12.39 47.78
C VAL A 59 -3.36 12.51 47.42
N THR A 60 -3.77 13.69 46.97
CA THR A 60 -5.06 13.87 46.31
C THR A 60 -4.82 14.31 44.88
N GLU A 61 -5.74 13.94 43.99
CA GLU A 61 -5.55 14.17 42.56
C GLU A 61 -6.91 14.22 41.88
N ASN A 62 -7.11 15.20 41.01
CA ASN A 62 -8.38 15.40 40.32
C ASN A 62 -8.38 14.58 39.04
N PHE A 63 -9.26 13.58 38.98
CA PHE A 63 -9.39 12.69 37.84
C PHE A 63 -10.51 13.14 36.92
N ASN A 64 -10.65 12.45 35.79
CA ASN A 64 -11.76 12.69 34.88
C ASN A 64 -12.01 11.43 34.08
N MET A 65 -13.27 11.28 33.64
CA MET A 65 -13.68 10.20 32.76
C MET A 65 -13.75 10.64 31.29
N TRP A 66 -14.59 11.64 31.01
CA TRP A 66 -15.03 11.92 29.65
C TRP A 66 -14.02 12.72 28.84
N LYS A 67 -12.96 13.20 29.48
CA LYS A 67 -11.84 13.85 28.79
C LYS A 67 -10.61 12.99 29.07
N ASN A 68 -10.42 11.96 28.25
CA ASN A 68 -9.32 11.01 28.42
C ASN A 68 -8.72 10.70 27.07
N ASP A 69 -7.39 10.67 27.00
CA ASP A 69 -6.69 10.35 25.77
C ASP A 69 -6.49 8.86 25.57
N MET A 70 -6.51 8.07 26.64
CA MET A 70 -6.32 6.62 26.51
C MET A 70 -7.48 5.97 25.78
N VAL A 71 -8.70 6.47 26.00
CA VAL A 71 -9.88 5.94 25.31
C VAL A 71 -9.80 6.24 23.81
N ASP A 72 -9.40 7.46 23.46
CA ASP A 72 -9.26 7.83 22.04
C ASP A 72 -8.16 7.04 21.37
N GLN A 73 -7.04 6.84 22.06
CA GLN A 73 -5.95 6.05 21.49
C GLN A 73 -6.33 4.59 21.32
N MET A 74 -7.06 4.03 22.28
CA MET A 74 -7.50 2.63 22.16
C MET A 74 -8.52 2.47 21.04
N HIS A 75 -9.44 3.43 20.90
CA HIS A 75 -10.42 3.37 19.82
C HIS A 75 -9.76 3.49 18.45
N GLU A 76 -8.77 4.38 18.32
CA GLU A 76 -8.03 4.51 17.07
C GLU A 76 -7.21 3.24 16.77
N ASP A 77 -6.64 2.63 17.81
CA ASP A 77 -5.88 1.38 17.63
C ASP A 77 -6.78 0.25 17.18
N ILE A 78 -7.98 0.14 17.75
CA ILE A 78 -8.86 -0.97 17.40
C ILE A 78 -9.47 -0.77 16.02
N ILE A 79 -9.77 0.49 15.65
CA ILE A 79 -10.20 0.81 14.29
C ILE A 79 -9.10 0.43 13.28
N SER A 80 -7.85 0.79 13.59
CA SER A 80 -6.75 0.47 12.69
C SER A 80 -6.47 -1.04 12.63
N LEU A 81 -6.66 -1.75 13.75
CA LEU A 81 -6.48 -3.20 13.76
C LEU A 81 -7.53 -3.90 12.90
N TRP A 82 -8.78 -3.44 12.99
CA TRP A 82 -9.84 -4.03 12.16
C TRP A 82 -9.63 -3.69 10.69
N ASP A 83 -9.13 -2.49 10.38
CA ASP A 83 -8.86 -2.14 8.99
C ASP A 83 -7.63 -2.85 8.46
N GLN A 84 -6.70 -3.23 9.33
CA GLN A 84 -5.45 -3.86 8.90
C GLN A 84 -5.57 -5.37 8.79
N SER A 85 -6.44 -6.00 9.58
CA SER A 85 -6.55 -7.45 9.55
C SER A 85 -7.36 -7.97 8.37
N LEU A 86 -7.99 -7.10 7.58
CA LEU A 86 -8.83 -7.55 6.48
C LEU A 86 -8.11 -7.54 5.14
N LYS A 87 -7.21 -6.60 4.90
CA LYS A 87 -6.60 -6.41 3.58
C LYS A 87 -5.76 -7.55 2.97
N PRO A 88 -5.20 -8.53 3.69
CA PRO A 88 -4.69 -9.71 2.97
C PRO A 88 -5.68 -10.83 2.75
N CYS A 89 -6.97 -10.64 3.03
CA CYS A 89 -7.96 -11.68 2.84
C CYS A 89 -8.75 -11.38 1.55
N VAL A 90 -9.79 -12.16 1.30
CA VAL A 90 -10.51 -12.13 0.02
C VAL A 90 -11.38 -10.89 -0.06
N LYS A 91 -11.28 -10.15 -1.16
CA LYS A 91 -12.14 -9.01 -1.45
C LYS A 91 -13.09 -9.39 -2.57
N LEU A 92 -14.39 -9.29 -2.32
CA LEU A 92 -15.40 -9.78 -3.26
C LEU A 92 -15.94 -8.61 -4.09
N THR A 93 -15.13 -8.21 -5.08
CA THR A 93 -15.65 -7.42 -6.19
C THR A 93 -16.76 -8.14 -6.96
N PRO A 94 -16.73 -9.48 -7.21
CA PRO A 94 -17.97 -10.15 -7.64
C PRO A 94 -19.00 -10.30 -6.53
N LEU A 95 -20.05 -11.08 -6.81
CA LEU A 95 -21.26 -11.25 -6.00
C LEU A 95 -22.06 -9.96 -5.88
N CYS A 96 -21.87 -9.05 -6.83
CA CYS A 96 -22.83 -8.00 -7.11
C CYS A 96 -23.85 -8.44 -8.15
N VAL A 97 -23.91 -9.75 -8.43
CA VAL A 97 -24.80 -10.31 -9.43
C VAL A 97 -26.25 -10.17 -8.96
N THR A 98 -27.16 -10.00 -9.92
CA THR A 98 -28.58 -10.16 -9.64
C THR A 98 -28.85 -11.58 -9.17
N LEU A 99 -29.39 -11.71 -7.96
CA LEU A 99 -29.61 -13.00 -7.34
C LEU A 99 -31.06 -13.43 -7.60
N ILE A 100 -31.24 -14.65 -8.09
CA ILE A 100 -32.57 -15.21 -8.30
C ILE A 100 -32.92 -16.03 -7.06
N CYS A 101 -33.80 -15.50 -6.22
CA CYS A 101 -34.17 -16.12 -4.96
C CYS A 101 -35.66 -16.40 -4.99
N SER A 102 -36.04 -17.63 -4.63
CA SER A 102 -37.44 -18.02 -4.64
C SER A 102 -37.97 -18.31 -3.24
N ASP A 103 -37.40 -19.29 -2.56
CA ASP A 103 -37.80 -19.71 -1.21
C ASP A 103 -36.69 -20.61 -0.69
N ALA A 104 -36.96 -21.28 0.43
CA ALA A 104 -36.00 -22.20 1.02
C ALA A 104 -36.13 -23.58 0.36
N GLY A 105 -35.49 -24.59 0.96
CA GLY A 105 -35.50 -25.92 0.41
C GLY A 105 -36.65 -26.77 0.91
N SER A 106 -36.34 -27.83 1.67
CA SER A 106 -37.38 -28.72 2.17
C SER A 106 -38.19 -28.04 3.26
N GLY A 107 -39.51 -28.08 3.13
CA GLY A 107 -40.37 -27.33 4.04
C GLY A 107 -40.22 -25.85 3.78
N GLY A 108 -39.93 -25.10 4.84
CA GLY A 108 -39.69 -23.67 4.71
C GLY A 108 -38.88 -23.11 5.86
N VAL A 109 -37.81 -22.39 5.53
CA VAL A 109 -36.94 -21.76 6.53
C VAL A 109 -37.35 -20.31 6.67
N GLU A 110 -37.56 -19.88 7.92
CA GLU A 110 -38.10 -18.55 8.20
C GLU A 110 -37.11 -17.43 7.96
N GLU A 111 -35.81 -17.71 7.82
CA GLU A 111 -34.82 -16.66 7.71
C GLU A 111 -33.94 -16.75 6.47
N MET A 112 -33.88 -17.89 5.78
CA MET A 112 -32.91 -18.09 4.72
C MET A 112 -33.61 -18.17 3.37
N LYS A 113 -33.13 -17.37 2.41
CA LYS A 113 -33.49 -17.50 1.01
C LYS A 113 -32.41 -18.30 0.29
N ASN A 114 -32.78 -18.88 -0.85
CA ASN A 114 -31.82 -19.71 -1.57
C ASN A 114 -30.83 -18.87 -2.37
N CYS A 115 -31.33 -18.02 -3.29
CA CYS A 115 -30.54 -17.04 -4.04
C CYS A 115 -29.45 -17.70 -4.89
N SER A 116 -29.91 -18.45 -5.88
CA SER A 116 -29.01 -19.03 -6.88
C SER A 116 -28.53 -17.95 -7.84
N PHE A 117 -27.23 -17.95 -8.13
CA PHE A 117 -26.61 -16.94 -8.98
C PHE A 117 -25.61 -17.59 -9.91
N ASN A 118 -25.35 -16.94 -11.03
CA ASN A 118 -24.26 -17.40 -11.89
C ASN A 118 -22.96 -16.70 -11.50
N THR A 119 -21.84 -17.35 -11.78
CA THR A 119 -20.55 -16.83 -11.36
C THR A 119 -19.49 -17.20 -12.38
N THR A 120 -18.38 -16.48 -12.31
CA THR A 120 -17.29 -16.66 -13.26
C THR A 120 -16.40 -17.81 -12.81
N THR A 121 -16.13 -18.74 -13.73
CA THR A 121 -15.22 -19.85 -13.46
C THR A 121 -13.77 -19.38 -13.64
N GLU A 122 -12.83 -20.32 -13.67
CA GLU A 122 -11.42 -19.98 -13.81
C GLU A 122 -11.07 -19.45 -15.20
N ILE A 123 -11.96 -19.58 -16.18
CA ILE A 123 -11.80 -18.94 -17.48
C ILE A 123 -12.86 -17.85 -17.59
N ARG A 124 -12.56 -16.81 -18.37
CA ARG A 124 -13.42 -15.63 -18.41
C ARG A 124 -14.65 -15.85 -19.27
N ASP A 125 -14.55 -16.65 -20.33
CA ASP A 125 -15.55 -16.67 -21.40
C ASP A 125 -16.88 -17.24 -20.95
N LYS A 126 -16.88 -18.40 -20.30
CA LYS A 126 -18.12 -19.06 -19.94
C LYS A 126 -18.41 -18.92 -18.45
N GLU A 127 -19.70 -19.00 -18.12
CA GLU A 127 -20.21 -18.79 -16.78
C GLU A 127 -20.76 -20.11 -16.25
N LYS A 128 -20.75 -20.28 -14.93
CA LYS A 128 -21.33 -21.45 -14.30
C LYS A 128 -22.34 -21.03 -13.23
N LYS A 129 -23.33 -21.89 -13.01
CA LYS A 129 -24.40 -21.62 -12.07
C LYS A 129 -24.07 -22.20 -10.71
N GLU A 130 -24.12 -21.37 -9.67
CA GLU A 130 -23.88 -21.79 -8.30
C GLU A 130 -25.07 -21.41 -7.44
N TYR A 131 -24.99 -21.75 -6.16
CA TYR A 131 -26.04 -21.41 -5.20
C TYR A 131 -25.43 -21.35 -3.82
N ALA A 132 -26.18 -20.74 -2.91
CA ALA A 132 -25.79 -20.60 -1.51
C ALA A 132 -27.09 -20.61 -0.71
N LEU A 133 -27.03 -20.16 0.54
CA LEU A 133 -28.21 -19.72 1.27
C LEU A 133 -27.84 -18.47 2.07
N PHE A 134 -28.47 -17.34 1.74
CA PHE A 134 -28.20 -16.08 2.40
C PHE A 134 -29.27 -15.77 3.43
N TYR A 135 -28.90 -14.97 4.42
CA TYR A 135 -29.84 -14.53 5.43
C TYR A 135 -30.78 -13.46 4.88
N LYS A 136 -31.94 -13.32 5.53
CA LYS A 136 -32.89 -12.29 5.14
C LYS A 136 -32.41 -10.84 5.30
N PRO A 137 -31.72 -10.41 6.36
CA PRO A 137 -31.26 -9.01 6.41
C PRO A 137 -30.04 -8.70 5.55
N ASP A 138 -29.63 -9.57 4.64
CA ASP A 138 -28.53 -9.29 3.73
C ASP A 138 -28.98 -9.15 2.28
N ILE A 139 -30.27 -9.32 2.01
CA ILE A 139 -30.80 -9.47 0.66
C ILE A 139 -31.84 -8.38 0.41
N VAL A 140 -31.66 -7.61 -0.65
CA VAL A 140 -32.51 -6.46 -0.96
C VAL A 140 -33.15 -6.61 -2.33
N PRO A 141 -34.48 -6.46 -2.44
CA PRO A 141 -35.15 -6.56 -3.74
C PRO A 141 -34.99 -5.36 -4.65
N LEU A 142 -33.96 -5.33 -5.51
CA LEU A 142 -33.94 -4.34 -6.59
C LEU A 142 -35.16 -4.55 -7.47
N SER A 143 -35.95 -3.48 -7.65
CA SER A 143 -37.23 -3.59 -8.34
C SER A 143 -37.75 -2.24 -8.78
N GLU A 144 -37.98 -2.07 -10.09
CA GLU A 144 -38.77 -0.98 -10.61
C GLU A 144 -40.18 -1.43 -10.99
N THR A 145 -40.51 -2.68 -10.71
CA THR A 145 -41.81 -3.26 -11.01
C THR A 145 -42.20 -4.17 -9.86
N ASN A 146 -43.19 -5.03 -10.06
CA ASN A 146 -43.59 -6.01 -9.05
C ASN A 146 -42.96 -7.35 -9.42
N ASN A 147 -41.66 -7.47 -9.15
CA ASN A 147 -40.93 -8.71 -9.35
C ASN A 147 -40.44 -9.21 -8.00
N THR A 148 -40.82 -10.45 -7.65
CA THR A 148 -40.53 -11.00 -6.34
C THR A 148 -39.40 -12.02 -6.35
N SER A 149 -38.60 -12.07 -7.42
CA SER A 149 -37.49 -13.01 -7.50
C SER A 149 -36.21 -12.36 -8.03
N GLU A 150 -36.18 -11.03 -8.13
CA GLU A 150 -35.02 -10.30 -8.63
C GLU A 150 -34.39 -9.59 -7.44
N TYR A 151 -33.52 -10.30 -6.72
CA TYR A 151 -32.93 -9.83 -5.49
C TYR A 151 -31.46 -9.51 -5.69
N ARG A 152 -30.88 -8.81 -4.72
CA ARG A 152 -29.46 -8.50 -4.74
C ARG A 152 -28.96 -8.37 -3.32
N LEU A 153 -27.65 -8.30 -3.19
CA LEU A 153 -26.99 -8.17 -1.90
C LEU A 153 -27.04 -6.72 -1.44
N ILE A 154 -27.09 -6.52 -0.11
CA ILE A 154 -27.12 -5.18 0.47
C ILE A 154 -25.78 -4.47 0.37
N ASN A 155 -24.72 -5.20 0.00
CA ASN A 155 -23.42 -4.61 -0.24
C ASN A 155 -23.41 -3.60 -1.37
N CYS A 156 -23.92 -4.00 -2.54
CA CYS A 156 -23.57 -3.31 -3.78
C CYS A 156 -24.39 -2.06 -4.00
N ASN A 157 -24.43 -1.18 -3.00
CA ASN A 157 -25.09 0.11 -3.11
C ASN A 157 -24.19 1.19 -2.53
N THR A 158 -23.41 0.84 -1.51
CA THR A 158 -22.56 1.78 -0.79
C THR A 158 -21.08 1.42 -0.88
N SER A 159 -20.69 0.21 -0.50
CA SER A 159 -19.29 -0.15 -0.37
C SER A 159 -19.07 -1.54 -0.96
N ALA A 160 -17.89 -2.08 -0.73
CA ALA A 160 -17.51 -3.42 -1.18
C ALA A 160 -16.93 -4.19 -0.01
N CYS A 161 -17.39 -5.43 0.17
CA CYS A 161 -16.90 -6.26 1.26
C CYS A 161 -15.47 -6.69 1.02
N THR A 162 -14.74 -6.87 2.12
CA THR A 162 -13.57 -7.72 2.15
C THR A 162 -13.94 -8.86 3.10
N GLN A 163 -14.03 -10.07 2.56
CA GLN A 163 -14.41 -11.22 3.36
C GLN A 163 -13.31 -11.56 4.34
N ALA A 164 -13.68 -11.72 5.61
CA ALA A 164 -12.70 -12.05 6.63
C ALA A 164 -12.21 -13.48 6.43
N CYS A 165 -10.91 -13.63 6.25
CA CYS A 165 -10.35 -14.90 5.83
C CYS A 165 -10.36 -15.90 6.99
N PRO A 166 -10.97 -17.14 6.80
CA PRO A 166 -11.29 -18.04 7.93
C PRO A 166 -10.11 -18.69 8.63
N LYS A 167 -9.13 -17.89 9.06
CA LYS A 167 -8.09 -18.36 9.93
C LYS A 167 -7.87 -17.46 11.13
N VAL A 168 -8.38 -16.24 11.11
CA VAL A 168 -8.31 -15.34 12.25
C VAL A 168 -9.55 -15.55 13.11
N THR A 169 -9.39 -15.31 14.41
CA THR A 169 -10.47 -15.44 15.37
C THR A 169 -10.75 -14.08 16.01
N PHE A 170 -12.01 -13.87 16.37
CA PHE A 170 -12.42 -12.63 17.03
C PHE A 170 -12.50 -12.78 18.54
N GLU A 171 -11.65 -13.63 19.11
CA GLU A 171 -11.67 -13.85 20.55
C GLU A 171 -11.04 -12.66 21.26
N PRO A 172 -11.71 -12.07 22.26
CA PRO A 172 -11.15 -10.91 22.95
C PRO A 172 -10.02 -11.25 23.91
N ILE A 173 -8.81 -11.37 23.39
CA ILE A 173 -7.63 -11.60 24.23
C ILE A 173 -7.33 -10.33 25.02
N PRO A 174 -7.16 -10.41 26.35
CA PRO A 174 -6.93 -9.19 27.13
C PRO A 174 -5.55 -8.59 26.89
N ILE A 175 -5.52 -7.26 26.83
CA ILE A 175 -4.29 -6.51 26.58
C ILE A 175 -4.08 -5.50 27.68
N HIS A 176 -2.82 -5.17 27.94
CA HIS A 176 -2.45 -4.16 28.92
C HIS A 176 -1.82 -2.99 28.20
N TYR A 177 -2.25 -1.77 28.54
CA TYR A 177 -1.70 -0.56 27.97
C TYR A 177 -0.61 -0.02 28.90
N CYS A 178 0.62 0.03 28.41
CA CYS A 178 1.76 0.41 29.22
C CYS A 178 2.33 1.76 28.78
N ALA A 179 2.64 2.60 29.76
CA ALA A 179 3.26 3.88 29.48
C ALA A 179 4.72 3.68 29.07
N PRO A 180 5.28 4.59 28.27
CA PRO A 180 6.70 4.49 27.91
C PRO A 180 7.60 4.83 29.09
N ALA A 181 8.88 4.55 28.91
CA ALA A 181 9.87 4.76 29.96
C ALA A 181 10.10 6.25 30.15
N GLY A 182 9.58 6.79 31.25
CA GLY A 182 9.64 8.21 31.51
C GLY A 182 8.28 8.78 31.87
N TYR A 183 7.25 7.94 31.77
CA TYR A 183 5.89 8.32 32.10
C TYR A 183 5.33 7.34 33.12
N ALA A 184 4.27 7.77 33.80
CA ALA A 184 3.60 6.92 34.77
C ALA A 184 2.09 7.04 34.57
N ILE A 185 1.37 6.02 35.02
CA ILE A 185 -0.08 5.98 34.92
C ILE A 185 -0.65 6.06 36.33
N LEU A 186 -1.47 7.08 36.59
CA LEU A 186 -2.08 7.27 37.89
C LEU A 186 -3.40 6.52 37.95
N LYS A 187 -3.58 5.73 39.01
CA LYS A 187 -4.74 4.87 39.16
C LYS A 187 -5.41 5.19 40.49
N CYS A 188 -6.72 5.41 40.46
CA CYS A 188 -7.49 5.74 41.66
C CYS A 188 -8.11 4.46 42.22
N ASN A 189 -7.94 4.26 43.54
CA ASN A 189 -8.42 3.06 44.20
C ASN A 189 -9.63 3.32 45.10
N ASP A 190 -10.31 4.44 44.90
CA ASP A 190 -11.50 4.74 45.68
C ASP A 190 -12.68 3.92 45.15
N GLU A 191 -13.35 3.19 46.04
CA GLU A 191 -14.39 2.27 45.61
C GLU A 191 -15.67 3.00 45.23
N THR A 192 -15.93 4.18 45.81
CA THR A 192 -17.12 4.96 45.51
C THR A 192 -16.85 6.08 44.52
N PHE A 193 -15.94 5.86 43.57
CA PHE A 193 -15.58 6.87 42.59
C PHE A 193 -16.63 6.90 41.49
N ASN A 194 -17.24 8.05 41.26
CA ASN A 194 -18.31 8.20 40.28
C ASN A 194 -17.80 8.63 38.91
N GLY A 195 -16.48 8.75 38.73
CA GLY A 195 -15.93 9.07 37.43
C GLY A 195 -15.23 10.41 37.35
N THR A 196 -15.83 11.42 37.96
CA THR A 196 -15.29 12.78 37.94
C THR A 196 -15.18 13.30 39.37
N GLY A 197 -14.02 13.85 39.70
CA GLY A 197 -13.80 14.39 41.02
C GLY A 197 -12.47 13.95 41.61
N PRO A 198 -12.13 14.48 42.78
CA PRO A 198 -10.85 14.12 43.40
C PRO A 198 -10.87 12.71 43.95
N CYS A 199 -9.69 12.09 43.96
CA CYS A 199 -9.47 10.77 44.55
C CYS A 199 -8.61 10.92 45.79
N SER A 200 -8.55 9.86 46.60
CA SER A 200 -7.81 9.89 47.85
C SER A 200 -6.92 8.68 48.07
N ASN A 201 -7.04 7.63 47.27
CA ASN A 201 -6.19 6.46 47.41
C ASN A 201 -5.42 6.22 46.11
N VAL A 202 -4.82 7.29 45.58
CA VAL A 202 -4.18 7.24 44.27
C VAL A 202 -2.94 6.37 44.33
N SER A 203 -2.85 5.41 43.42
CA SER A 203 -1.71 4.51 43.31
C SER A 203 -1.09 4.64 41.92
N THR A 204 0.22 4.45 41.85
CA THR A 204 0.97 4.60 40.62
C THR A 204 1.36 3.22 40.11
N VAL A 205 0.93 2.89 38.90
CA VAL A 205 1.23 1.61 38.28
C VAL A 205 1.73 1.87 36.86
N GLN A 206 2.65 1.01 36.40
CA GLN A 206 3.21 1.18 35.06
C GLN A 206 2.20 0.80 33.98
N CYS A 207 1.46 -0.28 34.17
CA CYS A 207 0.56 -0.81 33.16
C CYS A 207 -0.83 -1.03 33.75
N THR A 208 -1.83 -1.04 32.86
CA THR A 208 -3.21 -1.22 33.25
C THR A 208 -3.50 -2.69 33.56
N HIS A 209 -4.75 -2.98 33.91
CA HIS A 209 -5.18 -4.33 34.18
C HIS A 209 -5.56 -5.02 32.88
N GLY A 210 -6.16 -6.20 32.97
CA GLY A 210 -6.55 -6.93 31.78
C GLY A 210 -7.82 -6.38 31.16
N ILE A 211 -7.68 -5.71 30.02
CA ILE A 211 -8.81 -5.09 29.33
C ILE A 211 -9.18 -5.97 28.15
N ARG A 212 -10.40 -6.51 28.17
CA ARG A 212 -10.88 -7.32 27.07
C ARG A 212 -11.66 -6.45 26.10
N PRO A 213 -11.21 -6.31 24.85
CA PRO A 213 -11.94 -5.48 23.88
C PRO A 213 -13.18 -6.17 23.32
N VAL A 214 -14.22 -6.27 24.14
CA VAL A 214 -15.45 -6.94 23.78
C VAL A 214 -16.39 -5.90 23.16
N VAL A 215 -16.71 -6.07 21.89
CA VAL A 215 -17.59 -5.15 21.19
C VAL A 215 -19.04 -5.56 21.45
N SER A 216 -19.82 -4.64 22.01
CA SER A 216 -21.21 -4.91 22.34
C SER A 216 -22.02 -3.63 22.17
N THR A 217 -23.33 -3.74 22.38
CA THR A 217 -24.26 -2.64 22.22
C THR A 217 -25.31 -2.77 23.31
N GLN A 218 -25.73 -1.64 23.89
CA GLN A 218 -26.67 -1.54 25.01
C GLN A 218 -26.21 -2.36 26.20
N LEU A 219 -26.70 -3.57 26.27
CA LEU A 219 -26.34 -4.50 27.33
C LEU A 219 -24.86 -4.85 27.23
N LEU A 220 -24.14 -4.74 28.35
CA LEU A 220 -22.71 -4.95 28.35
C LEU A 220 -22.38 -6.44 28.50
N LEU A 221 -21.09 -6.75 28.48
CA LEU A 221 -20.59 -8.12 28.39
C LEU A 221 -19.40 -8.23 29.32
N ASN A 222 -18.56 -9.26 29.08
CA ASN A 222 -17.34 -9.59 29.81
C ASN A 222 -16.52 -8.37 30.19
N GLY A 223 -16.27 -8.21 31.48
CA GLY A 223 -15.54 -7.03 31.93
C GLY A 223 -15.32 -7.09 33.43
N SER A 224 -14.60 -6.08 33.92
CA SER A 224 -14.29 -6.00 35.33
C SER A 224 -15.53 -5.62 36.13
N LEU A 225 -15.64 -6.17 37.34
CA LEU A 225 -16.79 -5.96 38.19
C LEU A 225 -16.55 -4.79 39.14
N ALA A 226 -17.62 -4.34 39.78
CA ALA A 226 -17.51 -3.31 40.79
C ALA A 226 -16.98 -3.91 42.09
N GLU A 227 -16.60 -3.04 43.02
CA GLU A 227 -15.91 -3.47 44.23
C GLU A 227 -16.87 -3.71 45.41
N LYS A 228 -17.71 -2.73 45.75
CA LYS A 228 -18.59 -2.87 46.90
C LYS A 228 -20.06 -2.58 46.62
N GLU A 229 -20.39 -1.81 45.60
CA GLU A 229 -21.78 -1.47 45.31
C GLU A 229 -21.90 -1.08 43.85
N ILE A 230 -23.15 -1.03 43.38
CA ILE A 230 -23.44 -0.53 42.04
C ILE A 230 -23.10 0.95 42.01
N VAL A 231 -22.33 1.36 41.01
CA VAL A 231 -21.89 2.75 40.87
C VAL A 231 -22.44 3.30 39.56
N ILE A 232 -23.20 4.36 39.65
CA ILE A 232 -23.76 5.01 38.46
C ILE A 232 -22.77 6.07 37.99
N ARG A 233 -22.62 6.19 36.68
CA ARG A 233 -21.61 7.08 36.10
C ARG A 233 -22.20 7.83 34.92
N SER A 234 -22.09 9.16 34.95
CA SER A 234 -22.58 10.00 33.86
C SER A 234 -21.77 11.30 33.87
N GLU A 235 -22.18 12.23 33.01
CA GLU A 235 -21.50 13.52 32.90
C GLU A 235 -22.26 14.62 33.63
N ASN A 236 -23.53 14.82 33.30
CA ASN A 236 -24.33 15.88 33.92
C ASN A 236 -25.44 15.36 34.81
N LEU A 237 -26.05 14.22 34.46
CA LEU A 237 -27.23 13.59 35.09
C LEU A 237 -28.50 14.45 35.02
N THR A 238 -28.45 15.58 34.31
CA THR A 238 -29.64 16.37 33.99
C THR A 238 -29.85 16.53 32.50
N ASN A 239 -28.79 16.41 31.69
CA ASN A 239 -28.92 16.44 30.25
C ASN A 239 -29.55 15.14 29.75
N ASN A 240 -30.04 15.18 28.51
CA ASN A 240 -30.73 14.04 27.91
C ASN A 240 -29.93 13.42 26.77
N ALA A 241 -28.68 13.84 26.59
CA ALA A 241 -27.83 13.31 25.53
C ALA A 241 -26.55 12.69 26.07
N LYS A 242 -26.52 12.40 27.37
CA LYS A 242 -25.36 11.78 28.00
C LYS A 242 -25.71 10.35 28.39
N ILE A 243 -24.94 9.38 27.89
CA ILE A 243 -25.25 7.98 28.09
C ILE A 243 -24.82 7.57 29.50
N ILE A 244 -25.79 7.17 30.31
CA ILE A 244 -25.53 6.75 31.67
C ILE A 244 -24.97 5.34 31.67
N ILE A 245 -23.82 5.15 32.32
CA ILE A 245 -23.16 3.86 32.41
C ILE A 245 -23.38 3.32 33.81
N VAL A 246 -24.03 2.16 33.90
CA VAL A 246 -24.28 1.49 35.17
C VAL A 246 -23.29 0.35 35.31
N HIS A 247 -22.63 0.27 36.47
CA HIS A 247 -21.59 -0.72 36.71
C HIS A 247 -22.09 -1.68 37.79
N LEU A 248 -22.48 -2.88 37.38
CA LEU A 248 -23.01 -3.88 38.30
C LEU A 248 -21.93 -4.43 39.23
N HIS A 249 -22.38 -4.95 40.35
CA HIS A 249 -21.53 -5.61 41.35
C HIS A 249 -21.68 -7.12 41.36
N THR A 250 -22.91 -7.63 41.27
CA THR A 250 -23.15 -9.05 41.19
C THR A 250 -23.50 -9.42 39.76
N PRO A 251 -22.73 -10.30 39.11
CA PRO A 251 -22.98 -10.59 37.70
C PRO A 251 -24.15 -11.54 37.49
N VAL A 252 -24.67 -11.52 36.26
CA VAL A 252 -25.77 -12.36 35.85
C VAL A 252 -25.21 -13.34 34.81
N GLU A 253 -25.84 -14.49 34.66
CA GLU A 253 -25.44 -15.47 33.66
C GLU A 253 -26.33 -15.36 32.44
N ILE A 254 -25.73 -15.18 31.27
CA ILE A 254 -26.44 -15.13 30.00
C ILE A 254 -25.83 -16.18 29.07
N VAL A 255 -26.69 -17.01 28.48
CA VAL A 255 -26.25 -18.07 27.56
C VAL A 255 -27.01 -17.92 26.25
N CYS A 256 -26.31 -18.08 25.14
CA CYS A 256 -26.87 -17.91 23.80
C CYS A 256 -26.53 -19.11 22.94
N THR A 257 -27.41 -19.43 21.99
CA THR A 257 -27.23 -20.63 21.20
C THR A 257 -27.89 -20.46 19.83
N ARG A 258 -27.56 -21.40 18.93
CA ARG A 258 -28.11 -21.47 17.58
C ARG A 258 -27.98 -22.89 17.04
N PRO A 259 -29.06 -23.49 16.51
CA PRO A 259 -28.96 -24.82 15.90
C PRO A 259 -28.24 -24.90 14.55
N ASN A 260 -28.28 -26.08 13.92
CA ASN A 260 -27.29 -26.53 12.96
C ASN A 260 -27.36 -25.78 11.62
N ASN A 261 -26.18 -25.60 11.01
CA ASN A 261 -26.01 -25.34 9.59
C ASN A 261 -25.11 -26.42 9.01
N ASN A 262 -24.91 -26.38 7.68
CA ASN A 262 -24.21 -27.49 7.04
C ASN A 262 -22.70 -27.35 7.14
N THR A 263 -22.15 -26.37 6.44
CA THR A 263 -20.70 -26.30 6.23
C THR A 263 -20.36 -24.98 5.56
N ARG A 264 -19.07 -24.75 5.42
CA ARG A 264 -18.54 -23.68 4.57
C ARG A 264 -18.43 -24.25 3.18
N LYS A 265 -19.48 -24.06 2.38
CA LYS A 265 -19.47 -24.54 1.00
C LYS A 265 -18.56 -23.65 0.16
N SER A 266 -17.46 -24.22 -0.33
CA SER A 266 -16.44 -23.46 -1.03
C SER A 266 -16.89 -23.17 -2.45
N VAL A 267 -17.10 -21.88 -2.76
CA VAL A 267 -17.43 -21.43 -4.10
C VAL A 267 -16.28 -20.57 -4.60
N ARG A 268 -15.81 -20.86 -5.81
CA ARG A 268 -14.59 -20.25 -6.34
C ARG A 268 -14.95 -19.11 -7.29
N ILE A 269 -14.35 -17.95 -7.08
CA ILE A 269 -14.49 -16.79 -7.94
C ILE A 269 -13.12 -16.30 -8.36
N GLY A 270 -12.93 -16.07 -9.65
CA GLY A 270 -11.68 -15.56 -10.17
C GLY A 270 -10.55 -16.57 -10.08
N PRO A 271 -9.31 -16.10 -10.26
CA PRO A 271 -8.14 -16.98 -10.15
C PRO A 271 -7.55 -17.09 -8.74
N GLY A 272 -8.20 -17.89 -7.90
CA GLY A 272 -7.69 -18.21 -6.58
C GLY A 272 -8.56 -17.80 -5.41
N GLN A 273 -9.49 -16.87 -5.58
CA GLN A 273 -10.31 -16.42 -4.46
C GLN A 273 -11.43 -17.43 -4.23
N THR A 274 -11.54 -17.91 -2.99
CA THR A 274 -12.54 -18.90 -2.61
C THR A 274 -13.30 -18.34 -1.41
N PHE A 275 -14.57 -18.01 -1.59
CA PHE A 275 -15.37 -17.52 -0.48
C PHE A 275 -16.24 -18.66 0.02
N TYR A 276 -16.64 -18.58 1.28
CA TYR A 276 -17.35 -19.65 1.94
C TYR A 276 -18.76 -19.19 2.27
N ALA A 277 -19.75 -19.96 1.84
CA ALA A 277 -21.14 -19.60 2.00
C ALA A 277 -21.91 -20.77 2.58
N THR A 278 -23.10 -20.47 3.10
CA THR A 278 -23.89 -21.46 3.82
C THR A 278 -24.49 -22.47 2.84
N GLY A 279 -24.37 -23.75 3.19
CA GLY A 279 -25.10 -24.80 2.50
C GLY A 279 -26.47 -24.97 3.09
N ASP A 280 -26.99 -26.19 3.06
CA ASP A 280 -28.34 -26.45 3.52
C ASP A 280 -28.39 -26.50 5.06
N ILE A 281 -29.50 -26.96 5.61
CA ILE A 281 -29.66 -27.10 7.05
C ILE A 281 -30.09 -28.54 7.34
N ILE A 282 -29.23 -29.30 8.01
CA ILE A 282 -29.53 -30.68 8.33
C ILE A 282 -30.45 -30.71 9.54
N GLY A 283 -31.61 -31.32 9.38
CA GLY A 283 -32.57 -31.43 10.47
C GLY A 283 -33.67 -30.40 10.38
N ASP A 284 -34.24 -30.04 11.52
CA ASP A 284 -35.30 -29.06 11.60
C ASP A 284 -34.72 -27.69 11.93
N ILE A 285 -35.40 -26.65 11.49
CA ILE A 285 -35.00 -25.29 11.80
C ILE A 285 -35.58 -24.87 13.14
N LYS A 286 -34.79 -24.14 13.93
CA LYS A 286 -35.23 -23.67 15.23
C LYS A 286 -34.70 -22.25 15.43
N GLN A 287 -35.30 -21.56 16.40
CA GLN A 287 -34.95 -20.17 16.67
C GLN A 287 -33.59 -20.06 17.34
N ALA A 288 -32.88 -18.98 17.04
CA ALA A 288 -31.63 -18.64 17.71
C ALA A 288 -31.95 -17.64 18.82
N HIS A 289 -31.66 -18.03 20.07
CA HIS A 289 -32.15 -17.28 21.22
C HIS A 289 -31.05 -17.09 22.24
N CYS A 290 -31.36 -16.29 23.27
CA CYS A 290 -30.51 -16.11 24.43
C CYS A 290 -31.35 -16.23 25.70
N ASN A 291 -30.74 -16.75 26.76
CA ASN A 291 -31.46 -17.08 27.99
C ASN A 291 -30.82 -16.36 29.16
N ILE A 292 -31.63 -15.58 29.89
CA ILE A 292 -31.21 -14.87 31.08
C ILE A 292 -32.18 -15.26 32.20
N SER A 293 -31.63 -15.57 33.38
CA SER A 293 -32.46 -15.93 34.53
C SER A 293 -33.33 -14.76 34.97
N GLU A 294 -34.53 -15.08 35.45
CA GLU A 294 -35.53 -14.06 35.70
C GLU A 294 -35.40 -13.41 37.07
N GLU A 295 -35.14 -14.20 38.12
CA GLU A 295 -35.05 -13.63 39.47
C GLU A 295 -33.78 -12.81 39.64
N LYS A 296 -32.67 -13.27 39.05
CA LYS A 296 -31.42 -12.51 39.10
C LYS A 296 -31.56 -11.19 38.34
N TRP A 297 -32.22 -11.21 37.19
CA TRP A 297 -32.44 -9.96 36.47
C TRP A 297 -33.40 -9.05 37.20
N ASN A 298 -34.39 -9.62 37.88
CA ASN A 298 -35.38 -8.82 38.61
C ASN A 298 -34.75 -8.11 39.80
N ASP A 299 -33.99 -8.83 40.63
CA ASP A 299 -33.40 -8.10 41.75
C ASP A 299 -32.15 -7.32 41.34
N THR A 300 -31.56 -7.58 40.17
CA THR A 300 -30.57 -6.67 39.61
C THR A 300 -31.18 -5.34 39.24
N LEU A 301 -32.34 -5.34 38.57
CA LEU A 301 -33.03 -4.10 38.30
C LEU A 301 -33.56 -3.43 39.58
N GLN A 302 -33.91 -4.23 40.59
CA GLN A 302 -34.30 -3.67 41.88
C GLN A 302 -33.13 -2.95 42.55
N LYS A 303 -31.93 -3.55 42.51
CA LYS A 303 -30.76 -2.90 43.11
C LYS A 303 -30.34 -1.67 42.32
N VAL A 304 -30.46 -1.72 40.99
CA VAL A 304 -30.16 -0.55 40.16
C VAL A 304 -31.14 0.59 40.46
N GLY A 305 -32.42 0.26 40.65
CA GLY A 305 -33.38 1.27 41.04
C GLY A 305 -33.14 1.82 42.43
N ILE A 306 -32.71 0.95 43.36
CA ILE A 306 -32.37 1.38 44.72
C ILE A 306 -31.22 2.38 44.70
N GLU A 307 -30.19 2.10 43.90
CA GLU A 307 -29.05 3.00 43.84
C GLU A 307 -29.41 4.28 43.09
N LEU A 308 -30.21 4.18 42.03
CA LEU A 308 -30.50 5.36 41.22
C LEU A 308 -31.54 6.26 41.88
N GLN A 309 -32.31 5.74 42.85
CA GLN A 309 -33.22 6.57 43.64
C GLN A 309 -32.50 7.56 44.55
N LYS A 310 -31.19 7.40 44.77
CA LYS A 310 -30.45 8.40 45.52
C LYS A 310 -30.29 9.69 44.72
N HIS A 311 -30.21 9.61 43.40
CA HIS A 311 -30.05 10.77 42.54
C HIS A 311 -31.37 11.38 42.10
N PHE A 312 -32.49 10.73 42.40
CA PHE A 312 -33.81 11.28 42.10
C PHE A 312 -34.70 11.04 43.32
N PRO A 313 -35.05 12.10 44.07
CA PRO A 313 -35.56 11.91 45.45
C PRO A 313 -36.92 11.24 45.58
N ASN A 314 -37.95 11.75 44.90
CA ASN A 314 -39.32 11.30 45.10
C ASN A 314 -39.98 10.98 43.76
N LYS A 315 -39.27 10.25 42.91
CA LYS A 315 -39.77 9.84 41.61
C LYS A 315 -39.68 8.32 41.48
N THR A 316 -40.71 7.72 40.89
CA THR A 316 -40.65 6.29 40.60
C THR A 316 -39.85 6.05 39.33
N ILE A 317 -39.30 4.84 39.21
CA ILE A 317 -38.35 4.50 38.16
C ILE A 317 -38.97 3.45 37.26
N LYS A 318 -38.94 3.72 35.95
CA LYS A 318 -39.57 2.86 34.95
C LYS A 318 -38.58 2.57 33.83
N TYR A 319 -38.67 1.39 33.26
CA TYR A 319 -37.87 1.00 32.11
C TYR A 319 -38.76 0.78 30.90
N ASN A 320 -38.18 0.92 29.72
CA ASN A 320 -38.94 0.78 28.48
C ASN A 320 -37.99 0.27 27.38
N GLN A 321 -38.54 0.09 26.18
CA GLN A 321 -37.75 -0.38 25.05
C GLN A 321 -36.99 0.78 24.41
N SER A 322 -36.08 0.44 23.51
CA SER A 322 -35.39 1.46 22.74
C SER A 322 -36.35 2.07 21.70
N ALA A 323 -36.12 3.34 21.39
CA ALA A 323 -37.06 4.12 20.59
C ALA A 323 -36.61 4.12 19.13
N GLY A 324 -37.12 3.14 18.37
CA GLY A 324 -37.02 3.14 16.93
C GLY A 324 -35.62 2.87 16.41
N GLY A 325 -35.49 3.02 15.09
CA GLY A 325 -34.23 2.83 14.41
C GLY A 325 -34.09 1.44 13.81
N ASP A 326 -33.00 1.26 13.08
CA ASP A 326 -32.70 0.00 12.43
C ASP A 326 -32.16 -1.00 13.47
N MET A 327 -32.08 -2.26 13.08
CA MET A 327 -31.67 -3.35 13.98
C MET A 327 -30.21 -3.28 14.38
N GLU A 328 -29.40 -2.42 13.77
CA GLU A 328 -28.06 -2.14 14.26
C GLU A 328 -28.05 -1.21 15.47
N ILE A 329 -29.17 -0.54 15.76
CA ILE A 329 -29.25 0.45 16.83
C ILE A 329 -30.13 -0.02 17.97
N THR A 330 -31.33 -0.51 17.66
CA THR A 330 -32.33 -0.82 18.67
C THR A 330 -32.25 -2.26 19.19
N THR A 331 -31.23 -3.02 18.81
CA THR A 331 -31.05 -4.39 19.26
C THR A 331 -29.72 -4.52 19.98
N HIS A 332 -29.63 -5.49 20.88
CA HIS A 332 -28.39 -5.80 21.59
C HIS A 332 -27.52 -6.67 20.70
N SER A 333 -26.43 -6.11 20.18
CA SER A 333 -25.61 -6.77 19.18
C SER A 333 -24.27 -7.16 19.79
N PHE A 334 -23.82 -8.37 19.52
CA PHE A 334 -22.54 -8.84 20.02
C PHE A 334 -21.96 -9.84 19.03
N ASN A 335 -20.90 -10.52 19.47
CA ASN A 335 -20.15 -11.43 18.60
C ASN A 335 -19.42 -12.43 19.48
N CYS A 336 -19.78 -13.70 19.37
CA CYS A 336 -18.99 -14.75 20.02
C CYS A 336 -19.17 -16.05 19.25
N GLY A 337 -18.05 -16.73 19.00
CA GLY A 337 -17.99 -17.86 18.12
C GLY A 337 -17.61 -17.52 16.69
N GLY A 338 -18.00 -16.34 16.21
CA GLY A 338 -17.79 -15.94 14.83
C GLY A 338 -19.06 -15.57 14.10
N GLU A 339 -20.22 -15.70 14.73
CA GLU A 339 -21.50 -15.34 14.14
C GLU A 339 -22.07 -14.15 14.92
N PHE A 340 -22.51 -13.12 14.19
CA PHE A 340 -22.93 -11.86 14.79
C PHE A 340 -24.40 -11.95 15.15
N PHE A 341 -24.72 -11.85 16.44
CA PHE A 341 -26.09 -11.88 16.92
C PHE A 341 -26.66 -10.47 17.00
N TYR A 342 -28.00 -10.39 16.91
CA TYR A 342 -28.73 -9.13 17.05
C TYR A 342 -30.01 -9.46 17.81
N CYS A 343 -29.95 -9.33 19.14
CA CYS A 343 -31.00 -9.83 20.00
C CYS A 343 -31.97 -8.72 20.41
N ASN A 344 -33.24 -9.10 20.54
CA ASN A 344 -34.31 -8.18 20.93
C ASN A 344 -34.32 -8.05 22.45
N THR A 345 -34.46 -6.82 22.94
CA THR A 345 -34.44 -6.53 24.37
C THR A 345 -35.73 -5.86 24.82
N SER A 346 -36.87 -6.38 24.40
CA SER A 346 -38.16 -5.90 24.88
C SER A 346 -38.68 -6.70 26.06
N ASN A 347 -37.93 -7.70 26.53
CA ASN A 347 -38.33 -8.48 27.69
C ASN A 347 -37.47 -8.22 28.92
N LEU A 348 -36.33 -7.55 28.77
CA LEU A 348 -35.47 -7.26 29.90
C LEU A 348 -35.82 -5.95 30.59
N PHE A 349 -36.35 -4.98 29.84
CA PHE A 349 -36.52 -3.63 30.35
C PHE A 349 -38.01 -3.30 30.42
N ASN A 350 -38.79 -4.24 30.96
CA ASN A 350 -40.24 -4.13 31.06
C ASN A 350 -40.60 -4.28 32.54
N GLY A 351 -40.59 -3.18 33.27
CA GLY A 351 -40.90 -3.21 34.69
C GLY A 351 -40.71 -1.84 35.31
N THR A 352 -41.31 -1.68 36.48
CA THR A 352 -41.29 -0.43 37.22
C THR A 352 -40.60 -0.62 38.56
N TYR A 353 -40.35 0.49 39.25
CA TYR A 353 -39.86 0.49 40.61
C TYR A 353 -40.32 1.76 41.30
N ASN A 354 -40.89 1.62 42.50
CA ASN A 354 -41.49 2.76 43.20
C ASN A 354 -41.01 2.86 44.65
N GLY A 355 -39.80 2.39 44.93
CA GLY A 355 -39.21 2.49 46.25
C GLY A 355 -39.52 1.34 47.17
N THR A 356 -40.53 0.52 46.86
CA THR A 356 -40.87 -0.63 47.68
C THR A 356 -40.09 -1.84 47.17
N TYR A 357 -39.17 -2.34 47.99
CA TYR A 357 -38.32 -3.46 47.61
C TYR A 357 -39.08 -4.76 47.76
N ILE A 358 -39.23 -5.50 46.67
CA ILE A 358 -39.91 -6.79 46.67
C ILE A 358 -38.83 -7.87 46.58
N SER A 359 -38.69 -8.65 47.65
CA SER A 359 -37.66 -9.69 47.73
C SER A 359 -38.32 -11.03 47.51
N THR A 360 -38.46 -11.42 46.25
CA THR A 360 -39.01 -12.73 45.89
C THR A 360 -37.88 -13.74 45.76
N ASN A 361 -37.35 -14.12 46.92
CA ASN A 361 -36.25 -15.08 47.01
C ASN A 361 -36.73 -16.52 47.13
N SER A 362 -38.05 -16.75 47.04
CA SER A 362 -38.59 -18.10 47.14
C SER A 362 -38.35 -18.86 45.84
N SER A 363 -37.18 -19.50 45.73
CA SER A 363 -36.80 -20.26 44.55
C SER A 363 -37.06 -21.76 44.71
N ALA A 364 -38.10 -22.12 45.46
CA ALA A 364 -38.44 -23.54 45.62
C ALA A 364 -39.03 -24.11 44.34
N ASN A 365 -39.89 -23.35 43.66
CA ASN A 365 -40.51 -23.78 42.42
C ASN A 365 -40.53 -22.65 41.40
N SER A 366 -39.42 -21.90 41.31
CA SER A 366 -39.31 -20.79 40.38
C SER A 366 -37.93 -20.82 39.73
N THR A 367 -37.83 -21.51 38.59
CA THR A 367 -36.64 -21.50 37.76
C THR A 367 -36.95 -20.86 36.41
N SER A 368 -37.72 -19.78 36.43
CA SER A 368 -38.16 -19.12 35.22
C SER A 368 -37.00 -18.42 34.52
N THR A 369 -37.06 -18.39 33.19
CA THR A 369 -36.02 -17.80 32.37
C THR A 369 -36.64 -16.81 31.40
N ILE A 370 -35.82 -15.88 30.94
CA ILE A 370 -36.23 -14.86 29.97
C ILE A 370 -35.56 -15.18 28.65
N THR A 371 -36.36 -15.34 27.60
CA THR A 371 -35.87 -15.73 26.29
C THR A 371 -35.96 -14.55 25.35
N LEU A 372 -34.86 -14.25 24.67
CA LEU A 372 -34.78 -13.15 23.71
C LEU A 372 -34.64 -13.71 22.31
N GLN A 373 -35.49 -13.26 21.39
CA GLN A 373 -35.40 -13.69 20.01
C GLN A 373 -34.28 -12.93 19.32
N CYS A 374 -33.34 -13.66 18.72
CA CYS A 374 -32.17 -13.06 18.10
C CYS A 374 -32.14 -13.36 16.61
N ARG A 375 -31.62 -12.41 15.85
CA ARG A 375 -31.44 -12.55 14.41
C ARG A 375 -29.97 -12.39 14.08
N ILE A 376 -29.54 -13.01 12.98
CA ILE A 376 -28.13 -13.10 12.61
C ILE A 376 -27.94 -12.50 11.23
N LYS A 377 -26.96 -11.59 11.11
CA LYS A 377 -26.54 -11.03 9.84
C LYS A 377 -25.19 -11.61 9.44
N GLN A 378 -24.77 -11.28 8.22
CA GLN A 378 -23.42 -11.61 7.77
C GLN A 378 -22.69 -10.40 7.22
N ILE A 379 -23.38 -9.46 6.60
CA ILE A 379 -22.80 -8.20 6.16
C ILE A 379 -22.73 -7.27 7.36
N ILE A 380 -21.52 -6.96 7.82
CA ILE A 380 -21.31 -6.28 9.09
C ILE A 380 -20.73 -4.90 8.84
N ASN A 381 -21.38 -3.88 9.40
CA ASN A 381 -20.84 -2.53 9.51
C ASN A 381 -20.81 -2.18 11.00
N MET A 382 -19.62 -2.03 11.57
CA MET A 382 -19.52 -1.96 13.02
C MET A 382 -19.55 -0.54 13.55
N TRP A 383 -18.55 0.27 13.22
CA TRP A 383 -18.40 1.59 13.84
C TRP A 383 -19.00 2.71 13.01
N GLN A 384 -20.25 2.53 12.57
CA GLN A 384 -21.09 3.56 11.95
C GLN A 384 -20.43 4.18 10.71
N GLY A 385 -20.25 3.37 9.68
CA GLY A 385 -19.54 3.86 8.51
C GLY A 385 -18.12 3.33 8.43
N VAL A 386 -17.15 4.14 8.87
CA VAL A 386 -15.74 3.76 8.81
C VAL A 386 -15.50 2.53 9.70
N GLY A 387 -14.62 1.64 9.23
CA GLY A 387 -14.41 0.37 9.88
C GLY A 387 -14.72 -0.78 8.95
N ARG A 388 -14.56 -0.54 7.64
CA ARG A 388 -14.73 -1.49 6.56
C ARG A 388 -16.14 -2.07 6.47
N CYS A 389 -16.31 -3.11 5.65
CA CYS A 389 -17.60 -3.72 5.38
C CYS A 389 -17.47 -5.24 5.43
N MET A 390 -16.92 -5.75 6.53
CA MET A 390 -16.53 -7.15 6.66
C MET A 390 -17.73 -8.09 6.51
N TYR A 391 -17.55 -9.13 5.69
CA TYR A 391 -18.53 -10.20 5.52
C TYR A 391 -18.04 -11.41 6.33
N ALA A 392 -18.74 -11.73 7.40
CA ALA A 392 -18.33 -12.84 8.24
C ALA A 392 -18.73 -14.16 7.60
N PRO A 393 -17.79 -15.09 7.39
CA PRO A 393 -18.17 -16.38 6.82
C PRO A 393 -18.96 -17.21 7.82
N PRO A 394 -19.85 -18.08 7.34
CA PRO A 394 -20.62 -18.93 8.26
C PRO A 394 -19.74 -20.01 8.86
N ILE A 395 -20.20 -20.56 9.98
CA ILE A 395 -19.54 -21.66 10.65
C ILE A 395 -20.57 -22.70 11.05
N ALA A 396 -20.12 -23.94 11.18
CA ALA A 396 -21.01 -25.09 11.31
C ALA A 396 -21.14 -25.54 12.77
N GLY A 397 -22.17 -26.35 13.01
CA GLY A 397 -22.43 -26.85 14.35
C GLY A 397 -23.24 -25.88 15.19
N ASN A 398 -23.54 -26.31 16.41
CA ASN A 398 -24.23 -25.42 17.34
C ASN A 398 -23.23 -24.44 17.91
N ILE A 399 -23.67 -23.22 18.16
CA ILE A 399 -22.81 -22.15 18.65
C ILE A 399 -23.33 -21.76 20.03
N THR A 400 -22.84 -22.41 21.07
CA THR A 400 -23.24 -22.11 22.43
C THR A 400 -22.22 -21.16 23.05
N CYS A 401 -22.72 -20.12 23.71
CA CYS A 401 -21.87 -19.00 24.16
C CYS A 401 -22.37 -18.53 25.52
N ARG A 402 -21.64 -18.90 26.57
CA ARG A 402 -22.02 -18.58 27.95
C ARG A 402 -21.21 -17.38 28.41
N SER A 403 -21.88 -16.30 28.78
CA SER A 403 -21.23 -15.02 29.03
C SER A 403 -21.50 -14.55 30.46
N ASN A 404 -20.86 -13.42 30.80
CA ASN A 404 -20.76 -12.89 32.15
C ASN A 404 -21.00 -11.38 32.13
N ILE A 405 -22.20 -10.97 31.69
CA ILE A 405 -22.71 -9.60 31.75
C ILE A 405 -22.40 -8.87 33.06
N THR A 406 -21.78 -7.68 32.95
CA THR A 406 -21.34 -6.92 34.11
C THR A 406 -21.67 -5.43 34.05
N GLY A 407 -22.44 -4.97 33.08
CA GLY A 407 -22.73 -3.54 32.99
C GLY A 407 -24.00 -3.28 32.23
N LEU A 408 -24.36 -2.00 32.17
CA LEU A 408 -25.54 -1.55 31.44
C LEU A 408 -25.23 -0.18 30.83
N LEU A 409 -25.94 0.13 29.76
CA LEU A 409 -25.83 1.44 29.11
C LEU A 409 -27.24 1.97 28.89
N LEU A 410 -27.60 3.03 29.60
CA LEU A 410 -28.95 3.58 29.56
C LEU A 410 -28.92 5.05 29.16
N THR A 411 -30.06 5.53 28.68
CA THR A 411 -30.29 6.94 28.43
C THR A 411 -31.66 7.32 28.99
N ARG A 412 -31.88 8.61 29.12
CA ARG A 412 -33.10 9.13 29.74
C ARG A 412 -33.98 9.82 28.71
N ASP A 413 -35.29 9.68 28.88
CA ASP A 413 -36.26 10.25 27.95
C ASP A 413 -36.59 11.69 28.35
N GLY A 414 -36.89 12.51 27.35
CA GLY A 414 -37.16 13.91 27.57
C GLY A 414 -38.57 14.20 28.05
N GLY A 415 -38.82 13.94 29.33
CA GLY A 415 -40.13 14.20 29.90
C GLY A 415 -40.39 15.69 30.09
N THR A 416 -41.67 16.01 30.27
CA THR A 416 -42.11 17.39 30.41
C THR A 416 -43.21 17.47 31.46
N ASN A 417 -43.46 18.72 31.91
CA ASN A 417 -44.49 19.06 32.91
C ASN A 417 -44.29 18.34 34.23
N SER A 418 -43.02 18.12 34.60
CA SER A 418 -42.59 17.53 35.88
C SER A 418 -43.20 16.14 36.10
N ASN A 419 -42.82 15.21 35.23
CA ASN A 419 -43.25 13.83 35.38
C ASN A 419 -42.58 13.19 36.60
N GLU A 420 -43.36 12.41 37.34
CA GLU A 420 -42.84 11.63 38.45
C GLU A 420 -42.45 10.21 38.02
N THR A 421 -42.65 9.88 36.74
CA THR A 421 -42.50 8.53 36.22
C THR A 421 -41.41 8.49 35.15
N GLU A 422 -40.23 9.02 35.46
CA GLU A 422 -39.15 9.13 34.49
C GLU A 422 -38.69 7.77 33.99
N THR A 423 -38.58 7.62 32.68
CA THR A 423 -38.30 6.36 32.03
C THR A 423 -36.87 6.31 31.51
N PHE A 424 -36.32 5.10 31.44
CA PHE A 424 -34.96 4.87 30.98
C PHE A 424 -34.96 3.89 29.82
N ARG A 425 -34.26 4.24 28.75
CA ARG A 425 -34.13 3.40 27.57
C ARG A 425 -32.67 3.01 27.37
N PRO A 426 -32.41 1.82 26.86
CA PRO A 426 -31.03 1.44 26.55
C PRO A 426 -30.54 2.13 25.29
N ALA A 427 -29.22 2.32 25.22
CA ALA A 427 -28.61 2.97 24.06
C ALA A 427 -27.17 2.50 23.96
N GLY A 428 -26.75 2.15 22.74
CA GLY A 428 -25.39 1.70 22.51
C GLY A 428 -24.59 2.68 21.68
N GLY A 429 -24.42 2.38 20.40
CA GLY A 429 -23.75 3.30 19.49
C GLY A 429 -22.26 3.01 19.43
N ASP A 430 -21.45 4.05 19.62
CA ASP A 430 -20.01 3.93 19.54
C ASP A 430 -19.45 3.18 20.75
N MET A 431 -18.27 2.59 20.56
CA MET A 431 -17.63 1.77 21.58
C MET A 431 -16.71 2.57 22.48
N ARG A 432 -16.66 3.89 22.30
CA ARG A 432 -15.97 4.76 23.24
C ARG A 432 -16.58 4.66 24.63
N ASP A 433 -17.89 4.45 24.72
CA ASP A 433 -18.54 4.26 26.02
C ASP A 433 -18.10 2.96 26.68
N ASN A 434 -17.92 1.90 25.88
CA ASN A 434 -17.40 0.63 26.41
C ASN A 434 -15.98 0.80 26.95
N TRP A 435 -15.09 1.34 26.13
CA TRP A 435 -13.70 1.46 26.52
C TRP A 435 -13.44 2.60 27.49
N ARG A 436 -14.44 3.46 27.73
CA ARG A 436 -14.38 4.41 28.83
C ARG A 436 -15.00 3.87 30.10
N SER A 437 -15.91 2.90 29.99
CA SER A 437 -16.39 2.20 31.17
C SER A 437 -15.33 1.25 31.72
N GLU A 438 -14.43 0.79 30.87
CA GLU A 438 -13.35 -0.07 31.36
C GLU A 438 -12.11 0.70 31.81
N LEU A 439 -11.90 1.92 31.32
CA LEU A 439 -10.70 2.71 31.62
C LEU A 439 -11.02 3.93 32.48
N TYR A 440 -11.90 3.77 33.47
CA TYR A 440 -12.30 4.90 34.30
C TYR A 440 -11.24 5.26 35.34
N LYS A 441 -10.42 4.30 35.76
CA LYS A 441 -9.48 4.55 36.84
C LYS A 441 -8.29 5.39 36.39
N TYR A 442 -7.82 5.18 35.17
CA TYR A 442 -6.45 5.50 34.80
C TYR A 442 -6.30 6.91 34.25
N LYS A 443 -5.11 7.47 34.46
CA LYS A 443 -4.71 8.75 33.91
C LYS A 443 -3.19 8.76 33.78
N VAL A 444 -2.69 9.29 32.66
CA VAL A 444 -1.25 9.26 32.37
C VAL A 444 -0.65 10.61 32.71
N VAL A 445 0.54 10.60 33.32
CA VAL A 445 1.23 11.81 33.74
C VAL A 445 2.68 11.74 33.29
N LYS A 446 3.30 12.92 33.21
CA LYS A 446 4.73 13.05 32.93
C LYS A 446 5.53 13.04 34.22
N ILE A 447 6.81 12.71 34.11
CA ILE A 447 7.73 12.73 35.24
C ILE A 447 8.80 13.78 34.96
N GLU A 448 8.97 14.71 35.89
CA GLU A 448 9.95 15.80 35.78
C GLU A 448 10.86 15.75 37.00
N PRO A 449 11.93 14.96 36.96
CA PRO A 449 12.73 14.73 38.16
C PRO A 449 13.70 15.85 38.53
N LEU A 450 13.90 16.84 37.67
CA LEU A 450 14.78 17.94 38.02
C LEU A 450 14.08 18.90 38.96
N GLY A 451 14.76 19.30 40.04
CA GLY A 451 14.21 20.22 40.99
C GLY A 451 15.19 21.36 41.25
N VAL A 452 14.64 22.47 41.72
CA VAL A 452 15.41 23.67 42.06
C VAL A 452 14.95 24.15 43.43
N ALA A 453 15.88 24.24 44.38
CA ALA A 453 15.51 24.61 45.75
C ALA A 453 16.69 25.29 46.45
N PRO A 454 16.43 26.31 47.28
CA PRO A 454 17.53 26.97 48.00
C PRO A 454 17.90 26.23 49.27
N THR A 455 19.18 26.37 49.64
CA THR A 455 19.70 25.86 50.90
C THR A 455 20.93 26.68 51.27
N ARG A 456 21.52 26.36 52.41
CA ARG A 456 22.68 27.08 52.92
C ARG A 456 24.01 26.48 52.48
N CYS A 457 23.99 25.41 51.69
CA CYS A 457 25.24 24.83 51.20
C CYS A 457 25.82 25.66 50.06
N LYS A 458 27.11 25.46 49.81
CA LYS A 458 27.79 26.21 48.77
C LYS A 458 29.00 25.40 48.29
N ARG A 459 29.23 25.41 46.98
CA ARG A 459 30.39 24.75 46.41
C ARG A 459 31.66 25.52 46.74
N ARG A 460 32.78 24.80 46.80
CA ARG A 460 34.05 25.43 47.10
C ARG A 460 34.54 26.25 45.90
N VAL A 461 35.45 27.18 46.19
CA VAL A 461 36.05 28.00 45.14
C VAL A 461 37.42 27.44 44.76
N GLU B 2 55.24 28.64 28.91
CA GLU B 2 56.13 28.97 27.81
C GLU B 2 55.92 28.02 26.64
N ASN B 3 55.44 26.82 26.95
CA ASN B 3 55.13 25.83 25.93
C ASN B 3 53.63 25.85 25.62
N LEU B 4 53.26 25.09 24.59
CA LEU B 4 51.89 25.03 24.11
C LEU B 4 51.37 23.62 24.25
N TRP B 5 50.11 23.49 24.69
CA TRP B 5 49.48 22.20 24.89
C TRP B 5 48.08 22.22 24.29
N VAL B 6 47.61 21.05 23.87
CA VAL B 6 46.32 20.92 23.22
C VAL B 6 45.21 21.04 24.27
N THR B 7 44.19 21.83 23.97
CA THR B 7 43.08 22.08 24.87
C THR B 7 41.77 21.94 24.10
N VAL B 8 40.87 21.12 24.62
CA VAL B 8 39.65 20.72 23.92
C VAL B 8 38.50 21.62 24.36
N TYR B 9 37.81 22.21 23.39
CA TYR B 9 36.64 23.05 23.63
C TYR B 9 35.41 22.37 23.06
N TYR B 10 34.32 22.38 23.83
CA TYR B 10 33.06 21.79 23.40
C TYR B 10 31.99 22.89 23.38
N GLY B 11 31.48 23.19 22.19
CA GLY B 11 30.56 24.31 22.02
C GLY B 11 31.08 25.34 21.04
N VAL B 12 31.91 24.88 20.11
CA VAL B 12 32.55 25.77 19.14
C VAL B 12 31.57 26.07 18.01
N PRO B 13 31.38 27.36 17.64
CA PRO B 13 30.55 27.73 16.47
C PRO B 13 31.26 27.68 15.11
N VAL B 14 31.30 26.49 14.49
CA VAL B 14 31.84 26.34 13.15
C VAL B 14 30.84 25.56 12.30
N TRP B 15 31.07 25.58 10.98
CA TRP B 15 30.12 24.99 10.05
C TRP B 15 30.82 24.18 8.96
N LYS B 16 30.12 23.14 8.52
CA LYS B 16 30.36 22.45 7.26
C LYS B 16 29.05 22.40 6.48
N GLU B 17 29.16 22.26 5.17
CA GLU B 17 27.99 22.07 4.32
C GLU B 17 27.41 20.68 4.55
N ALA B 18 26.08 20.58 4.53
CA ALA B 18 25.45 19.29 4.76
C ALA B 18 24.08 19.24 4.09
N LYS B 19 23.59 18.02 3.92
CA LYS B 19 22.24 17.75 3.43
C LYS B 19 21.52 16.89 4.46
N THR B 20 20.29 17.28 4.80
CA THR B 20 19.54 16.58 5.82
C THR B 20 18.06 16.54 5.44
N THR B 21 17.26 15.95 6.30
CA THR B 21 15.81 15.87 6.13
C THR B 21 15.15 16.92 7.01
N LEU B 22 14.26 17.71 6.42
CA LEU B 22 13.65 18.84 7.11
C LEU B 22 12.21 18.54 7.51
N PHE B 23 11.70 19.36 8.42
CA PHE B 23 10.39 19.16 9.02
C PHE B 23 9.29 19.72 8.13
N CYS B 24 8.09 19.83 8.69
CA CYS B 24 7.04 20.71 8.21
C CYS B 24 6.42 21.40 9.41
N ALA B 25 6.31 22.72 9.35
CA ALA B 25 5.69 23.49 10.41
C ALA B 25 4.59 24.35 9.80
N SER B 26 3.39 24.25 10.36
CA SER B 26 2.25 24.99 9.85
C SER B 26 1.52 25.65 11.02
N ASP B 27 0.64 26.60 10.68
CA ASP B 27 -0.09 27.35 11.69
C ASP B 27 -1.15 26.45 12.34
N ALA B 28 -1.54 26.84 13.56
CA ALA B 28 -2.42 26.01 14.39
C ALA B 28 -3.87 26.02 13.91
N ARG B 29 -4.25 26.93 13.03
CA ARG B 29 -5.64 27.01 12.58
C ARG B 29 -6.03 25.89 11.61
N ALA B 30 -5.07 25.18 11.04
CA ALA B 30 -5.35 24.12 10.07
C ALA B 30 -5.48 22.75 10.70
N TYR B 31 -5.42 22.65 12.03
CA TYR B 31 -5.53 21.37 12.71
C TYR B 31 -6.91 21.13 13.35
N GLU B 32 -7.69 22.20 13.57
CA GLU B 32 -8.96 22.07 14.27
C GLU B 32 -10.08 21.55 13.39
N LYS B 33 -9.85 21.41 12.09
CA LYS B 33 -10.87 20.88 11.18
C LYS B 33 -10.77 19.35 11.16
N GLU B 34 -11.45 18.73 10.19
CA GLU B 34 -11.46 17.28 10.08
C GLU B 34 -10.15 16.77 9.47
N VAL B 35 -10.09 15.47 9.24
CA VAL B 35 -8.91 14.87 8.65
C VAL B 35 -8.92 15.07 7.14
N HIS B 36 -7.72 15.10 6.55
CA HIS B 36 -7.48 15.16 5.11
C HIS B 36 -8.10 16.40 4.48
N ASN B 37 -7.61 17.57 4.87
CA ASN B 37 -8.04 18.79 4.21
C ASN B 37 -7.15 19.13 3.02
N VAL B 38 -5.87 19.41 3.25
CA VAL B 38 -4.96 19.61 2.11
C VAL B 38 -3.78 18.63 2.10
N TRP B 39 -2.82 18.77 3.01
CA TRP B 39 -1.80 17.77 3.30
C TRP B 39 -1.34 17.84 4.76
N ALA B 40 -1.65 18.96 5.43
CA ALA B 40 -0.91 19.37 6.62
C ALA B 40 -1.68 19.21 7.92
N THR B 41 -2.93 18.75 7.88
CA THR B 41 -3.69 18.56 9.11
C THR B 41 -3.14 17.38 9.91
N HIS B 42 -2.82 16.29 9.22
CA HIS B 42 -2.42 15.04 9.87
C HIS B 42 -0.91 14.93 10.08
N ALA B 43 -0.12 15.82 9.50
CA ALA B 43 1.32 15.58 9.42
C ALA B 43 2.16 16.59 10.19
N CYS B 44 2.03 17.88 9.90
CA CYS B 44 3.02 18.86 10.34
C CYS B 44 2.87 19.20 11.81
N VAL B 45 3.99 19.58 12.42
CA VAL B 45 4.05 19.98 13.82
C VAL B 45 3.44 21.38 13.95
N PRO B 46 2.86 21.76 15.09
CA PRO B 46 2.44 23.16 15.24
C PRO B 46 3.54 24.07 15.72
N THR B 47 3.87 25.08 14.91
CA THR B 47 4.95 25.99 15.26
C THR B 47 4.54 26.92 16.40
N ASP B 48 5.53 27.32 17.19
CA ASP B 48 5.29 28.29 18.24
C ASP B 48 5.16 29.68 17.65
N PRO B 49 4.23 30.52 18.17
CA PRO B 49 4.03 31.87 17.62
C PRO B 49 5.03 32.91 18.11
N SER B 50 6.32 32.58 18.00
CA SER B 50 7.42 33.48 18.32
C SER B 50 8.68 33.05 17.60
N PRO B 51 8.83 33.34 16.31
CA PRO B 51 10.05 32.94 15.59
C PRO B 51 11.23 33.81 15.99
N GLN B 52 12.28 33.16 16.49
CA GLN B 52 13.46 33.88 16.99
C GLN B 52 14.46 34.04 15.85
N GLU B 53 14.61 35.27 15.36
CA GLU B 53 15.57 35.60 14.33
C GLU B 53 16.71 36.40 14.94
N LEU B 54 17.94 35.96 14.70
CA LEU B 54 19.13 36.57 15.26
C LEU B 54 20.06 37.00 14.14
N VAL B 55 20.67 38.17 14.28
CA VAL B 55 21.59 38.72 13.29
C VAL B 55 23.01 38.46 13.77
N LEU B 56 23.83 37.87 12.90
CA LEU B 56 25.21 37.57 13.23
C LEU B 56 26.10 38.75 12.89
N GLY B 57 27.08 39.03 13.75
CA GLY B 57 27.85 40.26 13.66
C GLY B 57 28.82 40.37 12.51
N ASN B 58 29.90 39.58 12.55
CA ASN B 58 30.99 39.71 11.57
C ASN B 58 30.89 38.69 10.44
N VAL B 59 29.83 37.89 10.41
CA VAL B 59 29.81 36.68 9.59
C VAL B 59 29.52 37.03 8.14
N THR B 60 30.41 36.61 7.25
CA THR B 60 30.19 36.67 5.80
C THR B 60 30.22 35.26 5.25
N GLU B 61 29.18 34.88 4.51
CA GLU B 61 29.04 33.53 4.00
C GLU B 61 28.79 33.56 2.50
N ASN B 62 29.11 32.45 1.84
CA ASN B 62 28.98 32.32 0.40
C ASN B 62 27.74 31.47 0.10
N PHE B 63 26.73 32.10 -0.49
CA PHE B 63 25.49 31.40 -0.84
C PHE B 63 25.52 30.96 -2.29
N ASN B 64 24.58 30.07 -2.63
CA ASN B 64 24.44 29.60 -4.01
C ASN B 64 22.98 29.20 -4.21
N MET B 65 22.27 29.96 -5.04
CA MET B 65 20.85 29.70 -5.25
C MET B 65 20.62 28.46 -6.11
N TRP B 66 21.42 28.27 -7.16
CA TRP B 66 21.23 27.17 -8.09
C TRP B 66 21.81 25.85 -7.61
N LYS B 67 22.64 25.85 -6.57
CA LYS B 67 23.16 24.62 -5.97
C LYS B 67 22.57 24.52 -4.57
N ASN B 68 21.36 23.97 -4.50
CA ASN B 68 20.62 23.89 -3.25
C ASN B 68 19.97 22.52 -3.14
N ASP B 69 19.97 21.96 -1.93
CA ASP B 69 19.28 20.71 -1.66
C ASP B 69 17.85 20.91 -1.21
N MET B 70 17.50 22.10 -0.72
CA MET B 70 16.16 22.37 -0.23
C MET B 70 15.14 22.34 -1.36
N VAL B 71 15.52 22.80 -2.55
CA VAL B 71 14.62 22.81 -3.69
C VAL B 71 14.33 21.39 -4.17
N ASP B 72 15.36 20.56 -4.25
CA ASP B 72 15.17 19.15 -4.64
C ASP B 72 14.38 18.38 -3.59
N GLN B 73 14.63 18.67 -2.32
CA GLN B 73 13.89 18.02 -1.24
C GLN B 73 12.42 18.43 -1.25
N MET B 74 12.14 19.72 -1.50
CA MET B 74 10.76 20.18 -1.60
C MET B 74 10.05 19.59 -2.80
N HIS B 75 10.75 19.46 -3.93
CA HIS B 75 10.17 18.84 -5.11
C HIS B 75 9.82 17.38 -4.87
N GLU B 76 10.73 16.63 -4.21
CA GLU B 76 10.46 15.24 -3.88
C GLU B 76 9.31 15.10 -2.89
N ASP B 77 9.26 15.98 -1.88
CA ASP B 77 8.19 15.93 -0.89
C ASP B 77 6.82 16.24 -1.51
N ILE B 78 6.76 17.22 -2.40
CA ILE B 78 5.49 17.59 -3.01
C ILE B 78 5.03 16.54 -4.02
N ILE B 79 5.99 15.92 -4.74
CA ILE B 79 5.65 14.78 -5.61
C ILE B 79 5.10 13.62 -4.81
N SER B 80 5.74 13.30 -3.67
CA SER B 80 5.26 12.21 -2.82
C SER B 80 3.90 12.52 -2.20
N LEU B 81 3.67 13.78 -1.84
CA LEU B 81 2.37 14.19 -1.29
C LEU B 81 1.26 14.07 -2.33
N TRP B 82 1.54 14.49 -3.56
CA TRP B 82 0.52 14.38 -4.61
C TRP B 82 0.26 12.93 -5.00
N ASP B 83 1.28 12.08 -4.95
CA ASP B 83 1.05 10.65 -5.22
C ASP B 83 0.33 9.98 -4.07
N GLN B 84 0.54 10.45 -2.83
CA GLN B 84 -0.10 9.86 -1.68
C GLN B 84 -1.58 10.26 -1.59
N SER B 85 -1.89 11.50 -1.95
CA SER B 85 -3.27 11.97 -1.84
C SER B 85 -4.20 11.38 -2.88
N LEU B 86 -3.67 10.73 -3.93
CA LEU B 86 -4.49 10.08 -4.94
C LEU B 86 -4.56 8.57 -4.75
N LYS B 87 -4.14 8.06 -3.60
CA LYS B 87 -4.21 6.63 -3.36
C LYS B 87 -5.62 6.14 -3.02
N PRO B 88 -6.40 6.70 -1.98
CA PRO B 88 -7.73 6.18 -1.69
C PRO B 88 -8.84 6.87 -2.47
N CYS B 89 -8.68 6.99 -3.78
CA CYS B 89 -9.63 7.68 -4.63
C CYS B 89 -10.10 6.78 -5.77
N VAL B 90 -11.14 7.25 -6.45
CA VAL B 90 -11.84 6.45 -7.46
C VAL B 90 -10.99 6.40 -8.72
N LYS B 91 -10.68 5.18 -9.17
CA LYS B 91 -9.91 4.97 -10.39
C LYS B 91 -10.90 4.72 -11.53
N LEU B 92 -11.04 5.71 -12.42
CA LEU B 92 -12.03 5.61 -13.50
C LEU B 92 -11.40 4.89 -14.69
N THR B 93 -11.33 3.57 -14.55
CA THR B 93 -11.05 2.62 -15.61
C THR B 93 -12.25 2.34 -16.52
N PRO B 94 -13.53 2.13 -16.01
CA PRO B 94 -14.61 1.80 -16.96
C PRO B 94 -15.13 2.94 -17.82
N LEU B 95 -14.43 4.06 -17.90
CA LEU B 95 -14.83 5.17 -18.76
C LEU B 95 -14.05 5.19 -20.08
N CYS B 96 -13.49 4.06 -20.48
CA CYS B 96 -12.80 3.96 -21.75
C CYS B 96 -13.72 3.60 -22.91
N VAL B 97 -15.03 3.51 -22.68
CA VAL B 97 -15.99 3.12 -23.71
C VAL B 97 -16.10 4.23 -24.75
N THR B 98 -16.65 3.91 -25.92
CA THR B 98 -16.85 4.90 -26.96
C THR B 98 -17.92 5.90 -26.55
N LEU B 99 -17.66 7.18 -26.81
CA LEU B 99 -18.56 8.25 -26.46
C LEU B 99 -19.30 8.68 -27.73
N ILE B 100 -20.62 8.59 -27.70
CA ILE B 100 -21.45 9.05 -28.81
C ILE B 100 -21.74 10.52 -28.58
N CYS B 101 -21.04 11.39 -29.28
CA CYS B 101 -21.12 12.83 -29.07
C CYS B 101 -21.75 13.53 -30.25
N SER B 102 -22.60 14.49 -29.95
CA SER B 102 -23.16 15.42 -30.91
C SER B 102 -22.85 16.84 -30.43
N ASP B 103 -23.45 17.83 -31.09
CA ASP B 103 -23.32 19.19 -30.61
C ASP B 103 -24.13 19.37 -29.34
N ALA B 104 -23.77 20.41 -28.56
CA ALA B 104 -24.38 20.62 -27.26
C ALA B 104 -25.80 21.16 -27.34
N GLY B 105 -26.26 21.60 -28.52
CA GLY B 105 -27.61 22.09 -28.66
C GLY B 105 -27.79 22.77 -30.00
N SER B 106 -28.87 23.55 -30.10
CA SER B 106 -29.17 24.33 -31.29
C SER B 106 -28.34 25.61 -31.23
N GLY B 107 -27.07 25.50 -31.61
CA GLY B 107 -26.15 26.61 -31.50
C GLY B 107 -25.85 26.95 -30.05
N GLY B 108 -25.42 25.95 -29.28
CA GLY B 108 -25.29 26.13 -27.85
C GLY B 108 -23.90 26.48 -27.36
N VAL B 109 -23.20 25.51 -26.79
CA VAL B 109 -21.97 25.78 -26.05
C VAL B 109 -20.80 26.00 -26.98
N GLU B 110 -20.60 25.07 -27.93
CA GLU B 110 -19.54 25.00 -28.95
C GLU B 110 -18.15 24.75 -28.37
N GLU B 111 -18.05 24.69 -27.04
CA GLU B 111 -16.81 24.35 -26.36
C GLU B 111 -16.88 23.04 -25.59
N MET B 112 -18.07 22.66 -25.11
CA MET B 112 -18.25 21.41 -24.40
C MET B 112 -19.18 20.52 -25.22
N LYS B 113 -18.70 19.32 -25.55
CA LYS B 113 -19.54 18.35 -26.23
C LYS B 113 -20.46 17.67 -25.23
N ASN B 114 -21.41 16.88 -25.75
CA ASN B 114 -22.35 16.19 -24.88
C ASN B 114 -21.84 14.81 -24.47
N CYS B 115 -21.61 13.93 -25.46
CA CYS B 115 -20.93 12.64 -25.29
C CYS B 115 -21.68 11.71 -24.32
N SER B 116 -22.87 11.31 -24.74
CA SER B 116 -23.61 10.28 -24.03
C SER B 116 -22.95 8.92 -24.23
N PHE B 117 -22.83 8.15 -23.15
CA PHE B 117 -22.11 6.89 -23.19
C PHE B 117 -22.93 5.79 -22.51
N ASN B 118 -22.38 4.58 -22.57
CA ASN B 118 -22.95 3.41 -21.92
C ASN B 118 -22.06 3.05 -20.73
N THR B 119 -22.62 3.08 -19.53
CA THR B 119 -21.83 2.92 -18.32
C THR B 119 -22.27 1.67 -17.57
N THR B 120 -21.47 1.29 -16.58
CA THR B 120 -21.75 0.13 -15.74
C THR B 120 -22.40 0.58 -14.45
N THR B 121 -23.52 -0.04 -14.11
CA THR B 121 -24.21 0.26 -12.86
C THR B 121 -23.61 -0.57 -11.74
N GLU B 122 -24.27 -0.58 -10.57
CA GLU B 122 -23.77 -1.34 -9.43
C GLU B 122 -23.90 -2.85 -9.62
N ILE B 123 -24.77 -3.29 -10.52
CA ILE B 123 -24.95 -4.71 -10.83
C ILE B 123 -24.24 -4.97 -12.16
N ARG B 124 -23.29 -5.90 -12.16
CA ARG B 124 -22.46 -6.06 -13.36
C ARG B 124 -23.17 -6.81 -14.47
N ASP B 125 -24.36 -7.35 -14.23
CA ASP B 125 -25.14 -7.95 -15.31
C ASP B 125 -25.77 -6.88 -16.20
N LYS B 126 -26.27 -5.80 -15.61
CA LYS B 126 -27.05 -4.80 -16.33
C LYS B 126 -26.21 -3.57 -16.66
N GLU B 127 -26.68 -2.83 -17.67
CA GLU B 127 -26.04 -1.59 -18.10
C GLU B 127 -27.11 -0.53 -18.22
N LYS B 128 -26.70 0.73 -18.03
CA LYS B 128 -27.63 1.85 -18.16
C LYS B 128 -27.01 2.94 -19.01
N LYS B 129 -27.85 3.60 -19.83
CA LYS B 129 -27.42 4.71 -20.65
C LYS B 129 -27.32 5.98 -19.82
N GLU B 130 -26.20 6.68 -19.94
CA GLU B 130 -25.97 7.91 -19.19
C GLU B 130 -25.39 8.97 -20.11
N TYR B 131 -25.15 10.16 -19.55
CA TYR B 131 -24.59 11.26 -20.30
C TYR B 131 -23.86 12.20 -19.34
N ALA B 132 -23.06 13.09 -19.91
CA ALA B 132 -22.29 14.08 -19.17
C ALA B 132 -22.16 15.30 -20.06
N LEU B 133 -21.20 16.18 -19.75
CA LEU B 133 -20.69 17.19 -20.67
C LEU B 133 -19.19 17.27 -20.49
N PHE B 134 -18.44 16.78 -21.46
CA PHE B 134 -16.99 16.80 -21.40
C PHE B 134 -16.45 17.99 -22.19
N TYR B 135 -15.31 18.49 -21.76
CA TYR B 135 -14.65 19.58 -22.45
C TYR B 135 -14.01 19.08 -23.74
N LYS B 136 -13.81 20.01 -24.68
CA LYS B 136 -13.18 19.68 -25.95
C LYS B 136 -11.73 19.18 -25.87
N PRO B 137 -10.81 19.75 -25.06
CA PRO B 137 -9.45 19.18 -25.02
C PRO B 137 -9.34 17.79 -24.39
N ASP B 138 -10.36 17.29 -23.71
CA ASP B 138 -10.30 15.99 -23.08
C ASP B 138 -10.78 14.86 -23.99
N ILE B 139 -11.23 15.16 -25.20
CA ILE B 139 -11.80 14.16 -26.10
C ILE B 139 -10.99 14.14 -27.38
N VAL B 140 -10.72 12.94 -27.89
CA VAL B 140 -10.07 12.78 -29.19
C VAL B 140 -11.01 12.04 -30.13
N PRO B 141 -10.97 12.33 -31.43
CA PRO B 141 -11.89 11.64 -32.36
C PRO B 141 -11.47 10.22 -32.68
N LEU B 142 -11.91 9.26 -31.87
CA LEU B 142 -11.67 7.84 -32.13
C LEU B 142 -12.41 7.42 -33.38
N SER B 143 -11.67 7.28 -34.48
CA SER B 143 -12.25 6.90 -35.76
C SER B 143 -11.14 6.42 -36.69
N GLU B 144 -11.43 5.35 -37.42
CA GLU B 144 -10.60 4.91 -38.53
C GLU B 144 -11.05 5.48 -39.86
N THR B 145 -12.12 6.27 -39.86
CA THR B 145 -12.66 6.90 -41.06
C THR B 145 -13.12 8.29 -40.69
N ASN B 146 -13.90 8.92 -41.57
CA ASN B 146 -14.47 10.24 -41.30
C ASN B 146 -15.82 10.08 -40.60
N ASN B 147 -15.75 9.57 -39.37
CA ASN B 147 -16.93 9.39 -38.53
C ASN B 147 -16.92 10.46 -37.45
N THR B 148 -18.00 11.24 -37.37
CA THR B 148 -18.08 12.37 -36.46
C THR B 148 -18.90 12.06 -35.21
N SER B 149 -19.20 10.79 -34.95
CA SER B 149 -20.01 10.42 -33.80
C SER B 149 -19.29 9.52 -32.80
N GLU B 150 -18.21 8.87 -33.19
CA GLU B 150 -17.46 7.99 -32.30
C GLU B 150 -16.32 8.78 -31.69
N TYR B 151 -16.29 8.87 -30.36
CA TYR B 151 -15.26 9.59 -29.63
C TYR B 151 -14.80 8.76 -28.45
N ARG B 152 -13.64 9.11 -27.90
CA ARG B 152 -13.10 8.47 -26.71
C ARG B 152 -12.33 9.51 -25.92
N LEU B 153 -12.06 9.19 -24.66
CA LEU B 153 -11.28 10.09 -23.82
C LEU B 153 -9.80 10.03 -24.23
N ILE B 154 -9.07 11.08 -23.84
CA ILE B 154 -7.66 11.18 -24.17
C ILE B 154 -6.79 10.34 -23.24
N ASN B 155 -7.35 9.86 -22.13
CA ASN B 155 -6.60 9.19 -21.08
C ASN B 155 -6.51 7.68 -21.24
N CYS B 156 -7.37 7.08 -22.07
CA CYS B 156 -7.43 5.64 -22.25
C CYS B 156 -6.49 5.17 -23.36
N ASN B 157 -5.41 5.92 -23.59
CA ASN B 157 -4.39 5.61 -24.57
C ASN B 157 -3.01 5.47 -23.96
N THR B 158 -2.71 6.17 -22.86
CA THR B 158 -1.39 6.10 -22.24
C THR B 158 -1.44 5.39 -20.90
N SER B 159 -2.11 5.94 -19.88
CA SER B 159 -2.21 5.26 -18.58
C SER B 159 -3.37 5.81 -17.77
N ALA B 160 -4.52 5.13 -17.82
CA ALA B 160 -5.65 5.14 -16.88
C ALA B 160 -6.08 6.54 -16.43
N CYS B 161 -6.63 6.64 -15.21
CA CYS B 161 -6.80 7.87 -14.45
C CYS B 161 -6.88 7.54 -12.97
N THR B 162 -7.01 8.59 -12.18
CA THR B 162 -7.46 8.50 -10.79
C THR B 162 -8.18 9.81 -10.51
N GLN B 163 -9.50 9.74 -10.35
CA GLN B 163 -10.29 10.95 -10.09
C GLN B 163 -9.95 11.52 -8.72
N ALA B 164 -9.72 12.82 -8.67
CA ALA B 164 -9.39 13.48 -7.42
C ALA B 164 -10.60 13.47 -6.50
N CYS B 165 -10.38 13.08 -5.24
CA CYS B 165 -11.46 12.97 -4.26
C CYS B 165 -12.02 14.34 -3.94
N PRO B 166 -13.33 14.56 -4.09
CA PRO B 166 -13.88 15.91 -3.90
C PRO B 166 -14.21 16.23 -2.45
N LYS B 167 -13.30 15.89 -1.54
CA LYS B 167 -13.37 16.34 -0.16
C LYS B 167 -12.08 17.00 0.30
N VAL B 168 -10.98 16.84 -0.44
CA VAL B 168 -9.76 17.58 -0.21
C VAL B 168 -9.77 18.80 -1.12
N THR B 169 -8.98 19.81 -0.75
CA THR B 169 -8.88 21.03 -1.53
C THR B 169 -7.44 21.27 -1.92
N PHE B 170 -7.24 21.97 -3.04
CA PHE B 170 -5.92 22.31 -3.55
C PHE B 170 -5.48 23.70 -3.13
N GLU B 171 -5.95 24.18 -1.99
CA GLU B 171 -5.59 25.52 -1.53
C GLU B 171 -4.16 25.52 -0.99
N PRO B 172 -3.29 26.41 -1.46
CA PRO B 172 -1.88 26.44 -1.00
C PRO B 172 -1.70 27.04 0.40
N ILE B 173 -1.87 26.19 1.40
CA ILE B 173 -1.57 26.57 2.79
C ILE B 173 -0.05 26.72 2.94
N PRO B 174 0.44 27.82 3.53
CA PRO B 174 1.90 28.00 3.67
C PRO B 174 2.50 27.01 4.66
N ILE B 175 3.70 26.53 4.33
CA ILE B 175 4.42 25.56 5.14
C ILE B 175 5.82 26.10 5.43
N HIS B 176 6.29 25.89 6.65
CA HIS B 176 7.64 26.24 7.03
C HIS B 176 8.52 24.99 7.04
N TYR B 177 9.81 25.18 6.84
CA TYR B 177 10.78 24.10 6.86
C TYR B 177 11.74 24.28 8.03
N CYS B 178 11.42 23.66 9.15
CA CYS B 178 12.31 23.64 10.30
C CYS B 178 13.51 22.74 10.03
N ALA B 179 14.59 23.01 10.71
CA ALA B 179 15.80 22.23 10.63
C ALA B 179 15.89 21.27 11.83
N PRO B 180 16.53 20.12 11.68
CA PRO B 180 16.69 19.21 12.82
C PRO B 180 17.68 19.77 13.84
N ALA B 181 17.67 19.14 15.02
CA ALA B 181 18.57 19.56 16.08
C ALA B 181 20.01 19.24 15.72
N GLY B 182 20.90 20.18 15.99
CA GLY B 182 22.27 20.09 15.53
C GLY B 182 22.52 20.68 14.16
N TYR B 183 21.47 21.15 13.48
CA TYR B 183 21.59 21.80 12.19
C TYR B 183 20.98 23.19 12.29
N ALA B 184 21.43 24.09 11.43
CA ALA B 184 20.96 25.46 11.41
C ALA B 184 20.66 25.87 9.97
N ILE B 185 19.82 26.89 9.83
CA ILE B 185 19.46 27.44 8.53
C ILE B 185 19.87 28.90 8.53
N LEU B 186 20.77 29.27 7.62
CA LEU B 186 21.17 30.66 7.48
C LEU B 186 20.19 31.39 6.56
N LYS B 187 20.28 32.70 6.54
CA LYS B 187 19.37 33.52 5.73
C LYS B 187 20.07 34.82 5.35
N CYS B 188 20.28 35.03 4.06
CA CYS B 188 20.98 36.20 3.58
C CYS B 188 20.01 37.38 3.53
N ASN B 189 20.31 38.43 4.29
CA ASN B 189 19.45 39.61 4.39
C ASN B 189 19.94 40.77 3.54
N ASP B 190 20.82 40.50 2.57
CA ASP B 190 21.33 41.56 1.70
C ASP B 190 20.25 42.02 0.72
N GLU B 191 20.40 43.25 0.24
CA GLU B 191 19.42 43.88 -0.63
C GLU B 191 19.74 43.70 -2.11
N THR B 192 21.02 43.74 -2.48
CA THR B 192 21.45 43.57 -3.87
C THR B 192 21.85 42.13 -4.17
N PHE B 193 21.26 41.16 -3.48
CA PHE B 193 21.63 39.76 -3.61
C PHE B 193 21.05 39.21 -4.91
N ASN B 194 21.93 38.87 -5.86
CA ASN B 194 21.52 38.38 -7.17
C ASN B 194 21.50 36.86 -7.25
N GLY B 195 21.57 36.18 -6.12
CA GLY B 195 21.44 34.73 -6.09
C GLY B 195 22.73 33.99 -5.78
N THR B 196 23.84 34.43 -6.35
CA THR B 196 25.15 33.83 -6.12
C THR B 196 26.13 34.91 -5.67
N GLY B 197 26.95 34.58 -4.68
CA GLY B 197 27.95 35.50 -4.20
C GLY B 197 27.94 35.64 -2.70
N PRO B 198 28.88 36.43 -2.17
CA PRO B 198 28.96 36.59 -0.71
C PRO B 198 27.84 37.46 -0.17
N CYS B 199 27.46 37.18 1.06
CA CYS B 199 26.44 37.95 1.77
C CYS B 199 27.03 38.49 3.05
N SER B 200 26.76 39.76 3.34
CA SER B 200 27.36 40.44 4.49
C SER B 200 26.41 40.58 5.66
N ASN B 201 25.20 40.05 5.57
CA ASN B 201 24.18 40.20 6.62
C ASN B 201 23.51 38.86 6.89
N VAL B 202 24.32 37.82 7.10
CA VAL B 202 23.80 36.48 7.34
C VAL B 202 23.13 36.42 8.70
N SER B 203 21.92 35.89 8.75
CA SER B 203 21.11 35.84 9.97
C SER B 203 20.81 34.41 10.36
N THR B 204 20.18 34.26 11.53
CA THR B 204 19.87 32.96 12.13
C THR B 204 18.37 32.74 12.08
N VAL B 205 17.94 31.67 11.41
CA VAL B 205 16.54 31.30 11.33
C VAL B 205 16.43 29.81 11.61
N GLN B 206 15.66 29.45 12.63
CA GLN B 206 15.49 28.03 12.97
C GLN B 206 14.42 27.35 12.12
N CYS B 207 13.55 28.11 11.47
CA CYS B 207 12.46 27.57 10.67
C CYS B 207 11.97 28.65 9.73
N THR B 208 11.96 28.37 8.43
CA THR B 208 11.81 29.38 7.38
C THR B 208 10.42 30.01 7.40
N HIS B 209 10.25 31.04 6.57
CA HIS B 209 9.01 31.81 6.54
C HIS B 209 7.93 31.05 5.78
N GLY B 210 6.77 31.68 5.64
CA GLY B 210 5.63 31.04 4.99
C GLY B 210 5.79 30.88 3.50
N ILE B 211 5.98 29.64 3.05
CA ILE B 211 6.16 29.34 1.64
C ILE B 211 4.86 28.73 1.12
N ARG B 212 4.19 29.43 0.23
CA ARG B 212 2.96 28.93 -0.37
C ARG B 212 3.30 28.13 -1.61
N PRO B 213 3.03 26.82 -1.65
CA PRO B 213 3.40 26.00 -2.82
C PRO B 213 2.41 26.12 -3.96
N VAL B 214 2.36 27.30 -4.59
CA VAL B 214 1.51 27.50 -5.74
C VAL B 214 2.12 26.81 -6.95
N VAL B 215 1.27 26.46 -7.92
CA VAL B 215 1.70 25.82 -9.15
C VAL B 215 1.33 26.73 -10.32
N SER B 216 2.34 27.20 -11.03
CA SER B 216 2.14 28.10 -12.16
C SER B 216 3.32 27.99 -13.10
N THR B 217 3.07 28.19 -14.39
CA THR B 217 4.15 28.08 -15.38
C THR B 217 4.79 29.43 -15.66
N GLN B 218 4.02 30.38 -16.21
CA GLN B 218 4.48 31.75 -16.27
C GLN B 218 3.76 32.55 -15.18
N LEU B 219 4.23 33.78 -14.96
CA LEU B 219 3.56 34.78 -14.12
C LEU B 219 3.36 34.28 -12.69
N LEU B 220 4.47 34.18 -11.96
CA LEU B 220 4.50 33.63 -10.61
C LEU B 220 3.52 34.32 -9.69
N LEU B 221 2.55 33.55 -9.21
CA LEU B 221 1.46 34.02 -8.38
C LEU B 221 1.93 34.11 -6.93
N ASN B 222 0.97 34.19 -5.97
CA ASN B 222 1.12 34.65 -4.58
C ASN B 222 2.43 34.24 -3.91
N GLY B 223 3.17 35.23 -3.44
CA GLY B 223 4.47 34.96 -2.86
C GLY B 223 5.09 36.22 -2.32
N SER B 224 6.32 36.08 -1.86
CA SER B 224 7.07 37.19 -1.29
C SER B 224 7.63 38.08 -2.39
N LEU B 225 7.55 39.38 -2.17
CA LEU B 225 8.05 40.35 -3.13
C LEU B 225 9.53 40.63 -2.88
N ALA B 226 10.07 41.63 -3.56
CA ALA B 226 11.40 42.14 -3.26
C ALA B 226 11.29 43.19 -2.16
N GLU B 227 12.36 43.93 -1.92
CA GLU B 227 12.32 44.90 -0.83
C GLU B 227 12.54 46.34 -1.26
N LYS B 228 13.46 46.60 -2.18
CA LYS B 228 13.73 47.98 -2.58
C LYS B 228 13.73 48.24 -4.08
N GLU B 229 13.97 47.24 -4.92
CA GLU B 229 13.91 47.41 -6.37
C GLU B 229 13.72 46.04 -7.01
N ILE B 230 13.61 46.05 -8.34
CA ILE B 230 13.51 44.81 -9.10
C ILE B 230 14.85 44.08 -9.05
N VAL B 231 14.81 42.79 -8.71
CA VAL B 231 16.00 41.97 -8.63
C VAL B 231 15.88 40.84 -9.64
N ILE B 232 16.92 40.65 -10.43
CA ILE B 232 16.90 39.69 -11.53
C ILE B 232 17.84 38.54 -11.19
N ARG B 233 17.30 37.31 -11.17
CA ARG B 233 18.05 36.12 -10.82
C ARG B 233 18.31 35.31 -12.09
N SER B 234 19.57 34.94 -12.30
CA SER B 234 19.92 34.05 -13.41
C SER B 234 21.24 33.35 -13.09
N GLU B 235 21.51 32.29 -13.83
CA GLU B 235 22.70 31.49 -13.59
C GLU B 235 23.93 32.05 -14.30
N ASN B 236 23.85 32.23 -15.62
CA ASN B 236 25.00 32.66 -16.40
C ASN B 236 24.78 33.92 -17.22
N LEU B 237 23.57 34.14 -17.74
CA LEU B 237 23.20 35.24 -18.64
C LEU B 237 24.05 35.29 -19.91
N THR B 238 24.59 34.16 -20.36
CA THR B 238 25.29 34.10 -21.62
C THR B 238 24.68 33.07 -22.56
N ASN B 239 24.42 31.86 -22.09
CA ASN B 239 23.71 30.87 -22.88
C ASN B 239 22.21 31.11 -22.78
N ASN B 240 21.49 30.74 -23.83
CA ASN B 240 20.06 30.99 -23.94
C ASN B 240 19.22 29.79 -23.51
N ALA B 241 19.73 29.01 -22.56
CA ALA B 241 19.00 27.84 -22.05
C ALA B 241 18.74 27.91 -20.56
N LYS B 242 19.08 29.01 -19.90
CA LYS B 242 18.86 29.18 -18.47
C LYS B 242 17.69 30.12 -18.25
N ILE B 243 16.76 29.70 -17.40
CA ILE B 243 15.52 30.44 -17.18
C ILE B 243 15.80 31.64 -16.29
N ILE B 244 15.84 32.83 -16.88
CA ILE B 244 16.02 34.06 -16.13
C ILE B 244 14.76 34.34 -15.32
N ILE B 245 14.94 34.63 -14.04
CA ILE B 245 13.85 34.82 -13.09
C ILE B 245 13.85 36.28 -12.64
N VAL B 246 12.70 36.93 -12.77
CA VAL B 246 12.55 38.33 -12.37
C VAL B 246 11.68 38.37 -11.13
N HIS B 247 12.16 39.04 -10.09
CA HIS B 247 11.44 39.19 -8.83
C HIS B 247 10.90 40.60 -8.77
N LEU B 248 9.58 40.74 -8.80
CA LEU B 248 8.96 42.06 -8.83
C LEU B 248 8.99 42.72 -7.47
N HIS B 249 8.72 44.03 -7.47
CA HIS B 249 8.66 44.82 -6.25
C HIS B 249 7.23 45.22 -5.89
N THR B 250 6.40 45.54 -6.87
CA THR B 250 5.01 45.89 -6.66
C THR B 250 4.11 44.90 -7.40
N PRO B 251 3.06 44.40 -6.75
CA PRO B 251 2.16 43.45 -7.41
C PRO B 251 1.23 44.13 -8.40
N VAL B 252 0.72 43.31 -9.33
CA VAL B 252 -0.28 43.73 -10.31
C VAL B 252 -1.48 42.81 -10.17
N GLU B 253 -2.66 43.39 -10.00
CA GLU B 253 -3.86 42.62 -9.70
C GLU B 253 -4.32 41.82 -10.91
N ILE B 254 -4.72 40.56 -10.69
CA ILE B 254 -5.27 39.71 -11.72
C ILE B 254 -6.54 39.04 -11.18
N VAL B 255 -7.59 39.00 -12.00
CA VAL B 255 -8.86 38.37 -11.66
C VAL B 255 -9.34 37.53 -12.84
N CYS B 256 -9.87 36.35 -12.55
CA CYS B 256 -10.35 35.43 -13.59
C CYS B 256 -11.70 34.85 -13.19
N THR B 257 -12.56 34.58 -14.18
CA THR B 257 -13.94 34.16 -13.94
C THR B 257 -14.36 32.96 -14.78
N ARG B 258 -15.67 32.67 -14.82
CA ARG B 258 -16.23 31.51 -15.50
C ARG B 258 -17.73 31.74 -15.68
N PRO B 259 -18.39 30.97 -16.58
CA PRO B 259 -19.87 30.88 -16.55
C PRO B 259 -20.41 29.98 -15.43
N ASN B 260 -21.73 29.75 -15.44
CA ASN B 260 -22.43 29.06 -14.36
C ASN B 260 -22.82 27.65 -14.82
N ASN B 261 -22.08 26.65 -14.34
CA ASN B 261 -22.51 25.27 -14.50
C ASN B 261 -23.72 25.00 -13.59
N ASN B 262 -24.51 23.99 -13.96
CA ASN B 262 -25.67 23.67 -13.15
C ASN B 262 -25.25 22.93 -11.89
N THR B 263 -24.67 21.76 -12.04
CA THR B 263 -24.24 20.96 -10.89
C THR B 263 -23.22 19.94 -11.37
N ARG B 264 -22.60 19.28 -10.40
CA ARG B 264 -21.89 18.05 -10.67
C ARG B 264 -22.88 16.90 -10.72
N LYS B 265 -22.73 16.03 -11.71
CA LYS B 265 -23.65 14.93 -11.95
C LYS B 265 -23.05 13.64 -11.38
N SER B 266 -23.79 12.97 -10.52
CA SER B 266 -23.31 11.76 -9.87
C SER B 266 -23.68 10.55 -10.73
N VAL B 267 -22.68 9.92 -11.31
CA VAL B 267 -22.85 8.70 -12.10
C VAL B 267 -22.14 7.58 -11.37
N ARG B 268 -22.87 6.52 -11.06
CA ARG B 268 -22.35 5.42 -10.24
C ARG B 268 -21.74 4.36 -11.13
N ILE B 269 -20.50 3.97 -10.83
CA ILE B 269 -19.81 2.89 -11.51
C ILE B 269 -19.29 1.90 -10.46
N GLY B 270 -19.52 0.61 -10.71
CA GLY B 270 -19.02 -0.43 -9.82
C GLY B 270 -19.71 -0.46 -8.47
N PRO B 271 -19.13 -1.17 -7.51
CA PRO B 271 -19.72 -1.25 -6.16
C PRO B 271 -19.37 -0.06 -5.26
N GLY B 272 -20.07 1.05 -5.47
CA GLY B 272 -20.00 2.18 -4.59
C GLY B 272 -19.17 3.35 -5.07
N GLN B 273 -18.34 3.15 -6.10
CA GLN B 273 -17.58 4.26 -6.67
C GLN B 273 -18.51 5.17 -7.46
N THR B 274 -18.21 6.46 -7.42
CA THR B 274 -19.04 7.46 -8.09
C THR B 274 -18.16 8.59 -8.57
N PHE B 275 -18.14 8.84 -9.88
CA PHE B 275 -17.36 9.95 -10.39
C PHE B 275 -18.33 11.09 -10.68
N TYR B 276 -17.85 12.31 -10.51
CA TYR B 276 -18.68 13.49 -10.68
C TYR B 276 -18.36 14.13 -12.01
N ALA B 277 -19.38 14.45 -12.79
CA ALA B 277 -19.22 14.99 -14.13
C ALA B 277 -20.10 16.22 -14.29
N THR B 278 -19.79 17.00 -15.32
CA THR B 278 -20.49 18.27 -15.54
C THR B 278 -21.89 18.02 -16.06
N GLY B 279 -22.88 18.64 -15.41
CA GLY B 279 -24.25 18.56 -15.88
C GLY B 279 -24.55 19.65 -16.87
N ASP B 280 -25.74 20.25 -16.79
CA ASP B 280 -26.12 21.30 -17.73
C ASP B 280 -25.35 22.59 -17.44
N ILE B 281 -25.51 23.56 -18.33
CA ILE B 281 -25.01 24.92 -18.13
C ILE B 281 -26.22 25.83 -18.24
N ILE B 282 -26.85 26.15 -17.11
CA ILE B 282 -28.04 26.98 -17.14
C ILE B 282 -27.64 28.44 -17.31
N GLY B 283 -28.48 29.18 -18.04
CA GLY B 283 -28.13 30.53 -18.44
C GLY B 283 -27.57 30.57 -19.84
N ASP B 284 -26.72 31.55 -20.12
CA ASP B 284 -26.06 31.64 -21.41
C ASP B 284 -24.65 31.08 -21.32
N ILE B 285 -24.02 30.93 -22.49
CA ILE B 285 -22.68 30.37 -22.59
C ILE B 285 -21.71 31.50 -22.87
N LYS B 286 -20.85 31.80 -21.92
CA LYS B 286 -19.88 32.88 -22.03
C LYS B 286 -18.48 32.32 -21.86
N GLN B 287 -17.48 33.20 -21.85
CA GLN B 287 -16.09 32.81 -21.88
C GLN B 287 -15.44 32.97 -20.51
N ALA B 288 -14.40 32.18 -20.27
CA ALA B 288 -13.56 32.33 -19.09
C ALA B 288 -12.34 33.17 -19.46
N HIS B 289 -12.09 34.22 -18.70
CA HIS B 289 -11.09 35.21 -19.08
C HIS B 289 -10.39 35.74 -17.84
N CYS B 290 -9.15 36.18 -18.02
CA CYS B 290 -8.35 36.77 -16.95
C CYS B 290 -8.08 38.24 -17.25
N ASN B 291 -8.23 39.09 -16.24
CA ASN B 291 -8.18 40.53 -16.41
C ASN B 291 -6.97 41.11 -15.68
N ILE B 292 -6.16 41.89 -16.40
CA ILE B 292 -4.99 42.57 -15.86
C ILE B 292 -5.09 44.04 -16.24
N SER B 293 -4.85 44.92 -15.26
CA SER B 293 -4.84 46.35 -15.53
C SER B 293 -3.72 46.74 -16.49
N GLU B 294 -3.95 47.78 -17.28
CA GLU B 294 -3.09 48.11 -18.40
C GLU B 294 -1.89 48.97 -18.00
N GLU B 295 -2.13 50.06 -17.25
CA GLU B 295 -1.06 50.98 -16.92
C GLU B 295 -0.08 50.38 -15.92
N LYS B 296 -0.61 49.61 -14.95
CA LYS B 296 0.25 48.93 -13.98
C LYS B 296 1.14 47.89 -14.65
N TRP B 297 0.59 47.13 -15.59
CA TRP B 297 1.41 46.17 -16.32
C TRP B 297 2.42 46.88 -17.23
N ASN B 298 2.03 48.02 -17.80
CA ASN B 298 2.92 48.76 -18.69
C ASN B 298 4.13 49.31 -17.94
N ASP B 299 3.91 50.00 -16.81
CA ASP B 299 5.08 50.54 -16.13
C ASP B 299 5.82 49.48 -15.29
N THR B 300 5.16 48.37 -14.93
CA THR B 300 5.88 47.24 -14.37
C THR B 300 6.84 46.62 -15.39
N LEU B 301 6.37 46.44 -16.63
CA LEU B 301 7.22 45.90 -17.67
C LEU B 301 8.33 46.89 -18.06
N GLN B 302 8.04 48.19 -17.99
CA GLN B 302 9.07 49.20 -18.24
C GLN B 302 10.12 49.21 -17.13
N LYS B 303 9.72 49.00 -15.88
CA LYS B 303 10.70 48.93 -14.79
C LYS B 303 11.55 47.68 -14.91
N VAL B 304 10.96 46.56 -15.34
CA VAL B 304 11.74 45.36 -15.63
C VAL B 304 12.72 45.63 -16.77
N GLY B 305 12.30 46.41 -17.76
CA GLY B 305 13.22 46.79 -18.84
C GLY B 305 14.38 47.65 -18.37
N ILE B 306 14.12 48.64 -17.53
CA ILE B 306 15.22 49.50 -17.06
C ILE B 306 16.10 48.79 -16.05
N GLU B 307 15.62 47.73 -15.40
CA GLU B 307 16.48 46.94 -14.55
C GLU B 307 17.24 45.87 -15.32
N LEU B 308 16.72 45.43 -16.46
CA LEU B 308 17.39 44.47 -17.32
C LEU B 308 18.37 45.12 -18.28
N GLN B 309 18.27 46.44 -18.47
CA GLN B 309 19.20 47.17 -19.33
C GLN B 309 20.55 47.38 -18.64
N LYS B 310 20.66 47.13 -17.33
CA LYS B 310 21.95 47.19 -16.66
C LYS B 310 22.89 46.10 -17.15
N HIS B 311 22.36 44.90 -17.41
CA HIS B 311 23.20 43.79 -17.87
C HIS B 311 23.49 43.85 -19.36
N PHE B 312 22.68 44.58 -20.14
CA PHE B 312 22.88 44.72 -21.58
C PHE B 312 22.92 46.20 -21.91
N PRO B 313 24.12 46.78 -22.15
CA PRO B 313 24.28 48.25 -22.09
C PRO B 313 23.58 49.04 -23.19
N ASN B 314 23.76 48.64 -24.44
CA ASN B 314 23.27 49.42 -25.58
C ASN B 314 22.43 48.55 -26.51
N LYS B 315 21.50 47.80 -25.93
CA LYS B 315 20.59 46.96 -26.70
C LYS B 315 19.16 47.24 -26.29
N THR B 316 18.24 47.17 -27.25
CA THR B 316 16.83 47.33 -26.96
C THR B 316 16.25 46.04 -26.39
N ILE B 317 15.11 46.17 -25.72
CA ILE B 317 14.43 45.05 -25.08
C ILE B 317 13.08 44.87 -25.75
N LYS B 318 12.81 43.66 -26.24
CA LYS B 318 11.58 43.35 -26.92
C LYS B 318 10.97 42.08 -26.35
N TYR B 319 9.67 41.90 -26.58
CA TYR B 319 8.96 40.72 -26.11
C TYR B 319 7.99 40.25 -27.19
N ASN B 320 7.74 38.95 -27.22
CA ASN B 320 6.71 38.37 -28.08
C ASN B 320 6.18 37.10 -27.41
N GLN B 321 5.51 36.27 -28.19
CA GLN B 321 4.81 35.09 -27.68
C GLN B 321 5.80 33.99 -27.28
N SER B 322 5.27 32.90 -26.76
CA SER B 322 6.07 31.72 -26.53
C SER B 322 6.33 31.00 -27.85
N ALA B 323 7.34 30.12 -27.86
CA ALA B 323 7.85 29.55 -29.09
C ALA B 323 7.16 28.24 -29.46
N GLY B 324 5.84 28.24 -29.49
CA GLY B 324 5.07 27.12 -30.03
C GLY B 324 5.04 25.85 -29.20
N GLY B 325 4.12 24.95 -29.53
CA GLY B 325 4.00 23.67 -28.86
C GLY B 325 2.58 23.44 -28.40
N ASP B 326 2.44 22.53 -27.43
CA ASP B 326 1.15 22.18 -26.88
C ASP B 326 0.65 23.28 -25.95
N MET B 327 -0.63 23.17 -25.55
CA MET B 327 -1.25 24.18 -24.70
C MET B 327 -0.77 24.12 -23.26
N GLU B 328 -0.09 23.06 -22.84
CA GLU B 328 0.35 22.94 -21.46
C GLU B 328 1.68 23.63 -21.19
N ILE B 329 2.34 24.17 -22.21
CA ILE B 329 3.65 24.79 -22.07
C ILE B 329 3.61 26.28 -22.41
N THR B 330 2.95 26.64 -23.50
CA THR B 330 2.99 27.99 -24.04
C THR B 330 1.95 28.92 -23.43
N THR B 331 1.17 28.46 -22.45
CA THR B 331 0.11 29.25 -21.87
C THR B 331 0.27 29.32 -20.35
N HIS B 332 -0.17 30.43 -19.77
CA HIS B 332 -0.09 30.64 -18.33
C HIS B 332 -1.14 29.77 -17.65
N SER B 333 -0.71 28.73 -16.95
CA SER B 333 -1.60 27.75 -16.35
C SER B 333 -1.52 27.82 -14.84
N PHE B 334 -2.67 27.72 -14.17
CA PHE B 334 -2.72 27.77 -12.73
C PHE B 334 -3.94 26.99 -12.25
N ASN B 335 -4.12 26.96 -10.93
CA ASN B 335 -5.13 26.10 -10.30
C ASN B 335 -5.61 26.79 -9.03
N CYS B 336 -6.76 27.44 -9.10
CA CYS B 336 -7.41 27.91 -7.88
C CYS B 336 -8.90 27.96 -8.11
N GLY B 337 -9.64 27.72 -7.04
CA GLY B 337 -11.05 27.43 -7.13
C GLY B 337 -11.37 25.97 -7.37
N GLY B 338 -10.36 25.14 -7.61
CA GLY B 338 -10.55 23.75 -7.94
C GLY B 338 -10.65 23.46 -9.42
N GLU B 339 -10.67 24.49 -10.28
CA GLU B 339 -10.80 24.34 -11.71
C GLU B 339 -9.54 24.86 -12.39
N PHE B 340 -8.95 24.05 -13.26
CA PHE B 340 -7.69 24.39 -13.90
C PHE B 340 -7.91 25.36 -15.05
N PHE B 341 -6.98 26.30 -15.22
CA PHE B 341 -7.04 27.28 -16.28
C PHE B 341 -5.80 27.14 -17.16
N TYR B 342 -5.93 27.48 -18.44
CA TYR B 342 -4.82 27.51 -19.39
C TYR B 342 -5.01 28.75 -20.26
N CYS B 343 -4.42 29.86 -19.85
CA CYS B 343 -4.75 31.17 -20.39
C CYS B 343 -3.68 31.65 -21.37
N ASN B 344 -4.12 32.14 -22.52
CA ASN B 344 -3.24 32.70 -23.54
C ASN B 344 -2.61 34.00 -23.06
N THR B 345 -1.37 34.23 -23.44
CA THR B 345 -0.62 35.42 -23.03
C THR B 345 0.00 36.12 -24.23
N SER B 346 -0.78 36.33 -25.27
CA SER B 346 -0.29 37.05 -26.45
C SER B 346 -0.46 38.56 -26.34
N ASN B 347 -1.24 39.05 -25.38
CA ASN B 347 -1.45 40.48 -25.22
C ASN B 347 -0.57 41.09 -24.15
N LEU B 348 -0.11 40.29 -23.19
CA LEU B 348 0.74 40.81 -22.12
C LEU B 348 2.14 41.13 -22.62
N PHE B 349 2.74 40.20 -23.36
CA PHE B 349 4.14 40.28 -23.76
C PHE B 349 4.29 40.81 -25.17
N ASN B 350 3.46 41.78 -25.54
CA ASN B 350 3.47 42.40 -26.86
C ASN B 350 3.86 43.86 -26.67
N GLY B 351 5.15 44.13 -26.70
CA GLY B 351 5.65 45.47 -26.46
C GLY B 351 7.16 45.50 -26.61
N THR B 352 7.72 46.69 -26.39
CA THR B 352 9.15 46.90 -26.57
C THR B 352 9.62 48.04 -25.67
N TYR B 353 10.94 48.08 -25.46
CA TYR B 353 11.59 49.17 -24.74
C TYR B 353 12.85 49.56 -25.49
N ASN B 354 13.09 50.86 -25.61
CA ASN B 354 14.22 51.38 -26.38
C ASN B 354 15.15 52.27 -25.55
N GLY B 355 15.02 52.26 -24.23
CA GLY B 355 15.90 53.02 -23.37
C GLY B 355 15.36 54.37 -22.96
N THR B 356 14.29 54.85 -23.60
CA THR B 356 13.68 56.13 -23.27
C THR B 356 12.41 55.87 -22.48
N TYR B 357 12.31 56.48 -21.30
CA TYR B 357 11.14 56.28 -20.45
C TYR B 357 9.93 57.00 -21.00
N ILE B 358 8.77 56.36 -20.89
CA ILE B 358 7.50 56.92 -21.31
C ILE B 358 6.59 56.96 -20.08
N SER B 359 6.23 58.17 -19.65
CA SER B 359 5.37 58.31 -18.49
C SER B 359 3.91 58.08 -18.86
N THR B 360 3.13 57.68 -17.85
CA THR B 360 1.69 57.46 -18.01
C THR B 360 0.99 58.32 -16.95
N ASN B 361 0.74 59.58 -17.27
CA ASN B 361 0.13 60.53 -16.35
C ASN B 361 -1.36 60.62 -16.66
N SER B 362 -2.09 59.57 -16.25
CA SER B 362 -3.54 59.53 -16.45
C SER B 362 -4.14 58.61 -15.38
N SER B 363 -4.98 59.18 -14.52
CA SER B 363 -5.63 58.40 -13.47
C SER B 363 -7.05 57.98 -13.82
N ALA B 364 -7.72 58.72 -14.72
CA ALA B 364 -9.06 58.37 -15.16
C ALA B 364 -9.06 57.38 -16.32
N ASN B 365 -7.89 56.99 -16.82
CA ASN B 365 -7.77 56.02 -17.90
C ASN B 365 -7.46 54.62 -17.39
N SER B 366 -7.69 54.36 -16.10
CA SER B 366 -7.45 53.05 -15.52
C SER B 366 -8.54 52.05 -15.85
N THR B 367 -9.62 52.48 -16.50
CA THR B 367 -10.69 51.57 -16.91
C THR B 367 -10.20 50.60 -18.00
N SER B 368 -9.26 51.04 -18.84
CA SER B 368 -8.71 50.18 -19.88
C SER B 368 -7.89 49.04 -19.27
N THR B 369 -8.14 47.84 -19.75
CA THR B 369 -7.54 46.64 -19.17
C THR B 369 -7.24 45.63 -20.28
N ILE B 370 -6.70 44.49 -19.89
CA ILE B 370 -6.27 43.45 -20.82
C ILE B 370 -7.04 42.18 -20.50
N THR B 371 -7.66 41.59 -21.52
CA THR B 371 -8.41 40.35 -21.38
C THR B 371 -7.64 39.22 -22.07
N LEU B 372 -7.63 38.04 -21.45
CA LEU B 372 -6.94 36.88 -21.96
C LEU B 372 -7.93 35.74 -22.14
N GLN B 373 -7.98 35.17 -23.33
CA GLN B 373 -8.92 34.08 -23.63
C GLN B 373 -8.37 32.78 -23.04
N CYS B 374 -9.05 32.25 -22.03
CA CYS B 374 -8.60 31.06 -21.33
C CYS B 374 -9.32 29.82 -21.83
N ARG B 375 -8.69 28.67 -21.59
CA ARG B 375 -9.28 27.37 -21.83
C ARG B 375 -9.17 26.54 -20.57
N ILE B 376 -10.12 25.65 -20.36
CA ILE B 376 -10.23 24.88 -19.12
C ILE B 376 -10.16 23.39 -19.47
N LYS B 377 -9.25 22.67 -18.81
CA LYS B 377 -9.13 21.23 -18.95
C LYS B 377 -9.60 20.54 -17.69
N GLN B 378 -9.77 19.23 -17.78
CA GLN B 378 -10.13 18.42 -16.63
C GLN B 378 -9.17 17.26 -16.42
N ILE B 379 -8.62 16.69 -17.49
CA ILE B 379 -7.61 15.65 -17.39
C ILE B 379 -6.24 16.34 -17.36
N ILE B 380 -5.50 16.11 -16.30
CA ILE B 380 -4.39 16.98 -15.91
C ILE B 380 -3.09 16.18 -15.92
N ASN B 381 -2.05 16.73 -16.56
CA ASN B 381 -0.79 16.03 -16.83
C ASN B 381 0.41 16.87 -16.39
N MET B 382 0.42 17.34 -15.14
CA MET B 382 1.50 18.20 -14.64
C MET B 382 2.88 17.54 -14.60
N TRP B 383 3.05 16.54 -13.76
CA TRP B 383 4.37 16.05 -13.38
C TRP B 383 4.64 14.71 -14.02
N GLN B 384 5.72 14.64 -14.79
CA GLN B 384 6.06 13.40 -15.48
C GLN B 384 6.62 12.38 -14.49
N GLY B 385 6.10 11.15 -14.56
CA GLY B 385 6.60 10.07 -13.73
C GLY B 385 5.90 9.87 -12.41
N VAL B 386 4.71 10.42 -12.22
CA VAL B 386 3.96 10.25 -10.98
C VAL B 386 2.63 9.54 -11.23
N GLY B 387 2.18 9.43 -12.48
CA GLY B 387 0.84 8.99 -12.76
C GLY B 387 -0.07 10.18 -13.02
N ARG B 388 0.38 11.05 -13.93
CA ARG B 388 -0.23 12.35 -14.17
C ARG B 388 -1.49 12.22 -15.04
N CYS B 389 -2.52 11.61 -14.45
CA CYS B 389 -3.82 11.52 -15.10
C CYS B 389 -4.90 11.78 -14.06
N MET B 390 -4.71 12.81 -13.25
CA MET B 390 -5.74 13.20 -12.29
C MET B 390 -6.92 13.83 -13.02
N TYR B 391 -8.12 13.37 -12.70
CA TYR B 391 -9.35 13.95 -13.23
C TYR B 391 -9.91 14.93 -12.20
N ALA B 392 -9.90 16.21 -12.52
CA ALA B 392 -10.44 17.21 -11.62
C ALA B 392 -11.97 17.23 -11.71
N PRO B 393 -12.70 16.97 -10.62
CA PRO B 393 -14.16 16.98 -10.71
C PRO B 393 -14.68 18.40 -10.87
N PRO B 394 -15.82 18.57 -11.54
CA PRO B 394 -16.37 19.91 -11.74
C PRO B 394 -17.00 20.46 -10.47
N ILE B 395 -17.23 21.76 -10.50
CA ILE B 395 -17.71 22.53 -9.36
C ILE B 395 -18.93 23.34 -9.80
N ALA B 396 -19.76 23.69 -8.81
CA ALA B 396 -21.14 24.09 -9.10
C ALA B 396 -21.24 25.52 -9.65
N GLY B 397 -20.86 26.50 -8.85
CA GLY B 397 -21.17 27.88 -9.16
C GLY B 397 -20.11 28.57 -10.01
N ASN B 398 -20.25 29.88 -10.15
CA ASN B 398 -19.23 30.69 -10.77
C ASN B 398 -18.06 30.86 -9.79
N ILE B 399 -16.88 31.14 -10.33
CA ILE B 399 -15.67 31.28 -9.52
C ILE B 399 -14.96 32.58 -9.87
N THR B 400 -14.19 33.09 -8.91
CA THR B 400 -13.46 34.34 -9.05
C THR B 400 -12.05 34.12 -8.49
N CYS B 401 -11.08 34.79 -9.10
CA CYS B 401 -9.65 34.53 -8.96
C CYS B 401 -8.92 35.81 -8.54
N ARG B 402 -9.38 36.44 -7.46
CA ARG B 402 -8.77 37.69 -7.03
C ARG B 402 -7.38 37.42 -6.48
N SER B 403 -6.38 37.50 -7.35
CA SER B 403 -5.04 36.99 -7.09
C SER B 403 -4.01 38.12 -7.18
N ASN B 404 -2.74 37.72 -7.14
CA ASN B 404 -1.62 38.63 -6.96
C ASN B 404 -0.43 38.05 -7.71
N ILE B 405 0.29 38.89 -8.43
CA ILE B 405 1.46 38.47 -9.19
C ILE B 405 2.71 39.01 -8.48
N THR B 406 3.77 38.19 -8.43
CA THR B 406 5.02 38.60 -7.82
C THR B 406 6.25 38.39 -8.69
N GLY B 407 6.13 37.73 -9.84
CA GLY B 407 7.32 37.47 -10.62
C GLY B 407 7.01 37.08 -12.04
N LEU B 408 8.07 36.90 -12.82
CA LEU B 408 7.99 36.46 -14.20
C LEU B 408 9.07 35.41 -14.43
N LEU B 409 8.88 34.58 -15.45
CA LEU B 409 9.87 33.59 -15.86
C LEU B 409 10.15 33.80 -17.34
N LEU B 410 11.07 34.70 -17.65
CA LEU B 410 11.44 34.98 -19.02
C LEU B 410 12.46 33.97 -19.52
N THR B 411 12.82 34.08 -20.80
CA THR B 411 13.88 33.27 -21.39
C THR B 411 14.37 34.02 -22.62
N ARG B 412 15.67 34.30 -22.67
CA ARG B 412 16.25 35.04 -23.78
C ARG B 412 16.24 34.19 -25.05
N ASP B 413 15.95 34.82 -26.18
CA ASP B 413 15.92 34.14 -27.47
C ASP B 413 17.32 34.08 -28.07
N GLY B 414 17.51 33.12 -28.96
CA GLY B 414 18.77 32.99 -29.67
C GLY B 414 18.96 34.08 -30.70
N GLY B 415 19.89 35.00 -30.43
CA GLY B 415 20.08 36.14 -31.30
C GLY B 415 20.81 35.78 -32.59
N THR B 416 20.57 36.60 -33.61
CA THR B 416 21.21 36.43 -34.89
C THR B 416 22.51 37.25 -34.93
N ASN B 417 23.10 37.39 -36.11
CA ASN B 417 24.39 38.07 -36.24
C ASN B 417 24.20 39.59 -36.18
N SER B 418 25.01 40.23 -35.33
CA SER B 418 25.07 41.69 -35.17
C SER B 418 23.72 42.29 -34.79
N ASN B 419 23.00 41.59 -33.90
CA ASN B 419 21.66 42.01 -33.50
C ASN B 419 21.73 42.97 -32.31
N GLU B 420 20.75 43.88 -32.27
CA GLU B 420 20.61 44.81 -31.15
C GLU B 420 19.18 44.83 -30.62
N THR B 421 18.40 43.80 -30.93
CA THR B 421 16.98 43.70 -30.61
C THR B 421 16.68 42.37 -29.94
N GLU B 422 17.42 42.07 -28.87
CA GLU B 422 17.25 40.82 -28.13
C GLU B 422 15.85 40.71 -27.53
N THR B 423 15.13 39.67 -27.93
CA THR B 423 13.74 39.46 -27.53
C THR B 423 13.67 38.47 -26.38
N PHE B 424 12.77 38.75 -25.44
CA PHE B 424 12.58 37.90 -24.26
C PHE B 424 11.22 37.23 -24.35
N ARG B 425 11.22 35.90 -24.30
CA ARG B 425 10.01 35.12 -24.35
C ARG B 425 9.71 34.49 -23.00
N PRO B 426 8.43 34.39 -22.62
CA PRO B 426 8.09 33.65 -21.41
C PRO B 426 8.29 32.15 -21.59
N ALA B 427 8.54 31.49 -20.46
CA ALA B 427 8.73 30.04 -20.48
C ALA B 427 8.33 29.47 -19.13
N GLY B 428 7.85 28.24 -19.15
CA GLY B 428 7.43 27.56 -17.94
C GLY B 428 8.49 26.64 -17.40
N GLY B 429 8.32 25.34 -17.61
CA GLY B 429 9.30 24.35 -17.19
C GLY B 429 8.94 23.66 -15.89
N ASP B 430 9.96 23.11 -15.25
CA ASP B 430 9.77 22.38 -14.01
C ASP B 430 9.51 23.34 -12.85
N MET B 431 9.04 22.77 -11.75
CA MET B 431 8.63 23.55 -10.58
C MET B 431 9.80 23.97 -9.70
N ARG B 432 11.02 23.50 -10.01
CA ARG B 432 12.19 23.92 -9.27
C ARG B 432 12.48 25.41 -9.47
N ASP B 433 12.04 25.99 -10.59
CA ASP B 433 12.17 27.42 -10.80
C ASP B 433 11.30 28.22 -9.83
N ASN B 434 10.06 27.78 -9.62
CA ASN B 434 9.19 28.40 -8.63
C ASN B 434 9.76 28.27 -7.22
N TRP B 435 10.10 27.03 -6.84
CA TRP B 435 10.54 26.79 -5.47
C TRP B 435 11.99 27.19 -5.24
N ARG B 436 12.72 27.61 -6.26
CA ARG B 436 14.01 28.24 -6.10
C ARG B 436 13.91 29.75 -6.12
N SER B 437 12.88 30.30 -6.78
CA SER B 437 12.58 31.72 -6.62
C SER B 437 12.07 32.02 -5.22
N GLU B 438 11.43 31.05 -4.56
CA GLU B 438 10.96 31.30 -3.21
C GLU B 438 12.03 31.02 -2.15
N LEU B 439 12.84 29.97 -2.34
CA LEU B 439 13.83 29.54 -1.35
C LEU B 439 15.23 30.03 -1.68
N TYR B 440 15.37 31.24 -2.20
CA TYR B 440 16.69 31.75 -2.56
C TYR B 440 17.51 32.20 -1.36
N LYS B 441 16.86 32.56 -0.25
CA LYS B 441 17.58 33.11 0.88
C LYS B 441 18.35 32.03 1.65
N TYR B 442 17.75 30.87 1.84
CA TYR B 442 18.15 29.95 2.90
C TYR B 442 19.24 28.99 2.46
N LYS B 443 19.96 28.48 3.45
CA LYS B 443 21.03 27.50 3.26
C LYS B 443 21.21 26.74 4.56
N VAL B 444 21.29 25.42 4.46
CA VAL B 444 21.35 24.55 5.63
C VAL B 444 22.81 24.19 5.92
N VAL B 445 23.19 24.23 7.20
CA VAL B 445 24.54 23.95 7.64
C VAL B 445 24.50 22.95 8.79
N LYS B 446 25.67 22.40 9.11
CA LYS B 446 25.83 21.40 10.16
C LYS B 446 26.74 21.97 11.23
N ILE B 447 26.33 21.84 12.49
CA ILE B 447 27.08 22.37 13.62
C ILE B 447 28.06 21.30 14.09
N GLU B 448 29.33 21.68 14.21
CA GLU B 448 30.37 20.79 14.76
C GLU B 448 30.88 21.39 16.06
N PRO B 449 30.44 20.89 17.22
CA PRO B 449 30.76 21.58 18.48
C PRO B 449 32.18 21.37 18.98
N LEU B 450 32.87 20.29 18.58
CA LEU B 450 34.22 20.06 19.06
C LEU B 450 35.21 20.99 18.37
N GLY B 451 36.34 21.20 19.02
CA GLY B 451 37.39 22.03 18.47
C GLY B 451 38.59 22.12 19.39
N VAL B 452 39.80 22.04 18.83
CA VAL B 452 41.02 22.08 19.63
C VAL B 452 41.78 23.36 19.30
N ALA B 453 42.52 23.86 20.30
CA ALA B 453 43.29 25.09 20.16
C ALA B 453 44.41 25.07 21.19
N PRO B 454 45.58 25.61 20.88
CA PRO B 454 46.69 25.55 21.84
C PRO B 454 46.71 26.72 22.81
N THR B 455 47.11 26.43 24.05
CA THR B 455 47.30 27.43 25.07
C THR B 455 48.34 26.91 26.06
N ARG B 456 48.45 27.58 27.20
CA ARG B 456 49.45 27.25 28.22
C ARG B 456 48.93 26.26 29.26
N CYS B 457 47.76 25.69 29.05
CA CYS B 457 47.14 24.83 30.06
C CYS B 457 47.68 23.42 29.93
N LYS B 458 48.49 22.99 30.91
CA LYS B 458 48.99 21.63 31.00
C LYS B 458 48.23 20.91 32.10
N ARG B 459 47.71 19.72 31.79
CA ARG B 459 46.86 19.00 32.74
C ARG B 459 47.68 18.47 33.90
N ARG B 460 47.17 18.68 35.12
CA ARG B 460 47.87 18.26 36.32
C ARG B 460 47.71 16.77 36.53
N VAL B 461 48.80 16.09 36.86
CA VAL B 461 48.79 14.66 37.10
C VAL B 461 48.52 14.37 38.57
N GLU C 2 48.25 -6.27 47.67
CA GLU C 2 48.55 -7.65 48.07
C GLU C 2 47.31 -8.52 47.97
N ASN C 3 46.14 -7.90 48.17
CA ASN C 3 44.87 -8.60 48.05
C ASN C 3 44.30 -8.45 46.65
N LEU C 4 43.20 -9.12 46.38
CA LEU C 4 42.57 -9.12 45.06
C LEU C 4 41.29 -8.28 45.12
N TRP C 5 41.14 -7.37 44.17
CA TRP C 5 40.00 -6.49 44.09
C TRP C 5 39.45 -6.47 42.67
N VAL C 6 38.14 -6.30 42.56
CA VAL C 6 37.45 -6.37 41.28
C VAL C 6 37.68 -5.06 40.52
N THR C 7 38.13 -5.18 39.28
CA THR C 7 38.32 -4.04 38.39
C THR C 7 37.37 -4.16 37.21
N VAL C 8 36.95 -3.02 36.67
CA VAL C 8 36.00 -2.99 35.56
C VAL C 8 36.70 -2.40 34.35
N TYR C 9 36.75 -3.17 33.26
CA TYR C 9 37.34 -2.75 32.01
C TYR C 9 36.24 -2.51 30.99
N TYR C 10 36.28 -1.37 30.32
CA TYR C 10 35.36 -1.06 29.23
C TYR C 10 36.16 -1.06 27.92
N GLY C 11 35.91 -2.05 27.08
CA GLY C 11 36.70 -2.23 25.88
C GLY C 11 37.32 -3.60 25.77
N VAL C 12 36.69 -4.57 26.42
CA VAL C 12 37.20 -5.95 26.41
C VAL C 12 36.84 -6.59 25.07
N PRO C 13 37.81 -7.15 24.33
CA PRO C 13 37.52 -7.83 23.04
C PRO C 13 37.08 -9.29 23.16
N VAL C 14 35.78 -9.49 23.41
CA VAL C 14 35.21 -10.84 23.50
C VAL C 14 33.95 -10.89 22.63
N TRP C 15 33.49 -12.11 22.37
CA TRP C 15 32.34 -12.28 21.48
C TRP C 15 31.39 -13.32 22.06
N LYS C 16 30.12 -13.19 21.67
CA LYS C 16 29.13 -14.27 21.80
C LYS C 16 28.35 -14.36 20.51
N GLU C 17 27.77 -15.54 20.28
CA GLU C 17 26.97 -15.77 19.07
C GLU C 17 25.67 -14.98 19.13
N ALA C 18 25.30 -14.37 18.00
CA ALA C 18 24.07 -13.58 17.96
C ALA C 18 23.57 -13.51 16.53
N LYS C 19 22.31 -13.12 16.40
CA LYS C 19 21.65 -12.93 15.11
C LYS C 19 21.27 -11.47 14.96
N THR C 20 21.57 -10.89 13.79
CA THR C 20 21.25 -9.50 13.51
C THR C 20 20.67 -9.39 12.11
N THR C 21 20.31 -8.18 11.72
CA THR C 21 19.76 -7.90 10.39
C THR C 21 20.85 -7.22 9.58
N LEU C 22 21.49 -8.00 8.71
CA LEU C 22 22.51 -7.47 7.81
C LEU C 22 21.86 -6.58 6.77
N PHE C 23 22.50 -5.47 6.44
CA PHE C 23 22.00 -4.58 5.40
C PHE C 23 22.80 -4.78 4.12
N CYS C 24 22.13 -4.66 2.98
CA CYS C 24 22.75 -4.92 1.70
C CYS C 24 23.66 -3.75 1.30
N ALA C 25 24.58 -4.05 0.39
CA ALA C 25 25.49 -3.04 -0.15
C ALA C 25 25.87 -3.46 -1.57
N SER C 26 26.35 -2.48 -2.33
CA SER C 26 26.73 -2.73 -3.71
C SER C 26 27.81 -1.74 -4.13
N ASP C 27 28.46 -2.05 -5.24
CA ASP C 27 29.51 -1.19 -5.78
C ASP C 27 28.92 0.09 -6.35
N ALA C 28 29.76 1.12 -6.44
CA ALA C 28 29.32 2.45 -6.82
C ALA C 28 29.12 2.62 -8.32
N ARG C 29 29.59 1.68 -9.14
CA ARG C 29 29.48 1.81 -10.59
C ARG C 29 28.10 1.45 -11.13
N ALA C 30 27.27 0.77 -10.33
CA ALA C 30 25.96 0.32 -10.79
C ALA C 30 24.84 1.29 -10.46
N TYR C 31 25.14 2.42 -9.81
CA TYR C 31 24.12 3.38 -9.40
C TYR C 31 23.97 4.54 -10.37
N GLU C 32 24.70 4.55 -11.48
CA GLU C 32 24.60 5.60 -12.48
C GLU C 32 23.63 5.27 -13.61
N LYS C 33 22.92 4.15 -13.51
CA LYS C 33 21.96 3.75 -14.51
C LYS C 33 20.60 4.41 -14.22
N GLU C 34 19.56 3.96 -14.92
CA GLU C 34 18.23 4.50 -14.72
C GLU C 34 17.62 3.97 -13.42
N VAL C 35 16.48 4.56 -13.04
CA VAL C 35 15.81 4.18 -11.81
C VAL C 35 15.16 2.81 -11.97
N HIS C 36 15.33 1.95 -10.96
CA HIS C 36 14.84 0.56 -10.92
C HIS C 36 15.30 -0.25 -12.13
N ASN C 37 16.55 -0.04 -12.53
CA ASN C 37 17.13 -0.85 -13.60
C ASN C 37 17.49 -2.24 -13.09
N VAL C 38 18.39 -2.31 -12.10
CA VAL C 38 18.81 -3.57 -11.49
C VAL C 38 18.48 -3.40 -10.00
N TRP C 39 18.35 -4.54 -9.30
CA TRP C 39 17.78 -4.60 -7.95
C TRP C 39 18.55 -3.77 -6.92
N ALA C 40 19.87 -3.66 -7.07
CA ALA C 40 20.69 -3.02 -6.04
C ALA C 40 20.55 -1.50 -6.02
N THR C 41 19.89 -0.90 -7.00
CA THR C 41 19.76 0.55 -7.04
C THR C 41 18.78 1.05 -5.99
N HIS C 42 17.63 0.39 -5.86
CA HIS C 42 16.55 0.86 -5.01
C HIS C 42 16.38 0.02 -3.75
N ALA C 43 17.36 -0.80 -3.39
CA ALA C 43 17.27 -1.63 -2.20
C ALA C 43 18.53 -1.64 -1.34
N CYS C 44 19.66 -1.15 -1.83
CA CYS C 44 20.91 -1.19 -1.08
C CYS C 44 21.53 0.20 -1.00
N VAL C 45 22.76 0.28 -0.50
CA VAL C 45 23.47 1.55 -0.35
C VAL C 45 24.81 1.47 -1.07
N PRO C 46 25.21 2.50 -1.81
CA PRO C 46 26.56 2.50 -2.40
C PRO C 46 27.63 2.59 -1.32
N THR C 47 28.73 1.88 -1.54
CA THR C 47 29.84 1.86 -0.61
C THR C 47 31.10 1.43 -1.34
N ASP C 48 32.23 1.63 -0.68
CA ASP C 48 33.50 1.12 -1.18
C ASP C 48 33.51 -0.41 -1.09
N PRO C 49 34.22 -1.08 -2.01
CA PRO C 49 34.49 -2.52 -1.80
C PRO C 49 35.28 -2.79 -0.53
N SER C 50 36.19 -1.89 -0.17
CA SER C 50 36.96 -1.84 1.08
C SER C 50 37.70 -3.13 1.38
N PRO C 51 38.80 -3.43 0.68
CA PRO C 51 39.59 -4.62 1.03
C PRO C 51 40.35 -4.42 2.34
N GLN C 52 39.65 -4.54 3.46
CA GLN C 52 40.22 -4.31 4.78
C GLN C 52 40.20 -5.63 5.55
N GLU C 53 40.61 -6.69 4.87
CA GLU C 53 40.75 -7.99 5.51
C GLU C 53 41.96 -7.98 6.43
N LEU C 54 41.74 -8.24 7.71
CA LEU C 54 42.80 -8.27 8.70
C LEU C 54 42.83 -9.65 9.34
N VAL C 55 43.97 -10.33 9.25
CA VAL C 55 44.12 -11.64 9.86
C VAL C 55 44.39 -11.46 11.35
N LEU C 56 43.78 -12.32 12.17
CA LEU C 56 43.95 -12.23 13.60
C LEU C 56 45.14 -13.07 14.04
N GLY C 57 45.55 -12.89 15.30
CA GLY C 57 46.79 -13.46 15.77
C GLY C 57 46.83 -14.96 15.93
N ASN C 58 46.08 -15.50 16.89
CA ASN C 58 46.11 -16.92 17.19
C ASN C 58 44.74 -17.42 17.63
N VAL C 59 43.69 -16.99 16.93
CA VAL C 59 42.32 -17.24 17.34
C VAL C 59 41.82 -18.53 16.71
N THR C 60 41.20 -19.38 17.52
CA THR C 60 40.51 -20.58 17.05
C THR C 60 39.04 -20.44 17.37
N GLU C 61 38.19 -20.52 16.35
CA GLU C 61 36.76 -20.30 16.48
C GLU C 61 36.00 -21.45 15.84
N ASN C 62 34.97 -21.95 16.52
CA ASN C 62 34.16 -23.05 16.02
C ASN C 62 33.17 -22.52 15.00
N PHE C 63 33.41 -22.79 13.72
CA PHE C 63 32.53 -22.38 12.66
C PHE C 63 31.42 -23.40 12.43
N ASN C 64 30.39 -22.97 11.71
CA ASN C 64 29.35 -23.87 11.22
C ASN C 64 28.77 -23.27 9.96
N MET C 65 28.38 -24.13 9.03
CA MET C 65 27.87 -23.72 7.73
C MET C 65 26.36 -23.89 7.61
N TRP C 66 25.84 -25.03 8.05
CA TRP C 66 24.42 -25.34 7.87
C TRP C 66 23.52 -24.67 8.90
N LYS C 67 24.06 -24.17 10.00
CA LYS C 67 23.31 -23.38 10.95
C LYS C 67 23.79 -21.94 10.81
N ASN C 68 23.21 -21.23 9.86
CA ASN C 68 23.62 -19.87 9.53
C ASN C 68 22.37 -19.02 9.37
N ASP C 69 22.27 -17.95 10.15
CA ASP C 69 21.12 -17.05 10.06
C ASP C 69 21.16 -16.20 8.79
N MET C 70 22.36 -15.86 8.31
CA MET C 70 22.46 -14.92 7.21
C MET C 70 22.08 -15.55 5.88
N VAL C 71 22.14 -16.88 5.78
CA VAL C 71 21.60 -17.57 4.61
C VAL C 71 20.09 -17.40 4.52
N ASP C 72 19.41 -17.58 5.67
CA ASP C 72 17.97 -17.37 5.75
C ASP C 72 17.61 -15.91 5.51
N GLN C 73 18.44 -14.99 6.02
CA GLN C 73 18.22 -13.57 5.79
C GLN C 73 18.35 -13.20 4.32
N MET C 74 19.34 -13.77 3.63
CA MET C 74 19.52 -13.52 2.21
C MET C 74 18.38 -14.10 1.38
N HIS C 75 17.92 -15.31 1.74
CA HIS C 75 16.79 -15.93 1.03
C HIS C 75 15.52 -15.11 1.21
N GLU C 76 15.23 -14.66 2.43
CA GLU C 76 14.03 -13.87 2.68
C GLU C 76 14.13 -12.49 2.03
N ASP C 77 15.33 -11.90 1.99
CA ASP C 77 15.51 -10.61 1.33
C ASP C 77 15.29 -10.72 -0.17
N ILE C 78 15.79 -11.79 -0.79
CA ILE C 78 15.61 -11.97 -2.23
C ILE C 78 14.15 -12.27 -2.56
N ILE C 79 13.47 -13.06 -1.71
CA ILE C 79 12.04 -13.34 -1.93
C ILE C 79 11.21 -12.06 -1.79
N SER C 80 11.49 -11.24 -0.77
CA SER C 80 10.74 -10.00 -0.57
C SER C 80 11.05 -8.99 -1.67
N LEU C 81 12.28 -8.96 -2.17
CA LEU C 81 12.63 -8.08 -3.28
C LEU C 81 11.92 -8.49 -4.56
N TRP C 82 11.82 -9.80 -4.82
CA TRP C 82 11.09 -10.24 -6.00
C TRP C 82 9.59 -10.05 -5.85
N ASP C 83 9.09 -10.06 -4.62
CA ASP C 83 7.71 -9.66 -4.39
C ASP C 83 7.50 -8.18 -4.68
N GLN C 84 8.46 -7.34 -4.28
CA GLN C 84 8.32 -5.91 -4.48
C GLN C 84 8.49 -5.49 -5.94
N SER C 85 9.34 -6.20 -6.69
CA SER C 85 9.62 -5.78 -8.06
C SER C 85 8.49 -6.09 -9.03
N LEU C 86 7.57 -6.98 -8.66
CA LEU C 86 6.42 -7.30 -9.50
C LEU C 86 5.17 -6.54 -9.07
N LYS C 87 5.31 -5.56 -8.16
CA LYS C 87 4.14 -4.80 -7.71
C LYS C 87 3.59 -3.84 -8.77
N PRO C 88 4.31 -2.80 -9.22
CA PRO C 88 3.63 -1.68 -9.87
C PRO C 88 3.28 -1.92 -11.34
N CYS C 89 3.47 -3.12 -11.87
CA CYS C 89 3.20 -3.41 -13.27
C CYS C 89 2.77 -4.87 -13.41
N VAL C 90 1.45 -5.10 -13.35
CA VAL C 90 0.83 -6.39 -13.57
C VAL C 90 -0.20 -6.24 -14.70
N LYS C 91 -0.10 -7.10 -15.72
CA LYS C 91 -0.91 -6.86 -16.91
C LYS C 91 -1.37 -8.12 -17.65
N LEU C 92 -1.59 -9.23 -16.95
CA LEU C 92 -2.02 -10.44 -17.67
C LEU C 92 -3.23 -11.13 -17.03
N THR C 93 -3.99 -10.42 -16.20
CA THR C 93 -5.27 -11.00 -15.78
C THR C 93 -6.39 -11.10 -16.84
N PRO C 94 -6.47 -10.29 -17.96
CA PRO C 94 -7.57 -10.56 -18.90
C PRO C 94 -7.24 -11.55 -20.01
N LEU C 95 -6.13 -12.29 -19.88
CA LEU C 95 -5.79 -13.29 -20.88
C LEU C 95 -6.33 -14.68 -20.56
N CYS C 96 -7.15 -14.81 -19.53
CA CYS C 96 -7.73 -16.11 -19.17
C CYS C 96 -8.96 -16.39 -20.03
N VAL C 97 -8.70 -16.61 -21.32
CA VAL C 97 -9.77 -16.88 -22.28
C VAL C 97 -9.43 -18.17 -23.03
N THR C 98 -10.37 -18.64 -23.85
CA THR C 98 -10.11 -19.81 -24.67
C THR C 98 -9.16 -19.45 -25.79
N LEU C 99 -8.15 -20.30 -25.98
CA LEU C 99 -7.16 -20.11 -27.05
C LEU C 99 -7.40 -21.21 -28.08
N ILE C 100 -7.83 -20.82 -29.28
CA ILE C 100 -8.05 -21.78 -30.35
C ILE C 100 -6.72 -22.05 -31.04
N CYS C 101 -5.97 -23.02 -30.54
CA CYS C 101 -4.63 -23.29 -31.03
C CYS C 101 -4.66 -24.41 -32.05
N SER C 102 -4.04 -24.15 -33.21
CA SER C 102 -3.82 -25.15 -34.24
C SER C 102 -2.32 -25.37 -34.36
N ASP C 103 -1.93 -26.20 -35.33
CA ASP C 103 -0.52 -26.36 -35.62
C ASP C 103 0.02 -25.09 -36.28
N ALA C 104 1.31 -24.85 -36.09
CA ALA C 104 1.92 -23.59 -36.51
C ALA C 104 2.24 -23.63 -38.00
N GLY C 105 2.99 -22.63 -38.47
CA GLY C 105 3.21 -22.49 -39.89
C GLY C 105 4.18 -23.51 -40.46
N SER C 106 3.97 -23.84 -41.73
CA SER C 106 4.77 -24.72 -42.60
C SER C 106 4.76 -26.18 -42.16
N GLY C 107 4.05 -26.55 -41.09
CA GLY C 107 3.96 -27.93 -40.68
C GLY C 107 5.23 -28.55 -40.12
N GLY C 108 6.19 -27.74 -39.70
CA GLY C 108 7.45 -28.27 -39.22
C GLY C 108 7.89 -27.68 -37.89
N VAL C 109 6.92 -27.39 -37.02
CA VAL C 109 7.17 -26.77 -35.73
C VAL C 109 6.88 -27.81 -34.64
N GLU C 110 7.85 -28.01 -33.75
CA GLU C 110 7.78 -29.07 -32.76
C GLU C 110 7.46 -28.58 -31.36
N GLU C 111 7.33 -27.27 -31.15
CA GLU C 111 7.12 -26.78 -29.78
C GLU C 111 6.05 -25.70 -29.67
N MET C 112 5.60 -25.09 -30.77
CA MET C 112 4.70 -23.94 -30.68
C MET C 112 3.40 -24.17 -31.45
N LYS C 113 2.32 -23.61 -30.89
CA LYS C 113 0.99 -23.56 -31.51
C LYS C 113 0.57 -22.09 -31.42
N ASN C 114 -0.23 -21.56 -32.38
CA ASN C 114 -0.19 -20.10 -32.39
C ASN C 114 -1.16 -19.52 -31.37
N CYS C 115 -2.28 -20.21 -31.11
CA CYS C 115 -3.27 -19.88 -30.08
C CYS C 115 -3.87 -18.48 -30.30
N SER C 116 -4.66 -18.40 -31.38
CA SER C 116 -5.45 -17.19 -31.63
C SER C 116 -6.55 -17.06 -30.59
N PHE C 117 -6.69 -15.86 -30.02
CA PHE C 117 -7.68 -15.62 -28.98
C PHE C 117 -8.40 -14.30 -29.22
N ASN C 118 -9.60 -14.21 -28.65
CA ASN C 118 -10.38 -12.97 -28.64
C ASN C 118 -9.99 -12.18 -27.40
N THR C 119 -9.44 -10.99 -27.61
CA THR C 119 -8.91 -10.19 -26.52
C THR C 119 -9.62 -8.84 -26.45
N THR C 120 -9.40 -8.16 -25.33
CA THR C 120 -10.01 -6.85 -25.07
C THR C 120 -9.01 -5.76 -25.40
N THR C 121 -9.43 -4.80 -26.21
CA THR C 121 -8.60 -3.65 -26.55
C THR C 121 -8.71 -2.60 -25.44
N GLU C 122 -8.17 -1.40 -25.67
CA GLU C 122 -8.24 -0.35 -24.66
C GLU C 122 -9.65 0.20 -24.50
N ILE C 123 -10.53 -0.03 -25.46
CA ILE C 123 -11.94 0.34 -25.38
C ILE C 123 -12.72 -0.87 -24.89
N ARG C 124 -13.58 -0.68 -23.90
CA ARG C 124 -14.23 -1.81 -23.24
C ARG C 124 -15.29 -2.46 -24.11
N ASP C 125 -16.00 -1.68 -24.93
CA ASP C 125 -17.16 -2.23 -25.63
C ASP C 125 -16.79 -3.13 -26.81
N LYS C 126 -15.70 -2.83 -27.50
CA LYS C 126 -15.30 -3.58 -28.68
C LYS C 126 -14.10 -4.47 -28.37
N GLU C 127 -13.95 -5.51 -29.19
CA GLU C 127 -12.88 -6.48 -29.05
C GLU C 127 -12.27 -6.75 -30.41
N LYS C 128 -11.16 -7.48 -30.43
CA LYS C 128 -10.48 -7.79 -31.67
C LYS C 128 -9.79 -9.14 -31.56
N LYS C 129 -9.47 -9.70 -32.73
CA LYS C 129 -8.84 -11.01 -32.82
C LYS C 129 -7.33 -10.87 -32.89
N GLU C 130 -6.62 -11.65 -32.07
CA GLU C 130 -5.17 -11.56 -31.99
C GLU C 130 -4.59 -12.97 -31.88
N TYR C 131 -3.35 -13.13 -32.33
CA TYR C 131 -2.65 -14.41 -32.32
C TYR C 131 -1.29 -14.24 -31.64
N ALA C 132 -0.61 -15.35 -31.38
CA ALA C 132 0.64 -15.32 -30.64
C ALA C 132 1.51 -16.53 -31.02
N LEU C 133 2.47 -16.85 -30.16
CA LEU C 133 3.25 -18.09 -30.19
C LEU C 133 3.54 -18.49 -28.76
N PHE C 134 2.83 -19.51 -28.27
CA PHE C 134 3.02 -20.01 -26.93
C PHE C 134 3.70 -21.37 -26.97
N TYR C 135 4.40 -21.72 -25.90
CA TYR C 135 5.14 -22.96 -25.84
C TYR C 135 4.23 -24.10 -25.38
N LYS C 136 4.62 -25.33 -25.70
CA LYS C 136 3.88 -26.50 -25.23
C LYS C 136 3.83 -26.67 -23.70
N PRO C 137 4.92 -26.49 -22.91
CA PRO C 137 4.74 -26.59 -21.45
C PRO C 137 3.92 -25.46 -20.83
N ASP C 138 3.70 -24.37 -21.55
CA ASP C 138 2.94 -23.25 -21.03
C ASP C 138 1.43 -23.38 -21.27
N ILE C 139 1.00 -24.38 -22.03
CA ILE C 139 -0.37 -24.45 -22.53
C ILE C 139 -0.98 -25.79 -22.12
N VAL C 140 -2.16 -25.73 -21.51
CA VAL C 140 -2.86 -26.91 -21.01
C VAL C 140 -4.26 -26.91 -21.62
N PRO C 141 -4.69 -27.99 -22.28
CA PRO C 141 -6.03 -28.02 -22.87
C PRO C 141 -7.11 -28.16 -21.81
N LEU C 142 -8.29 -27.63 -22.13
CA LEU C 142 -9.47 -27.81 -21.29
C LEU C 142 -10.57 -28.42 -22.16
N SER C 143 -11.15 -29.51 -21.66
CA SER C 143 -12.27 -30.20 -22.29
C SER C 143 -12.82 -31.23 -21.32
N GLU C 144 -13.99 -31.77 -21.65
CA GLU C 144 -14.52 -32.97 -21.04
C GLU C 144 -14.45 -34.17 -21.98
N THR C 145 -13.91 -33.97 -23.19
CA THR C 145 -13.83 -35.00 -24.21
C THR C 145 -12.58 -34.75 -25.03
N ASN C 146 -12.49 -35.34 -26.22
CA ASN C 146 -11.37 -35.11 -27.12
C ASN C 146 -11.68 -33.88 -27.97
N ASN C 147 -11.35 -32.70 -27.44
CA ASN C 147 -11.48 -31.45 -28.15
C ASN C 147 -10.07 -30.91 -28.39
N THR C 148 -9.64 -30.90 -29.65
CA THR C 148 -8.27 -30.59 -30.01
C THR C 148 -8.07 -29.12 -30.40
N SER C 149 -9.12 -28.30 -30.34
CA SER C 149 -9.03 -26.92 -30.78
C SER C 149 -9.35 -25.93 -29.66
N GLU C 150 -9.25 -26.35 -28.41
CA GLU C 150 -9.46 -25.45 -27.28
C GLU C 150 -8.36 -25.69 -26.26
N TYR C 151 -7.70 -24.61 -25.84
CA TYR C 151 -6.60 -24.70 -24.90
C TYR C 151 -6.72 -23.56 -23.88
N ARG C 152 -5.89 -23.62 -22.84
CA ARG C 152 -5.96 -22.66 -21.75
C ARG C 152 -4.55 -22.38 -21.25
N LEU C 153 -4.31 -21.14 -20.85
CA LEU C 153 -3.05 -20.76 -20.24
C LEU C 153 -2.92 -21.43 -18.87
N ILE C 154 -1.68 -21.73 -18.47
CA ILE C 154 -1.46 -22.65 -17.36
C ILE C 154 -1.75 -22.01 -15.99
N ASN C 155 -1.69 -20.69 -15.88
CA ASN C 155 -1.81 -20.06 -14.56
C ASN C 155 -3.23 -19.64 -14.22
N CYS C 156 -4.18 -19.80 -15.14
CA CYS C 156 -5.55 -19.39 -14.86
C CYS C 156 -6.27 -20.37 -13.93
N ASN C 157 -5.77 -21.60 -13.84
CA ASN C 157 -6.45 -22.64 -13.08
C ASN C 157 -6.29 -22.45 -11.58
N THR C 158 -5.13 -21.97 -11.12
CA THR C 158 -4.86 -21.92 -9.70
C THR C 158 -4.86 -20.50 -9.13
N SER C 159 -3.96 -19.63 -9.59
CA SER C 159 -3.75 -18.32 -8.98
C SER C 159 -2.79 -17.51 -9.84
N ALA C 160 -2.95 -16.18 -9.77
CA ALA C 160 -2.00 -15.13 -10.18
C ALA C 160 -1.74 -15.06 -11.69
N CYS C 161 -1.30 -13.89 -12.15
CA CYS C 161 -1.05 -13.73 -13.58
C CYS C 161 0.15 -12.87 -13.95
N THR C 162 0.95 -12.37 -13.01
CA THR C 162 1.80 -11.20 -13.21
C THR C 162 2.90 -11.41 -14.26
N GLN C 163 3.42 -10.29 -14.77
CA GLN C 163 4.39 -10.30 -15.86
C GLN C 163 5.74 -9.75 -15.39
N ALA C 164 6.81 -10.30 -15.93
CA ALA C 164 8.12 -9.69 -15.77
C ALA C 164 8.13 -8.37 -16.52
N CYS C 165 8.59 -7.33 -15.84
CA CYS C 165 8.20 -5.99 -16.20
C CYS C 165 9.24 -5.41 -17.13
N PRO C 166 8.87 -4.92 -18.33
CA PRO C 166 9.86 -4.73 -19.40
C PRO C 166 10.75 -3.50 -19.28
N LYS C 167 11.32 -3.28 -18.09
CA LYS C 167 12.41 -2.33 -17.93
C LYS C 167 13.50 -2.83 -17.00
N VAL C 168 13.27 -3.90 -16.26
CA VAL C 168 14.27 -4.49 -15.39
C VAL C 168 14.93 -5.64 -16.12
N THR C 169 16.06 -6.10 -15.58
CA THR C 169 16.79 -7.22 -16.14
C THR C 169 17.15 -8.19 -15.03
N PHE C 170 17.45 -9.43 -15.43
CA PHE C 170 17.80 -10.49 -14.51
C PHE C 170 19.30 -10.70 -14.40
N GLU C 171 20.09 -9.66 -14.64
CA GLU C 171 21.54 -9.79 -14.57
C GLU C 171 21.98 -9.80 -13.12
N PRO C 172 22.66 -10.85 -12.65
CA PRO C 172 23.07 -10.95 -11.23
C PRO C 172 24.36 -10.20 -10.90
N ILE C 173 24.24 -8.90 -10.63
CA ILE C 173 25.39 -8.10 -10.21
C ILE C 173 25.72 -8.51 -8.77
N PRO C 174 26.97 -8.42 -8.33
CA PRO C 174 27.30 -8.82 -6.95
C PRO C 174 26.77 -7.85 -5.92
N ILE C 175 26.40 -8.40 -4.76
CA ILE C 175 25.96 -7.61 -3.62
C ILE C 175 26.78 -7.99 -2.41
N HIS C 176 26.84 -7.07 -1.45
CA HIS C 176 27.57 -7.26 -0.20
C HIS C 176 26.63 -7.10 0.98
N TYR C 177 26.80 -7.94 1.99
CA TYR C 177 26.04 -7.87 3.23
C TYR C 177 26.95 -7.33 4.32
N CYS C 178 26.62 -6.16 4.86
CA CYS C 178 27.51 -5.48 5.78
C CYS C 178 26.87 -5.26 7.14
N ALA C 179 27.67 -5.54 8.18
CA ALA C 179 27.27 -5.60 9.57
C ALA C 179 26.91 -4.22 10.12
N PRO C 180 25.91 -4.14 10.99
CA PRO C 180 25.60 -2.85 11.63
C PRO C 180 26.57 -2.51 12.75
N ALA C 181 26.31 -1.43 13.47
CA ALA C 181 27.17 -1.02 14.56
C ALA C 181 27.05 -1.98 15.74
N GLY C 182 28.17 -2.32 16.34
CA GLY C 182 28.19 -3.23 17.46
C GLY C 182 28.34 -4.70 17.12
N TYR C 183 28.33 -5.05 15.84
CA TYR C 183 28.49 -6.43 15.39
C TYR C 183 29.73 -6.53 14.51
N ALA C 184 30.01 -7.75 14.04
CA ALA C 184 31.18 -8.01 13.24
C ALA C 184 30.94 -9.23 12.37
N ILE C 185 31.81 -9.40 11.38
CA ILE C 185 31.74 -10.54 10.46
C ILE C 185 33.09 -11.25 10.52
N LEU C 186 33.06 -12.55 10.81
CA LEU C 186 34.26 -13.37 10.91
C LEU C 186 34.34 -14.30 9.72
N LYS C 187 35.47 -14.28 9.02
CA LYS C 187 35.71 -15.13 7.86
C LYS C 187 37.08 -15.76 7.99
N CYS C 188 37.16 -17.08 7.81
CA CYS C 188 38.44 -17.76 8.00
C CYS C 188 38.89 -18.42 6.71
N ASN C 189 40.21 -18.60 6.59
CA ASN C 189 40.87 -18.90 5.33
C ASN C 189 41.61 -20.22 5.36
N ASP C 190 40.97 -21.26 5.92
CA ASP C 190 41.56 -22.59 5.92
C ASP C 190 41.13 -23.34 4.67
N GLU C 191 42.10 -23.90 3.95
CA GLU C 191 41.82 -24.51 2.66
C GLU C 191 41.14 -25.87 2.78
N THR C 192 41.44 -26.63 3.84
CA THR C 192 40.85 -27.94 4.04
C THR C 192 39.56 -27.89 4.85
N PHE C 193 38.85 -26.76 4.81
CA PHE C 193 37.66 -26.57 5.61
C PHE C 193 36.48 -27.30 4.98
N ASN C 194 35.94 -28.28 5.70
CA ASN C 194 34.83 -29.09 5.20
C ASN C 194 33.47 -28.56 5.63
N GLY C 195 33.42 -27.35 6.21
CA GLY C 195 32.18 -26.69 6.57
C GLY C 195 31.91 -26.66 8.05
N THR C 196 32.30 -27.70 8.78
CA THR C 196 32.05 -27.79 10.21
C THR C 196 33.32 -28.20 10.93
N GLY C 197 33.72 -27.39 11.91
CA GLY C 197 34.89 -27.70 12.70
C GLY C 197 35.67 -26.46 13.11
N PRO C 198 36.66 -26.65 13.99
CA PRO C 198 37.49 -25.51 14.43
C PRO C 198 38.42 -25.06 13.32
N CYS C 199 38.26 -23.80 12.90
CA CYS C 199 39.06 -23.21 11.83
C CYS C 199 40.07 -22.27 12.47
N SER C 200 41.35 -22.49 12.19
CA SER C 200 42.44 -21.90 12.97
C SER C 200 43.08 -20.68 12.33
N ASN C 201 42.47 -20.11 11.30
CA ASN C 201 42.98 -18.90 10.67
C ASN C 201 41.86 -17.87 10.53
N VAL C 202 41.18 -17.60 11.63
CA VAL C 202 40.05 -16.68 11.63
C VAL C 202 40.54 -15.27 11.36
N SER C 203 39.98 -14.63 10.34
CA SER C 203 40.34 -13.28 9.96
C SER C 203 39.11 -12.40 10.07
N THR C 204 39.35 -11.09 10.05
CA THR C 204 38.28 -10.10 10.10
C THR C 204 38.18 -9.40 8.77
N VAL C 205 37.00 -9.47 8.16
CA VAL C 205 36.67 -8.67 6.98
C VAL C 205 35.60 -7.69 7.43
N GLN C 206 35.64 -6.47 6.88
CA GLN C 206 34.60 -5.49 7.21
C GLN C 206 33.24 -5.96 6.72
N CYS C 207 33.15 -6.31 5.45
CA CYS C 207 32.00 -7.06 4.92
C CYS C 207 32.39 -7.78 3.65
N THR C 208 31.51 -8.72 3.26
CA THR C 208 31.84 -9.86 2.42
C THR C 208 32.16 -9.45 0.99
N HIS C 209 32.63 -10.43 0.22
CA HIS C 209 33.11 -10.23 -1.14
C HIS C 209 31.92 -10.13 -2.11
N GLY C 210 32.22 -10.17 -3.40
CA GLY C 210 31.18 -10.13 -4.40
C GLY C 210 30.38 -11.41 -4.48
N ILE C 211 29.14 -11.39 -4.03
CA ILE C 211 28.27 -12.55 -4.03
C ILE C 211 27.22 -12.32 -5.13
N ARG C 212 27.28 -13.14 -6.17
CA ARG C 212 26.33 -13.04 -7.27
C ARG C 212 25.14 -13.94 -6.98
N PRO C 213 23.93 -13.41 -6.83
CA PRO C 213 22.76 -14.26 -6.57
C PRO C 213 22.25 -14.97 -7.82
N VAL C 214 23.03 -15.93 -8.30
CA VAL C 214 22.72 -16.65 -9.53
C VAL C 214 21.77 -17.78 -9.16
N VAL C 215 20.49 -17.62 -9.51
CA VAL C 215 19.52 -18.68 -9.30
C VAL C 215 19.73 -19.77 -10.33
N SER C 216 19.75 -21.02 -9.88
CA SER C 216 20.09 -22.16 -10.75
C SER C 216 19.53 -23.43 -10.12
N THR C 217 19.98 -24.57 -10.66
CA THR C 217 19.54 -25.90 -10.25
C THR C 217 20.85 -26.69 -10.31
N GLN C 218 20.81 -28.04 -10.45
CA GLN C 218 21.85 -29.03 -10.20
C GLN C 218 23.30 -28.64 -10.47
N LEU C 219 23.56 -27.99 -11.58
CA LEU C 219 24.90 -27.48 -11.88
C LEU C 219 24.99 -26.03 -11.43
N LEU C 220 26.00 -25.73 -10.60
CA LEU C 220 26.20 -24.37 -10.13
C LEU C 220 26.85 -23.53 -11.20
N LEU C 221 26.36 -22.31 -11.36
CA LEU C 221 26.87 -21.36 -12.33
C LEU C 221 27.95 -20.50 -11.66
N ASN C 222 28.24 -19.32 -12.25
CA ASN C 222 29.27 -18.36 -11.86
C ASN C 222 29.41 -18.18 -10.34
N GLY C 223 30.63 -18.30 -9.86
CA GLY C 223 30.88 -18.19 -8.44
C GLY C 223 32.36 -18.16 -8.14
N SER C 224 32.68 -18.43 -6.88
CA SER C 224 34.06 -18.44 -6.40
C SER C 224 34.59 -19.86 -6.40
N LEU C 225 35.77 -20.05 -6.97
CA LEU C 225 36.40 -21.36 -7.04
C LEU C 225 37.10 -21.70 -5.73
N ALA C 226 37.47 -22.97 -5.58
CA ALA C 226 38.25 -23.38 -4.44
C ALA C 226 39.70 -22.94 -4.60
N GLU C 227 40.48 -23.08 -3.52
CA GLU C 227 41.85 -22.56 -3.54
C GLU C 227 42.80 -23.52 -4.24
N LYS C 228 42.97 -24.72 -3.70
CA LYS C 228 43.87 -25.70 -4.30
C LYS C 228 43.18 -26.99 -4.70
N GLU C 229 42.44 -27.62 -3.79
CA GLU C 229 41.84 -28.92 -4.04
C GLU C 229 40.32 -28.83 -4.03
N ILE C 230 39.70 -29.90 -4.52
CA ILE C 230 38.24 -30.01 -4.55
C ILE C 230 37.76 -30.52 -3.19
N VAL C 231 36.86 -29.77 -2.56
CA VAL C 231 36.38 -30.10 -1.23
C VAL C 231 34.91 -30.52 -1.32
N ILE C 232 34.49 -31.35 -0.36
CA ILE C 232 33.15 -31.93 -0.34
C ILE C 232 32.52 -31.60 1.00
N ARG C 233 31.33 -31.00 0.97
CA ARG C 233 30.64 -30.52 2.16
C ARG C 233 29.28 -31.20 2.29
N SER C 234 28.89 -31.52 3.52
CA SER C 234 27.68 -32.31 3.74
C SER C 234 27.24 -32.18 5.21
N GLU C 235 26.21 -32.93 5.57
CA GLU C 235 25.73 -33.04 6.94
C GLU C 235 26.31 -34.23 7.70
N ASN C 236 26.04 -35.46 7.23
CA ASN C 236 26.42 -36.68 7.94
C ASN C 236 27.25 -37.63 7.08
N LEU C 237 26.96 -37.71 5.77
CA LEU C 237 27.47 -38.75 4.86
C LEU C 237 27.16 -40.17 5.37
N THR C 238 26.01 -40.36 5.99
CA THR C 238 25.52 -41.71 6.29
C THR C 238 24.04 -41.87 5.98
N ASN C 239 23.31 -40.77 5.82
CA ASN C 239 21.92 -40.84 5.38
C ASN C 239 21.82 -40.43 3.92
N ASN C 240 20.59 -40.43 3.39
CA ASN C 240 20.36 -40.13 1.99
C ASN C 240 19.54 -38.88 1.75
N ALA C 241 18.80 -38.39 2.76
CA ALA C 241 18.00 -37.20 2.58
C ALA C 241 18.81 -35.91 2.59
N LYS C 242 20.07 -35.97 3.02
CA LYS C 242 20.91 -34.80 3.10
C LYS C 242 21.75 -34.65 1.84
N ILE C 243 21.99 -33.40 1.44
CA ILE C 243 22.58 -33.10 0.15
C ILE C 243 24.10 -33.05 0.28
N ILE C 244 24.78 -33.17 -0.85
CA ILE C 244 26.23 -33.09 -0.94
C ILE C 244 26.59 -31.98 -1.92
N ILE C 245 27.39 -31.02 -1.47
CA ILE C 245 27.81 -29.88 -2.28
C ILE C 245 29.27 -30.09 -2.63
N VAL C 246 29.56 -30.27 -3.92
CA VAL C 246 30.92 -30.42 -4.42
C VAL C 246 31.40 -29.06 -4.90
N HIS C 247 32.58 -28.66 -4.47
CA HIS C 247 33.13 -27.34 -4.78
C HIS C 247 34.35 -27.55 -5.66
N LEU C 248 34.24 -27.18 -6.93
CA LEU C 248 35.28 -27.47 -7.91
C LEU C 248 36.44 -26.48 -7.78
N HIS C 249 37.53 -26.80 -8.47
CA HIS C 249 38.72 -25.96 -8.52
C HIS C 249 38.99 -25.37 -9.90
N THR C 250 38.84 -26.17 -10.96
CA THR C 250 39.02 -25.68 -12.31
C THR C 250 37.67 -25.57 -12.99
N PRO C 251 37.23 -24.39 -13.41
CA PRO C 251 35.93 -24.26 -14.06
C PRO C 251 35.94 -24.81 -15.48
N VAL C 252 34.75 -25.18 -15.94
CA VAL C 252 34.54 -25.75 -17.27
C VAL C 252 33.59 -24.84 -18.02
N GLU C 253 33.94 -24.51 -19.26
CA GLU C 253 33.09 -23.63 -20.06
C GLU C 253 31.83 -24.34 -20.52
N ILE C 254 30.69 -23.67 -20.38
CA ILE C 254 29.40 -24.13 -20.89
C ILE C 254 28.80 -23.00 -21.73
N VAL C 255 28.25 -23.35 -22.89
CA VAL C 255 27.70 -22.37 -23.82
C VAL C 255 26.35 -22.88 -24.33
N CYS C 256 25.36 -21.98 -24.35
CA CYS C 256 23.99 -22.33 -24.74
C CYS C 256 23.47 -21.32 -25.75
N THR C 257 22.52 -21.76 -26.59
CA THR C 257 22.06 -20.92 -27.69
C THR C 257 20.62 -21.28 -28.04
N ARG C 258 20.16 -20.78 -29.19
CA ARG C 258 18.75 -20.80 -29.58
C ARG C 258 18.67 -20.46 -31.06
N PRO C 259 17.57 -20.85 -31.75
CA PRO C 259 17.26 -20.26 -33.06
C PRO C 259 16.87 -18.79 -33.01
N ASN C 260 16.58 -18.19 -34.18
CA ASN C 260 16.57 -16.74 -34.29
C ASN C 260 15.35 -16.09 -33.62
N ASN C 261 14.18 -16.73 -33.76
CA ASN C 261 12.87 -16.18 -33.37
C ASN C 261 12.60 -14.86 -34.10
N ASN C 262 11.65 -14.07 -33.62
CA ASN C 262 11.29 -12.82 -34.28
C ASN C 262 11.00 -11.81 -33.17
N THR C 263 10.65 -10.60 -33.57
CA THR C 263 10.39 -9.50 -32.65
C THR C 263 9.21 -9.82 -31.75
N ARG C 264 9.32 -9.44 -30.47
CA ARG C 264 8.18 -9.46 -29.56
C ARG C 264 7.02 -8.65 -30.14
N LYS C 265 5.85 -9.27 -30.21
CA LYS C 265 4.69 -8.63 -30.82
C LYS C 265 3.88 -7.93 -29.74
N SER C 266 3.80 -6.61 -29.85
CA SER C 266 3.12 -5.81 -28.84
C SER C 266 1.61 -5.96 -29.01
N VAL C 267 0.97 -6.60 -28.04
CA VAL C 267 -0.48 -6.74 -28.00
C VAL C 267 -0.99 -5.85 -26.87
N ARG C 268 -1.83 -4.88 -27.21
CA ARG C 268 -2.28 -3.89 -26.23
C ARG C 268 -3.61 -4.34 -25.63
N ILE C 269 -3.63 -4.48 -24.31
CA ILE C 269 -4.84 -4.81 -23.56
C ILE C 269 -5.00 -3.79 -22.45
N GLY C 270 -6.22 -3.25 -22.32
CA GLY C 270 -6.49 -2.23 -21.33
C GLY C 270 -5.84 -0.91 -21.65
N PRO C 271 -5.96 0.07 -20.75
CA PRO C 271 -5.27 1.33 -20.96
C PRO C 271 -3.79 1.25 -20.59
N GLY C 272 -2.93 1.17 -21.61
CA GLY C 272 -1.49 1.17 -21.40
C GLY C 272 -0.93 -0.01 -20.64
N GLN C 273 -1.53 -1.19 -20.80
CA GLN C 273 -1.02 -2.38 -20.14
C GLN C 273 -0.65 -3.43 -21.18
N THR C 274 0.09 -3.02 -22.21
CA THR C 274 0.44 -3.92 -23.31
C THR C 274 1.41 -5.00 -22.86
N PHE C 275 1.22 -6.21 -23.39
CA PHE C 275 2.12 -7.32 -23.11
C PHE C 275 2.72 -7.79 -24.43
N TYR C 276 3.94 -8.31 -24.35
CA TYR C 276 4.71 -8.67 -25.53
C TYR C 276 4.77 -10.19 -25.62
N ALA C 277 4.15 -10.74 -26.66
CA ALA C 277 4.19 -12.16 -26.94
C ALA C 277 5.08 -12.40 -28.15
N THR C 278 5.35 -13.68 -28.42
CA THR C 278 6.23 -14.04 -29.52
C THR C 278 5.49 -13.86 -30.84
N GLY C 279 6.18 -13.32 -31.84
CA GLY C 279 5.57 -12.98 -33.10
C GLY C 279 5.58 -14.15 -34.06
N ASP C 280 6.41 -14.09 -35.10
CA ASP C 280 6.61 -15.23 -35.99
C ASP C 280 7.90 -15.96 -35.60
N ILE C 281 8.32 -16.89 -36.45
CA ILE C 281 9.69 -17.39 -36.48
C ILE C 281 10.11 -17.36 -37.93
N ILE C 282 11.13 -16.58 -38.25
CA ILE C 282 11.62 -16.48 -39.61
C ILE C 282 12.88 -17.31 -39.74
N GLY C 283 13.11 -17.84 -40.94
CA GLY C 283 14.14 -18.83 -41.13
C GLY C 283 13.66 -20.21 -40.73
N ASP C 284 14.61 -21.14 -40.72
CA ASP C 284 14.29 -22.50 -40.31
C ASP C 284 14.23 -22.59 -38.79
N ILE C 285 13.70 -23.70 -38.30
CA ILE C 285 13.49 -23.94 -36.88
C ILE C 285 14.46 -25.02 -36.43
N LYS C 286 15.32 -24.69 -35.46
CA LYS C 286 16.28 -25.61 -34.89
C LYS C 286 16.02 -25.72 -33.38
N GLN C 287 16.91 -26.43 -32.69
CA GLN C 287 16.70 -26.79 -31.29
C GLN C 287 17.66 -26.06 -30.37
N ALA C 288 17.14 -25.58 -29.24
CA ALA C 288 17.98 -24.98 -28.22
C ALA C 288 18.79 -26.06 -27.51
N HIS C 289 20.04 -25.75 -27.18
CA HIS C 289 20.94 -26.75 -26.62
C HIS C 289 22.04 -26.06 -25.83
N CYS C 290 22.74 -26.85 -25.02
CA CYS C 290 23.93 -26.41 -24.30
C CYS C 290 25.08 -27.35 -24.60
N ASN C 291 26.30 -26.80 -24.61
CA ASN C 291 27.48 -27.55 -25.03
C ASN C 291 28.53 -27.54 -23.94
N ILE C 292 28.94 -28.74 -23.51
CA ILE C 292 30.04 -28.93 -22.57
C ILE C 292 31.07 -29.83 -23.24
N SER C 293 32.36 -29.52 -23.06
CA SER C 293 33.43 -30.32 -23.61
C SER C 293 33.48 -31.69 -22.94
N GLU C 294 34.06 -32.66 -23.65
CA GLU C 294 34.06 -34.04 -23.18
C GLU C 294 35.22 -34.30 -22.23
N GLU C 295 36.43 -33.83 -22.60
CA GLU C 295 37.63 -34.15 -21.83
C GLU C 295 37.63 -33.45 -20.48
N LYS C 296 37.23 -32.17 -20.45
CA LYS C 296 37.18 -31.41 -19.21
C LYS C 296 36.14 -31.98 -18.25
N TRP C 297 34.96 -32.35 -18.76
CA TRP C 297 33.94 -32.94 -17.90
C TRP C 297 34.36 -34.31 -17.42
N ASN C 298 35.03 -35.09 -18.26
CA ASN C 298 35.44 -36.44 -17.87
C ASN C 298 36.51 -36.41 -16.79
N ASP C 299 37.56 -35.60 -16.95
CA ASP C 299 38.56 -35.59 -15.90
C ASP C 299 38.13 -34.77 -14.68
N THR C 300 37.16 -33.86 -14.83
CA THR C 300 36.56 -33.23 -13.65
C THR C 300 35.77 -34.24 -12.82
N LEU C 301 35.00 -35.11 -13.49
CA LEU C 301 34.30 -36.17 -12.77
C LEU C 301 35.28 -37.19 -12.19
N GLN C 302 36.40 -37.44 -12.88
CA GLN C 302 37.44 -38.31 -12.32
C GLN C 302 38.07 -37.72 -11.07
N LYS C 303 38.33 -36.41 -11.06
CA LYS C 303 38.88 -35.76 -9.87
C LYS C 303 37.88 -35.73 -8.73
N VAL C 304 36.60 -35.54 -9.05
CA VAL C 304 35.55 -35.63 -8.02
C VAL C 304 35.47 -37.04 -7.47
N GLY C 305 35.70 -38.05 -8.32
CA GLY C 305 35.78 -39.42 -7.83
C GLY C 305 36.96 -39.68 -6.92
N ILE C 306 38.13 -39.14 -7.25
CA ILE C 306 39.30 -39.40 -6.40
C ILE C 306 39.25 -38.58 -5.11
N GLU C 307 38.50 -37.48 -5.07
CA GLU C 307 38.31 -36.80 -3.79
C GLU C 307 37.09 -37.28 -3.02
N LEU C 308 36.20 -38.06 -3.64
CA LEU C 308 35.16 -38.77 -2.91
C LEU C 308 35.62 -40.14 -2.45
N GLN C 309 36.73 -40.64 -3.00
CA GLN C 309 37.31 -41.90 -2.53
C GLN C 309 37.98 -41.76 -1.17
N LYS C 310 38.22 -40.54 -0.69
CA LYS C 310 38.77 -40.37 0.65
C LYS C 310 37.74 -40.70 1.73
N HIS C 311 36.47 -40.40 1.49
CA HIS C 311 35.42 -40.62 2.47
C HIS C 311 34.82 -42.02 2.40
N PHE C 312 35.15 -42.80 1.37
CA PHE C 312 34.64 -44.17 1.25
C PHE C 312 35.79 -45.11 0.91
N PRO C 313 36.08 -46.09 1.77
CA PRO C 313 37.34 -46.85 1.66
C PRO C 313 37.46 -47.76 0.45
N ASN C 314 36.47 -48.63 0.22
CA ASN C 314 36.57 -49.63 -0.84
C ASN C 314 35.25 -49.75 -1.60
N LYS C 315 34.66 -48.61 -1.94
CA LYS C 315 33.43 -48.59 -2.72
C LYS C 315 33.62 -47.70 -3.94
N THR C 316 33.07 -48.13 -5.07
CA THR C 316 33.15 -47.38 -6.32
C THR C 316 31.87 -46.59 -6.55
N ILE C 317 32.03 -45.43 -7.18
CA ILE C 317 30.93 -44.49 -7.35
C ILE C 317 30.18 -44.81 -8.65
N LYS C 318 28.94 -44.31 -8.74
CA LYS C 318 28.11 -44.50 -9.91
C LYS C 318 27.26 -43.26 -10.12
N TYR C 319 26.92 -43.01 -11.38
CA TYR C 319 26.10 -41.86 -11.75
C TYR C 319 25.00 -42.30 -12.71
N ASN C 320 23.82 -41.72 -12.55
CA ASN C 320 22.74 -41.86 -13.52
C ASN C 320 21.87 -40.60 -13.45
N GLN C 321 20.65 -40.70 -13.97
CA GLN C 321 19.76 -39.56 -14.13
C GLN C 321 19.20 -39.10 -12.78
N SER C 322 18.36 -38.08 -12.83
CA SER C 322 17.66 -37.65 -11.62
C SER C 322 16.55 -38.64 -11.28
N ALA C 323 16.03 -38.51 -10.06
CA ALA C 323 15.09 -39.49 -9.51
C ALA C 323 13.64 -39.15 -9.83
N GLY C 324 13.34 -38.89 -11.10
CA GLY C 324 11.97 -38.76 -11.56
C GLY C 324 11.25 -37.49 -11.16
N GLY C 325 10.08 -37.28 -11.72
CA GLY C 325 9.25 -36.12 -11.41
C GLY C 325 9.05 -35.25 -12.64
N ASP C 326 8.49 -34.07 -12.39
CA ASP C 326 8.30 -33.09 -13.46
C ASP C 326 9.64 -32.46 -13.86
N MET C 327 9.63 -31.79 -15.00
CA MET C 327 10.87 -31.31 -15.60
C MET C 327 11.45 -30.08 -14.92
N GLU C 328 10.74 -29.49 -13.96
CA GLU C 328 11.30 -28.34 -13.25
C GLU C 328 12.34 -28.73 -12.21
N ILE C 329 12.36 -30.00 -11.80
CA ILE C 329 13.29 -30.46 -10.78
C ILE C 329 14.38 -31.36 -11.35
N THR C 330 14.04 -32.18 -12.35
CA THR C 330 15.00 -33.13 -12.91
C THR C 330 15.90 -32.51 -13.97
N THR C 331 15.72 -31.24 -14.31
CA THR C 331 16.51 -30.60 -15.36
C THR C 331 17.29 -29.42 -14.78
N HIS C 332 18.46 -29.17 -15.36
CA HIS C 332 19.30 -28.04 -14.99
C HIS C 332 18.65 -26.77 -15.51
N SER C 333 18.03 -26.00 -14.62
CA SER C 333 17.26 -24.82 -14.99
C SER C 333 18.03 -23.56 -14.61
N PHE C 334 18.08 -22.60 -15.52
CA PHE C 334 18.86 -21.39 -15.31
C PHE C 334 18.31 -20.28 -16.19
N ASN C 335 18.77 -19.06 -15.90
CA ASN C 335 18.31 -17.86 -16.60
C ASN C 335 19.52 -17.09 -17.07
N CYS C 336 19.66 -16.92 -18.37
CA CYS C 336 20.62 -15.97 -18.92
C CYS C 336 20.13 -15.51 -20.29
N GLY C 337 20.23 -14.21 -20.52
CA GLY C 337 19.61 -13.59 -21.68
C GLY C 337 18.15 -13.24 -21.47
N GLY C 338 17.62 -13.42 -20.26
CA GLY C 338 16.22 -13.18 -19.99
C GLY C 338 15.29 -14.31 -20.34
N GLU C 339 15.83 -15.46 -20.77
CA GLU C 339 15.04 -16.60 -21.19
C GLU C 339 15.36 -17.79 -20.29
N PHE C 340 14.32 -18.48 -19.82
CA PHE C 340 14.48 -19.55 -18.86
C PHE C 340 14.69 -20.87 -19.59
N PHE C 341 15.87 -21.46 -19.43
CA PHE C 341 16.18 -22.74 -20.03
C PHE C 341 15.90 -23.87 -19.04
N TYR C 342 15.57 -25.05 -19.58
CA TYR C 342 15.37 -26.25 -18.78
C TYR C 342 16.03 -27.40 -19.55
N CYS C 343 17.25 -27.73 -19.17
CA CYS C 343 18.11 -28.60 -19.98
C CYS C 343 18.23 -29.98 -19.35
N ASN C 344 18.03 -31.01 -20.16
CA ASN C 344 18.16 -32.40 -19.72
C ASN C 344 19.62 -32.75 -19.45
N THR C 345 19.88 -33.39 -18.32
CA THR C 345 21.23 -33.72 -17.87
C THR C 345 21.45 -35.22 -17.79
N SER C 346 20.98 -35.96 -18.79
CA SER C 346 21.15 -37.41 -18.80
C SER C 346 22.41 -37.86 -19.54
N ASN C 347 23.23 -36.92 -20.02
CA ASN C 347 24.49 -37.25 -20.67
C ASN C 347 25.71 -36.89 -19.83
N LEU C 348 25.60 -35.88 -18.97
CA LEU C 348 26.73 -35.47 -18.14
C LEU C 348 26.98 -36.46 -17.00
N PHE C 349 25.94 -37.12 -16.53
CA PHE C 349 26.04 -37.95 -15.33
C PHE C 349 25.85 -39.41 -15.70
N ASN C 350 26.53 -39.84 -16.76
CA ASN C 350 26.44 -41.20 -17.28
C ASN C 350 27.85 -41.75 -17.34
N GLY C 351 28.29 -42.37 -16.24
CA GLY C 351 29.63 -42.93 -16.15
C GLY C 351 29.98 -43.44 -14.77
N THR C 352 31.04 -44.24 -14.67
CA THR C 352 31.48 -44.82 -13.42
C THR C 352 32.97 -44.55 -13.22
N TYR C 353 33.40 -44.63 -11.97
CA TYR C 353 34.81 -44.59 -11.61
C TYR C 353 35.08 -45.78 -10.69
N ASN C 354 35.89 -46.73 -11.17
CA ASN C 354 36.14 -47.97 -10.46
C ASN C 354 37.32 -47.91 -9.50
N GLY C 355 37.97 -46.75 -9.39
CA GLY C 355 39.12 -46.57 -8.53
C GLY C 355 40.42 -46.35 -9.29
N THR C 356 40.54 -46.95 -10.48
CA THR C 356 41.73 -46.80 -11.30
C THR C 356 41.62 -45.52 -12.11
N TYR C 357 42.55 -44.60 -11.91
CA TYR C 357 42.51 -43.32 -12.60
C TYR C 357 42.99 -43.48 -14.04
N ILE C 358 42.16 -43.03 -14.98
CA ILE C 358 42.50 -43.06 -16.40
C ILE C 358 42.90 -41.64 -16.79
N SER C 359 44.19 -41.41 -16.94
CA SER C 359 44.69 -40.07 -17.24
C SER C 359 44.42 -39.73 -18.70
N THR C 360 43.86 -38.54 -18.92
CA THR C 360 43.58 -38.05 -20.27
C THR C 360 44.80 -37.29 -20.76
N ASN C 361 45.60 -37.95 -21.60
CA ASN C 361 46.85 -37.37 -22.07
C ASN C 361 46.59 -36.47 -23.28
N SER C 362 47.65 -36.09 -23.98
CA SER C 362 47.54 -35.24 -25.16
C SER C 362 46.91 -36.04 -26.30
N SER C 363 45.66 -35.71 -26.63
CA SER C 363 44.91 -36.42 -27.66
C SER C 363 44.88 -35.60 -28.94
N ALA C 364 44.73 -36.32 -30.06
CA ALA C 364 44.68 -35.67 -31.37
C ALA C 364 43.30 -35.10 -31.69
N ASN C 365 42.29 -35.37 -30.86
CA ASN C 365 40.95 -34.83 -31.06
C ASN C 365 40.43 -34.36 -29.69
N SER C 366 40.64 -33.07 -29.42
CA SER C 366 40.13 -32.44 -28.21
C SER C 366 38.83 -31.69 -28.46
N THR C 367 38.22 -31.87 -29.63
CA THR C 367 37.01 -31.15 -30.01
C THR C 367 35.75 -31.95 -29.77
N SER C 368 35.83 -33.05 -29.03
CA SER C 368 34.64 -33.83 -28.70
C SER C 368 33.79 -33.07 -27.70
N THR C 369 32.50 -32.93 -28.00
CA THR C 369 31.59 -32.12 -27.21
C THR C 369 30.38 -32.94 -26.79
N ILE C 370 29.68 -32.46 -25.77
CA ILE C 370 28.45 -33.05 -25.27
C ILE C 370 27.34 -32.03 -25.44
N THR C 371 26.25 -32.43 -26.11
CA THR C 371 25.10 -31.57 -26.35
C THR C 371 23.93 -32.03 -25.50
N LEU C 372 23.24 -31.08 -24.89
CA LEU C 372 22.10 -31.37 -24.02
C LEU C 372 20.84 -30.75 -24.62
N GLN C 373 19.78 -31.54 -24.71
CA GLN C 373 18.50 -31.00 -25.17
C GLN C 373 17.90 -30.10 -24.09
N CYS C 374 17.29 -29.00 -24.52
CA CYS C 374 16.72 -28.02 -23.59
C CYS C 374 15.31 -27.65 -24.03
N ARG C 375 14.51 -27.24 -23.05
CA ARG C 375 13.17 -26.72 -23.29
C ARG C 375 13.04 -25.37 -22.62
N ILE C 376 12.18 -24.52 -23.17
CA ILE C 376 12.06 -23.13 -22.74
C ILE C 376 10.64 -22.89 -22.26
N LYS C 377 10.50 -22.33 -21.06
CA LYS C 377 9.24 -21.91 -20.50
C LYS C 377 9.14 -20.39 -20.50
N GLN C 378 7.93 -19.90 -20.27
CA GLN C 378 7.71 -18.47 -20.14
C GLN C 378 6.99 -18.10 -18.86
N ILE C 379 6.05 -18.91 -18.41
CA ILE C 379 5.40 -18.72 -17.12
C ILE C 379 6.17 -19.55 -16.09
N ILE C 380 6.70 -18.88 -15.07
CA ILE C 380 7.72 -19.45 -14.20
C ILE C 380 7.17 -19.58 -12.79
N ASN C 381 7.23 -20.80 -12.25
CA ASN C 381 6.98 -21.04 -10.83
C ASN C 381 8.34 -21.06 -10.15
N MET C 382 8.85 -19.88 -9.80
CA MET C 382 10.24 -19.75 -9.38
C MET C 382 10.47 -20.06 -7.91
N TRP C 383 9.56 -19.69 -7.02
CA TRP C 383 9.72 -19.96 -5.60
C TRP C 383 8.37 -20.28 -5.00
N GLN C 384 8.39 -21.10 -3.95
CA GLN C 384 7.16 -21.45 -3.24
C GLN C 384 6.84 -20.35 -2.25
N GLY C 385 5.99 -19.41 -2.65
CA GLY C 385 5.63 -18.30 -1.79
C GLY C 385 6.07 -16.94 -2.30
N VAL C 386 6.08 -16.74 -3.61
CA VAL C 386 6.59 -15.51 -4.18
C VAL C 386 5.51 -14.94 -5.11
N GLY C 387 4.39 -15.66 -5.22
CA GLY C 387 3.45 -15.33 -6.27
C GLY C 387 4.02 -15.83 -7.58
N ARG C 388 4.16 -17.14 -7.68
CA ARG C 388 5.05 -17.78 -8.65
C ARG C 388 4.35 -17.99 -10.00
N CYS C 389 3.94 -16.88 -10.61
CA CYS C 389 3.34 -16.94 -11.93
C CYS C 389 3.84 -15.79 -12.79
N MET C 390 5.14 -15.51 -12.70
CA MET C 390 5.76 -14.49 -13.51
C MET C 390 5.86 -14.93 -14.96
N TYR C 391 5.50 -14.04 -15.88
CA TYR C 391 5.57 -14.29 -17.30
C TYR C 391 6.77 -13.53 -17.87
N ALA C 392 7.73 -14.26 -18.45
CA ALA C 392 8.93 -13.64 -18.99
C ALA C 392 8.71 -13.30 -20.46
N PRO C 393 8.84 -12.03 -20.85
CA PRO C 393 8.67 -11.66 -22.27
C PRO C 393 9.81 -12.19 -23.12
N PRO C 394 9.58 -12.45 -24.40
CA PRO C 394 10.62 -13.04 -25.24
C PRO C 394 11.66 -12.01 -25.66
N ILE C 395 12.74 -12.53 -26.23
CA ILE C 395 13.84 -11.72 -26.77
C ILE C 395 13.78 -11.82 -28.29
N ALA C 396 14.12 -10.73 -28.97
CA ALA C 396 13.91 -10.63 -30.41
C ALA C 396 14.84 -11.55 -31.19
N GLY C 397 16.14 -11.32 -31.09
CA GLY C 397 17.10 -12.11 -31.83
C GLY C 397 17.44 -13.42 -31.13
N ASN C 398 18.42 -14.11 -31.68
CA ASN C 398 18.93 -15.30 -31.00
C ASN C 398 19.89 -14.88 -29.89
N ILE C 399 20.17 -15.82 -28.98
CA ILE C 399 20.95 -15.54 -27.79
C ILE C 399 22.08 -16.55 -27.69
N THR C 400 23.14 -16.16 -26.98
CA THR C 400 24.30 -16.99 -26.71
C THR C 400 24.78 -16.66 -25.31
N CYS C 401 25.11 -17.71 -24.54
CA CYS C 401 25.32 -17.55 -23.09
C CYS C 401 26.47 -18.45 -22.66
N ARG C 402 27.65 -17.86 -22.49
CA ARG C 402 28.84 -18.58 -22.05
C ARG C 402 29.07 -18.33 -20.57
N SER C 403 29.36 -19.39 -19.82
CA SER C 403 29.57 -19.27 -18.38
C SER C 403 30.45 -20.41 -17.88
N ASN C 404 30.85 -20.31 -16.62
CA ASN C 404 31.69 -21.29 -15.97
C ASN C 404 30.87 -22.05 -14.93
N ILE C 405 31.04 -23.37 -14.91
CA ILE C 405 30.46 -24.19 -13.85
C ILE C 405 31.49 -24.38 -12.74
N THR C 406 31.10 -24.04 -11.51
CA THR C 406 32.00 -24.09 -10.37
C THR C 406 31.61 -25.10 -9.31
N GLY C 407 30.46 -25.73 -9.41
CA GLY C 407 30.03 -26.65 -8.38
C GLY C 407 28.93 -27.57 -8.86
N LEU C 408 28.74 -28.65 -8.10
CA LEU C 408 27.70 -29.63 -8.37
C LEU C 408 26.88 -29.84 -7.10
N LEU C 409 25.64 -30.30 -7.27
CA LEU C 409 24.75 -30.63 -6.16
C LEU C 409 24.32 -32.09 -6.32
N LEU C 410 25.14 -33.00 -5.81
CA LEU C 410 24.83 -34.42 -5.90
C LEU C 410 24.01 -34.87 -4.69
N THR C 411 23.45 -36.06 -4.80
CA THR C 411 22.82 -36.72 -3.67
C THR C 411 22.97 -38.22 -3.85
N ARG C 412 22.81 -38.95 -2.77
CA ARG C 412 23.00 -40.40 -2.76
C ARG C 412 21.65 -41.10 -2.71
N ASP C 413 21.45 -42.05 -3.59
CA ASP C 413 20.19 -42.77 -3.67
C ASP C 413 20.07 -43.77 -2.52
N GLY C 414 18.84 -43.94 -2.02
CA GLY C 414 18.59 -44.84 -0.93
C GLY C 414 17.94 -46.13 -1.37
N GLY C 415 18.17 -47.21 -0.61
CA GLY C 415 17.61 -48.50 -0.90
C GLY C 415 18.61 -49.59 -0.58
N THR C 416 18.27 -50.81 -0.98
CA THR C 416 19.11 -51.99 -0.76
C THR C 416 19.89 -52.27 -2.04
N ASN C 417 21.12 -51.79 -2.11
CA ASN C 417 21.99 -52.02 -3.26
C ASN C 417 23.21 -52.85 -2.91
N SER C 418 24.00 -52.42 -1.92
CA SER C 418 25.23 -53.04 -1.42
C SER C 418 26.22 -53.23 -2.58
N ASN C 419 27.04 -54.29 -2.49
CA ASN C 419 27.92 -54.76 -3.57
C ASN C 419 28.91 -53.69 -4.01
N GLU C 420 29.46 -52.95 -3.04
CA GLU C 420 30.51 -51.90 -3.16
C GLU C 420 30.25 -50.89 -4.29
N THR C 421 28.98 -50.62 -4.62
CA THR C 421 28.61 -49.67 -5.65
C THR C 421 27.46 -48.82 -5.13
N GLU C 422 27.67 -47.51 -5.06
CA GLU C 422 26.61 -46.58 -4.70
C GLU C 422 26.44 -45.56 -5.81
N THR C 423 25.20 -45.11 -5.99
CA THR C 423 24.83 -44.24 -7.09
C THR C 423 24.70 -42.80 -6.59
N PHE C 424 25.32 -41.87 -7.31
CA PHE C 424 25.24 -40.45 -7.00
C PHE C 424 24.43 -39.76 -8.10
N ARG C 425 23.34 -39.11 -7.69
CA ARG C 425 22.44 -38.44 -8.62
C ARG C 425 22.41 -36.94 -8.34
N PRO C 426 22.22 -36.11 -9.36
CA PRO C 426 22.02 -34.68 -9.12
C PRO C 426 20.67 -34.41 -8.48
N ALA C 427 20.60 -33.30 -7.75
CA ALA C 427 19.37 -32.90 -7.09
C ALA C 427 19.36 -31.39 -6.91
N GLY C 428 18.25 -30.76 -7.27
CA GLY C 428 18.04 -29.35 -7.08
C GLY C 428 17.15 -29.06 -5.89
N GLY C 429 16.38 -27.97 -6.00
CA GLY C 429 15.45 -27.63 -4.94
C GLY C 429 15.54 -26.18 -4.52
N ASP C 430 15.56 -25.94 -3.21
CA ASP C 430 15.63 -24.58 -2.69
C ASP C 430 17.02 -24.00 -2.90
N MET C 431 17.08 -22.66 -2.96
CA MET C 431 18.31 -21.95 -3.26
C MET C 431 19.10 -21.61 -2.00
N ARG C 432 18.61 -22.04 -0.83
CA ARG C 432 19.40 -21.96 0.39
C ARG C 432 20.68 -22.78 0.29
N ASP C 433 20.63 -23.90 -0.43
CA ASP C 433 21.84 -24.70 -0.64
C ASP C 433 22.83 -23.97 -1.54
N ASN C 434 22.33 -23.24 -2.53
CA ASN C 434 23.20 -22.42 -3.39
C ASN C 434 23.88 -21.31 -2.60
N TRP C 435 23.10 -20.55 -1.84
CA TRP C 435 23.66 -19.44 -1.08
C TRP C 435 24.35 -19.89 0.20
N ARG C 436 24.24 -21.16 0.58
CA ARG C 436 25.07 -21.74 1.61
C ARG C 436 26.37 -22.31 1.05
N SER C 437 26.38 -22.70 -0.22
CA SER C 437 27.63 -23.00 -0.88
C SER C 437 28.46 -21.74 -1.09
N GLU C 438 27.81 -20.60 -1.35
CA GLU C 438 28.56 -19.37 -1.51
C GLU C 438 29.00 -18.78 -0.16
N LEU C 439 28.14 -18.80 0.85
CA LEU C 439 28.44 -18.20 2.16
C LEU C 439 28.89 -19.29 3.13
N TYR C 440 30.03 -19.90 2.83
CA TYR C 440 30.59 -20.96 3.65
C TYR C 440 31.67 -20.48 4.60
N LYS C 441 32.12 -19.23 4.47
CA LYS C 441 33.21 -18.71 5.29
C LYS C 441 32.75 -17.79 6.40
N TYR C 442 31.57 -17.20 6.30
CA TYR C 442 31.23 -16.01 7.06
C TYR C 442 30.33 -16.35 8.24
N LYS C 443 30.64 -15.75 9.39
CA LYS C 443 29.85 -15.84 10.60
C LYS C 443 29.70 -14.45 11.20
N VAL C 444 28.56 -14.19 11.83
CA VAL C 444 28.26 -12.89 12.42
C VAL C 444 28.31 -13.01 13.94
N VAL C 445 29.00 -12.08 14.59
CA VAL C 445 29.26 -12.11 16.02
C VAL C 445 28.92 -10.76 16.63
N LYS C 446 28.76 -10.76 17.96
CA LYS C 446 28.33 -9.60 18.71
C LYS C 446 29.44 -9.14 19.65
N ILE C 447 29.67 -7.83 19.69
CA ILE C 447 30.66 -7.24 20.57
C ILE C 447 30.01 -6.93 21.91
N GLU C 448 30.62 -7.43 22.98
CA GLU C 448 30.29 -6.99 24.35
C GLU C 448 31.55 -6.49 25.02
N PRO C 449 31.76 -5.17 25.11
CA PRO C 449 33.04 -4.65 25.58
C PRO C 449 33.24 -4.68 27.08
N LEU C 450 32.25 -5.11 27.86
CA LEU C 450 32.40 -5.16 29.30
C LEU C 450 33.30 -6.32 29.71
N GLY C 451 33.80 -6.25 30.93
CA GLY C 451 34.66 -7.29 31.45
C GLY C 451 35.20 -6.97 32.83
N VAL C 452 35.37 -7.99 33.66
CA VAL C 452 35.86 -7.83 35.03
C VAL C 452 37.07 -8.73 35.21
N ALA C 453 38.03 -8.27 36.01
CA ALA C 453 39.28 -8.99 36.21
C ALA C 453 39.89 -8.52 37.53
N PRO C 454 40.59 -9.40 38.26
CA PRO C 454 41.19 -8.98 39.53
C PRO C 454 42.56 -8.34 39.39
N THR C 455 42.72 -7.15 39.95
CA THR C 455 43.98 -6.43 40.01
C THR C 455 43.96 -5.58 41.27
N ARG C 456 45.12 -5.46 41.92
CA ARG C 456 45.23 -4.84 43.25
C ARG C 456 45.03 -3.33 43.14
N CYS C 457 43.76 -2.91 43.23
CA CYS C 457 43.40 -1.51 43.36
C CYS C 457 42.65 -1.23 44.64
N LYS C 458 42.65 0.04 45.02
CA LYS C 458 41.73 0.60 45.99
C LYS C 458 41.26 1.94 45.47
N ARG C 459 40.12 2.40 45.96
CA ARG C 459 39.60 3.71 45.56
C ARG C 459 40.07 4.78 46.53
N ARG C 460 40.62 5.87 46.00
CA ARG C 460 41.12 6.96 46.82
C ARG C 460 39.94 7.74 47.39
N VAL C 461 39.73 7.64 48.70
CA VAL C 461 38.62 8.31 49.35
C VAL C 461 38.94 9.79 49.56
N ALA D 1 12.67 7.60 55.57
CA ALA D 1 12.83 7.72 54.13
C ALA D 1 13.83 6.70 53.60
N VAL D 2 15.03 6.69 54.20
CA VAL D 2 16.08 5.75 53.82
C VAL D 2 15.87 4.39 54.49
N GLY D 3 15.04 4.33 55.52
CA GLY D 3 14.86 3.12 56.29
C GLY D 3 13.81 2.16 55.76
N ILE D 4 13.47 2.30 54.47
CA ILE D 4 12.56 1.35 53.84
C ILE D 4 13.21 -0.02 53.72
N GLY D 5 14.45 -0.06 53.27
CA GLY D 5 15.19 -1.31 53.19
C GLY D 5 14.90 -2.12 51.94
N ALA D 6 13.74 -2.78 51.92
CA ALA D 6 13.33 -3.60 50.78
C ALA D 6 12.76 -2.68 49.71
N VAL D 7 13.65 -2.14 48.87
CA VAL D 7 13.25 -1.17 47.87
C VAL D 7 13.34 -1.78 46.48
N PHE D 8 12.23 -2.35 46.00
CA PHE D 8 12.11 -2.79 44.63
C PHE D 8 11.09 -1.97 43.84
N LEU D 9 10.28 -1.15 44.51
CA LEU D 9 9.27 -0.35 43.83
C LEU D 9 9.87 0.91 43.23
N GLY D 10 10.44 1.76 44.07
CA GLY D 10 10.96 3.04 43.60
C GLY D 10 9.83 3.98 43.25
N PHE D 11 9.88 4.51 42.02
CA PHE D 11 8.92 5.46 41.43
C PHE D 11 8.83 6.71 42.30
N LEU D 12 7.64 7.15 42.70
CA LEU D 12 7.43 8.47 43.27
C LEU D 12 6.68 8.37 44.58
N GLY D 13 7.13 7.46 45.46
CA GLY D 13 6.42 7.18 46.69
C GLY D 13 6.53 8.26 47.75
N ALA D 14 7.42 9.22 47.57
CA ALA D 14 7.59 10.32 48.52
C ALA D 14 6.81 11.56 48.12
N ALA D 15 5.92 11.45 47.14
CA ALA D 15 5.13 12.59 46.70
C ALA D 15 4.10 12.96 47.75
N GLY D 16 3.88 14.25 47.94
CA GLY D 16 2.94 14.73 48.93
C GLY D 16 3.47 14.76 50.34
N SER D 17 4.77 14.53 50.55
CA SER D 17 5.36 14.50 51.87
C SER D 17 6.18 15.77 52.12
N THR D 18 6.76 15.84 53.31
CA THR D 18 7.61 16.95 53.69
C THR D 18 8.94 16.87 52.93
N MET D 19 9.48 18.04 52.55
CA MET D 19 10.75 18.10 51.83
C MET D 19 11.91 17.54 52.63
N GLY D 20 11.84 17.62 53.96
CA GLY D 20 12.87 17.03 54.80
C GLY D 20 12.94 15.52 54.68
N ALA D 21 11.79 14.88 54.47
CA ALA D 21 11.74 13.46 54.15
C ALA D 21 11.79 13.20 52.65
N ALA D 22 11.80 14.24 51.82
CA ALA D 22 11.86 14.10 50.39
C ALA D 22 13.19 14.51 49.78
N SER D 23 14.06 15.17 50.54
CA SER D 23 15.41 15.49 50.06
C SER D 23 16.42 14.44 50.45
N MET D 24 16.29 13.83 51.63
CA MET D 24 17.17 12.77 52.07
C MET D 24 16.70 11.39 51.62
N THR D 25 15.58 11.32 50.91
CA THR D 25 15.13 10.05 50.33
C THR D 25 15.80 9.75 49.00
N LEU D 26 16.58 10.70 48.45
CA LEU D 26 17.19 10.49 47.14
C LEU D 26 18.37 9.53 47.20
N THR D 27 18.91 9.26 48.40
CA THR D 27 19.98 8.28 48.52
C THR D 27 19.46 6.86 48.33
N VAL D 28 18.19 6.63 48.62
CA VAL D 28 17.60 5.31 48.47
C VAL D 28 16.63 5.25 47.28
N GLN D 29 16.18 6.40 46.77
CA GLN D 29 15.28 6.41 45.62
C GLN D 29 15.96 5.91 44.36
N ALA D 30 17.15 6.43 44.07
CA ALA D 30 17.97 6.20 42.85
C ALA D 30 17.09 6.58 41.65
N ARG D 31 17.14 5.83 40.55
CA ARG D 31 16.26 6.05 39.43
C ARG D 31 15.84 4.71 38.82
N ASN D 32 14.63 4.68 38.27
CA ASN D 32 14.06 3.49 37.66
C ASN D 32 13.31 3.86 36.38
N LEU D 33 13.75 4.94 35.72
CA LEU D 33 13.11 5.43 34.51
C LEU D 33 13.23 4.43 33.37
N LEU D 34 14.43 3.90 33.13
CA LEU D 34 14.66 2.90 32.10
C LEU D 34 14.78 1.50 32.68
N SER D 35 14.00 1.19 33.70
CA SER D 35 13.98 -0.14 34.30
C SER D 35 13.27 -1.14 33.40
N THR D 58 2.66 -3.71 11.19
CA THR D 58 1.53 -3.76 12.10
C THR D 58 1.41 -2.46 12.90
N VAL D 59 0.25 -2.25 13.53
CA VAL D 59 0.00 -1.00 14.22
C VAL D 59 0.63 -0.99 15.61
N TRP D 60 0.98 -2.16 16.15
CA TRP D 60 1.61 -2.24 17.46
C TRP D 60 3.10 -2.48 17.38
N GLY D 61 3.68 -2.36 16.19
CA GLY D 61 5.13 -2.39 16.04
C GLY D 61 5.66 -1.01 15.70
N ILE D 62 4.73 -0.09 15.40
CA ILE D 62 5.09 1.31 15.14
C ILE D 62 4.98 2.16 16.40
N LYS D 63 4.40 1.63 17.48
CA LYS D 63 4.32 2.33 18.74
C LYS D 63 5.43 1.96 19.70
N GLN D 64 5.93 0.73 19.62
CA GLN D 64 7.11 0.31 20.38
C GLN D 64 8.30 1.18 20.01
N LEU D 65 8.47 1.44 18.72
CA LEU D 65 9.56 2.25 18.21
C LEU D 65 9.47 3.69 18.70
N GLN D 66 8.26 4.27 18.64
CA GLN D 66 8.09 5.67 19.03
C GLN D 66 8.26 5.85 20.54
N ALA D 67 7.78 4.88 21.33
CA ALA D 67 8.00 4.93 22.77
C ALA D 67 9.48 4.80 23.11
N ARG D 68 10.21 3.94 22.39
CA ARG D 68 11.64 3.78 22.63
C ARG D 68 12.42 5.04 22.28
N VAL D 69 12.07 5.70 21.17
CA VAL D 69 12.75 6.94 20.77
C VAL D 69 12.47 8.06 21.76
N LEU D 70 11.21 8.20 22.22
CA LEU D 70 10.94 9.28 23.17
C LEU D 70 11.55 8.99 24.56
N ALA D 71 11.67 7.72 24.93
CA ALA D 71 12.34 7.36 26.18
C ALA D 71 13.82 7.70 26.14
N VAL D 72 14.52 7.32 25.06
CA VAL D 72 15.95 7.61 24.98
C VAL D 72 16.19 9.10 24.82
N GLU D 73 15.27 9.82 24.15
CA GLU D 73 15.40 11.27 24.02
C GLU D 73 15.22 11.97 25.36
N ARG D 74 14.26 11.53 26.17
CA ARG D 74 14.05 12.14 27.49
C ARG D 74 15.23 11.86 28.42
N TYR D 75 15.77 10.63 28.39
CA TYR D 75 16.93 10.32 29.23
C TYR D 75 18.16 11.13 28.83
N LEU D 76 18.40 11.26 27.52
CA LEU D 76 19.56 12.03 27.07
C LEU D 76 19.39 13.51 27.33
N ARG D 77 18.16 14.05 27.22
CA ARG D 77 17.92 15.45 27.55
C ARG D 77 18.15 15.73 29.03
N ASP D 78 17.70 14.82 29.90
CA ASP D 78 17.89 15.01 31.34
C ASP D 78 19.38 14.93 31.71
N GLN D 79 20.12 13.99 31.13
CA GLN D 79 21.56 13.90 31.41
C GLN D 79 22.33 15.08 30.83
N GLN D 80 21.93 15.59 29.67
CA GLN D 80 22.61 16.75 29.10
C GLN D 80 22.38 17.99 29.95
N LEU D 81 21.14 18.21 30.42
CA LEU D 81 20.86 19.34 31.29
C LEU D 81 21.58 19.22 32.63
N LEU D 82 21.73 18.00 33.16
CA LEU D 82 22.55 17.85 34.36
C LEU D 82 24.04 18.04 34.06
N GLY D 83 24.46 17.79 32.83
CA GLY D 83 25.87 17.88 32.51
C GLY D 83 26.39 19.21 32.05
N ILE D 84 25.50 20.14 31.65
CA ILE D 84 25.97 21.47 31.25
C ILE D 84 26.51 22.23 32.45
N TRP D 85 25.77 22.24 33.57
CA TRP D 85 26.26 22.96 34.75
C TRP D 85 27.11 22.09 35.68
N GLY D 86 27.74 21.04 35.14
CA GLY D 86 28.90 20.42 35.75
C GLY D 86 28.72 19.73 37.07
N CYS D 87 27.66 18.93 37.22
CA CYS D 87 27.49 18.12 38.41
C CYS D 87 26.92 16.75 38.03
N SER D 88 27.49 16.16 36.98
CA SER D 88 26.99 14.89 36.46
C SER D 88 27.27 13.75 37.43
N GLY D 89 26.24 12.96 37.71
CA GLY D 89 26.36 11.81 38.59
C GLY D 89 26.64 12.12 40.05
N LYS D 90 25.87 13.03 40.64
CA LYS D 90 26.06 13.37 42.04
C LYS D 90 24.77 13.33 42.84
N LEU D 91 23.64 13.61 42.16
CA LEU D 91 22.24 13.58 42.64
C LEU D 91 21.90 14.73 43.60
N ILE D 92 22.91 15.47 44.05
CA ILE D 92 22.75 16.71 44.81
C ILE D 92 23.90 17.62 44.39
N CYS D 93 23.58 18.76 43.80
CA CYS D 93 24.60 19.69 43.31
C CYS D 93 24.49 20.98 44.10
N CYS D 94 25.52 21.30 44.88
CA CYS D 94 25.62 22.62 45.47
C CYS D 94 26.28 23.54 44.45
N THR D 95 25.60 24.62 44.09
CA THR D 95 26.13 25.59 43.13
C THR D 95 26.10 26.97 43.75
N ASN D 96 26.98 27.85 43.27
CA ASN D 96 27.16 29.17 43.87
C ASN D 96 26.45 30.27 43.09
N VAL D 97 25.32 29.96 42.46
CA VAL D 97 24.45 31.01 41.93
C VAL D 97 23.72 31.63 43.10
N PRO D 98 23.81 32.94 43.31
CA PRO D 98 23.11 33.56 44.45
C PRO D 98 21.60 33.56 44.23
N TRP D 99 20.88 33.17 45.28
CA TRP D 99 19.42 33.04 45.19
C TRP D 99 18.79 34.42 45.29
N ASN D 100 18.15 34.86 44.21
CA ASN D 100 17.46 36.14 44.21
C ASN D 100 16.23 36.06 45.10
N SER D 101 15.98 37.15 45.84
CA SER D 101 14.86 37.18 46.77
C SER D 101 13.52 37.33 46.07
N SER D 102 13.50 37.78 44.81
CA SER D 102 12.26 38.00 44.10
C SER D 102 11.57 36.71 43.65
N TRP D 103 12.24 35.57 43.74
CA TRP D 103 11.62 34.30 43.40
C TRP D 103 10.94 33.63 44.58
N SER D 104 11.40 33.90 45.81
CA SER D 104 10.84 33.30 47.01
C SER D 104 10.17 34.30 47.93
N ASN D 105 10.90 35.37 48.31
CA ASN D 105 10.44 36.42 49.23
C ASN D 105 10.00 35.88 50.59
N ARG D 106 10.61 34.80 51.07
CA ARG D 106 10.07 34.12 52.23
C ARG D 106 11.13 33.27 52.92
N ASN D 107 10.71 32.65 54.03
CA ASN D 107 11.61 31.94 54.91
C ASN D 107 11.98 30.58 54.32
N LEU D 108 13.17 30.10 54.69
CA LEU D 108 13.68 28.82 54.20
C LEU D 108 13.14 27.64 55.01
N SER D 109 12.97 27.83 56.32
CA SER D 109 12.62 26.71 57.20
C SER D 109 11.19 26.22 56.94
N GLU D 110 10.26 27.15 56.70
CA GLU D 110 8.90 26.74 56.40
C GLU D 110 8.80 26.11 55.02
N ILE D 111 9.68 26.51 54.09
CA ILE D 111 9.76 25.86 52.78
C ILE D 111 10.22 24.41 52.93
N TRP D 112 11.26 24.20 53.74
CA TRP D 112 11.82 22.86 53.85
C TRP D 112 11.10 21.97 54.87
N ASP D 113 10.20 22.53 55.68
CA ASP D 113 9.50 21.72 56.67
C ASP D 113 7.98 21.84 56.58
N ASN D 114 7.43 22.48 55.56
CA ASN D 114 5.98 22.67 55.47
C ASN D 114 5.35 22.25 54.15
N MET D 115 6.09 22.23 53.05
CA MET D 115 5.47 22.00 51.75
C MET D 115 6.01 20.78 51.04
N THR D 116 5.29 20.41 49.99
CA THR D 116 5.62 19.30 49.11
C THR D 116 6.27 19.82 47.84
N TRP D 117 6.74 18.89 47.01
CA TRP D 117 7.46 19.30 45.80
C TRP D 117 6.51 19.80 44.73
N LEU D 118 5.24 19.36 44.74
CA LEU D 118 4.31 19.70 43.66
C LEU D 118 3.90 21.17 43.70
N GLN D 119 3.50 21.67 44.86
CA GLN D 119 3.13 23.07 44.94
C GLN D 119 4.34 23.99 44.91
N TRP D 120 5.51 23.50 45.32
CA TRP D 120 6.75 24.24 45.12
C TRP D 120 7.06 24.39 43.64
N ASP D 121 6.85 23.33 42.85
CA ASP D 121 6.99 23.43 41.40
C ASP D 121 5.95 24.36 40.80
N LYS D 122 4.75 24.37 41.36
CA LYS D 122 3.72 25.30 40.90
C LYS D 122 4.08 26.75 41.21
N GLU D 123 4.80 26.98 42.30
CA GLU D 123 5.24 28.34 42.64
C GLU D 123 6.50 28.76 41.89
N ILE D 124 7.33 27.80 41.48
CA ILE D 124 8.65 28.13 40.94
C ILE D 124 8.73 28.03 39.41
N SER D 125 7.67 27.54 38.75
CA SER D 125 7.71 27.27 37.32
C SER D 125 7.78 28.53 36.45
N ASN D 126 7.56 29.70 37.02
CA ASN D 126 7.66 30.93 36.24
C ASN D 126 9.09 31.42 36.07
N TYR D 127 10.06 30.86 36.80
CA TYR D 127 11.43 31.35 36.79
C TYR D 127 12.43 30.20 36.65
N THR D 128 12.09 29.16 35.91
CA THR D 128 13.04 28.07 35.73
C THR D 128 14.14 28.42 34.73
N GLN D 129 13.78 29.15 33.67
CA GLN D 129 14.75 29.42 32.61
C GLN D 129 15.83 30.40 33.04
N ILE D 130 15.47 31.37 33.88
CA ILE D 130 16.46 32.33 34.39
C ILE D 130 17.43 31.65 35.33
N ILE D 131 16.94 30.74 36.17
CA ILE D 131 17.79 29.96 37.07
C ILE D 131 18.72 29.05 36.27
N TYR D 132 18.20 28.43 35.21
CA TYR D 132 19.02 27.56 34.37
C TYR D 132 20.11 28.34 33.64
N GLY D 133 19.77 29.53 33.14
CA GLY D 133 20.78 30.37 32.50
C GLY D 133 21.84 30.87 33.47
N LEU D 134 21.43 31.19 34.71
CA LEU D 134 22.40 31.59 35.72
C LEU D 134 23.35 30.44 36.08
N LEU D 135 22.81 29.22 36.18
CA LEU D 135 23.66 28.05 36.46
C LEU D 135 24.65 27.79 35.32
N GLU D 136 24.20 27.92 34.06
CA GLU D 136 25.10 27.71 32.93
C GLU D 136 26.20 28.76 32.87
N GLU D 137 25.86 30.03 33.13
CA GLU D 137 26.86 31.09 33.14
C GLU D 137 27.86 30.90 34.29
N SER D 138 27.37 30.49 35.46
CA SER D 138 28.28 30.27 36.59
C SER D 138 29.21 29.09 36.34
N GLN D 139 28.72 28.04 35.68
CA GLN D 139 29.59 26.90 35.36
C GLN D 139 30.65 27.29 34.35
N ASN D 140 30.28 28.07 33.33
CA ASN D 140 31.27 28.51 32.34
C ASN D 140 32.33 29.42 32.97
N GLN D 141 31.90 30.29 33.88
CA GLN D 141 32.85 31.14 34.60
C GLN D 141 33.77 30.30 35.50
N GLN D 142 33.21 29.26 36.13
CA GLN D 142 34.01 28.34 36.94
C GLN D 142 35.08 27.64 36.11
N GLU D 143 34.71 27.16 34.92
CA GLU D 143 35.69 26.42 34.12
C GLU D 143 36.73 27.35 33.51
N LYS D 144 36.37 28.58 33.16
CA LYS D 144 37.37 29.54 32.69
C LYS D 144 38.34 29.92 33.80
N ASN D 145 37.84 30.13 35.02
CA ASN D 145 38.71 30.42 36.15
C ASN D 145 39.59 29.24 36.50
N GLU D 146 39.05 28.02 36.37
CA GLU D 146 39.82 26.81 36.62
C GLU D 146 40.95 26.65 35.61
N GLN D 147 40.67 26.93 34.33
CA GLN D 147 41.72 26.87 33.30
C GLN D 147 42.80 27.91 33.53
N ASP D 148 42.40 29.13 33.91
CA ASP D 148 43.40 30.17 34.19
C ASP D 148 44.25 29.83 35.41
N LEU D 149 43.62 29.38 36.49
CA LEU D 149 44.35 29.06 37.72
C LEU D 149 45.24 27.83 37.56
N LEU D 150 44.82 26.88 36.73
CA LEU D 150 45.62 25.69 36.46
C LEU D 150 46.68 25.93 35.40
N ALA D 151 46.56 27.01 34.63
CA ALA D 151 47.62 27.40 33.70
C ALA D 151 48.56 28.45 34.29
N LEU D 152 48.28 28.97 35.48
CA LEU D 152 49.27 29.82 36.16
C LEU D 152 50.54 29.05 36.51
N ASP D 153 50.40 27.80 36.92
CA ASP D 153 51.54 26.98 37.31
C ASP D 153 52.38 26.57 36.11
N ALA E 1 33.39 38.84 28.29
CA ALA E 1 32.18 39.24 27.59
C ALA E 1 31.05 38.24 27.85
N VAL E 2 30.76 38.02 29.13
CA VAL E 2 29.69 37.09 29.50
C VAL E 2 28.32 37.74 29.31
N GLY E 3 28.24 39.07 29.29
CA GLY E 3 26.97 39.74 29.14
C GLY E 3 26.55 39.95 27.70
N ILE E 4 25.66 39.09 27.21
CA ILE E 4 25.12 39.22 25.86
C ILE E 4 23.74 39.87 25.85
N GLY E 5 23.12 40.04 27.01
CA GLY E 5 21.76 40.58 27.09
C GLY E 5 20.72 39.46 27.10
N ALA E 6 20.00 39.31 25.99
CA ALA E 6 19.08 38.19 25.82
C ALA E 6 19.88 36.95 25.44
N VAL E 7 19.78 35.90 26.25
CA VAL E 7 20.56 34.68 26.00
C VAL E 7 19.74 33.79 25.06
N PHE E 8 19.81 34.13 23.78
CA PHE E 8 19.22 33.33 22.69
C PHE E 8 20.20 33.44 21.52
N LEU E 9 21.15 32.51 21.46
CA LEU E 9 22.19 32.57 20.45
C LEU E 9 22.10 31.47 19.40
N GLY E 10 21.54 30.32 19.76
CA GLY E 10 21.10 29.29 18.83
C GLY E 10 22.12 28.75 17.84
N PHE E 11 23.17 28.11 18.37
CA PHE E 11 24.33 27.52 17.69
C PHE E 11 25.25 28.54 17.02
N LEU E 12 24.87 29.82 16.95
CA LEU E 12 25.52 30.71 16.00
C LEU E 12 25.88 32.09 16.55
N GLY E 13 25.43 32.45 17.76
CA GLY E 13 25.32 33.85 18.15
C GLY E 13 26.63 34.60 18.32
N ALA E 14 27.73 33.89 18.52
CA ALA E 14 29.03 34.53 18.67
C ALA E 14 30.01 33.96 17.66
N ALA E 15 29.57 33.76 16.42
CA ALA E 15 30.41 33.19 15.39
C ALA E 15 31.26 34.24 14.67
N GLY E 16 31.13 35.52 15.05
CA GLY E 16 31.91 36.56 14.41
C GLY E 16 32.87 37.24 15.36
N SER E 17 32.62 37.13 16.67
CA SER E 17 33.47 37.76 17.67
C SER E 17 34.78 36.99 17.81
N THR E 18 35.73 37.62 18.49
CA THR E 18 37.05 37.03 18.69
C THR E 18 36.97 35.85 19.66
N MET E 19 38.07 35.09 19.73
CA MET E 19 38.07 33.85 20.49
C MET E 19 38.04 34.09 21.99
N GLY E 20 38.52 35.25 22.45
CA GLY E 20 38.43 35.57 23.86
C GLY E 20 37.00 35.75 24.33
N ALA E 21 36.14 36.30 23.47
CA ALA E 21 34.73 36.44 23.77
C ALA E 21 33.90 35.25 23.28
N ALA E 22 34.53 34.29 22.61
CA ALA E 22 33.81 33.12 22.10
C ALA E 22 34.03 31.87 22.94
N SER E 23 34.88 31.93 23.97
CA SER E 23 35.03 30.84 24.91
C SER E 23 34.15 31.01 26.14
N MET E 24 33.45 32.14 26.26
CA MET E 24 32.52 32.39 27.34
C MET E 24 31.09 31.99 26.98
N THR E 25 30.85 31.59 25.73
CA THR E 25 29.51 31.38 25.22
C THR E 25 29.24 29.93 24.84
N LEU E 26 29.98 28.99 25.44
CA LEU E 26 29.88 27.60 25.02
C LEU E 26 28.59 26.93 25.51
N THR E 27 28.03 27.39 26.62
CA THR E 27 26.86 26.73 27.20
C THR E 27 25.61 26.96 26.36
N VAL E 28 25.40 28.20 25.90
CA VAL E 28 24.20 28.52 25.14
C VAL E 28 24.25 27.90 23.74
N GLN E 29 25.44 27.56 23.24
CA GLN E 29 25.57 26.88 21.97
C GLN E 29 25.57 25.37 22.09
N ALA E 30 25.97 24.84 23.25
CA ALA E 30 25.92 23.40 23.51
C ALA E 30 24.61 22.95 24.12
N ARG E 31 23.74 23.89 24.50
CA ARG E 31 22.46 23.53 25.07
C ARG E 31 21.49 22.98 24.02
N ASN E 32 21.63 23.40 22.77
CA ASN E 32 20.61 23.13 21.76
C ASN E 32 20.94 21.95 20.85
N LEU E 33 21.98 21.16 21.17
CA LEU E 33 22.33 20.02 20.32
C LEU E 33 21.32 18.88 20.38
N LEU E 34 20.38 18.88 21.32
CA LEU E 34 19.38 17.83 21.40
C LEU E 34 17.98 18.32 21.12
N SER E 35 17.58 19.46 21.67
CA SER E 35 16.23 19.97 21.48
C SER E 35 16.10 20.69 20.14
N THR E 58 2.47 8.27 6.17
CA THR E 58 2.62 9.72 6.02
C THR E 58 4.04 10.05 5.60
N VAL E 59 4.18 10.95 4.62
CA VAL E 59 5.51 11.33 4.16
C VAL E 59 6.18 12.30 5.12
N TRP E 60 5.40 13.02 5.92
CA TRP E 60 5.94 13.95 6.91
C TRP E 60 5.80 13.45 8.33
N GLY E 61 5.37 12.20 8.50
CA GLY E 61 5.38 11.57 9.80
C GLY E 61 6.65 10.76 10.00
N ILE E 62 7.40 10.59 8.92
CA ILE E 62 8.68 9.88 8.98
C ILE E 62 9.88 10.81 8.83
N LYS E 63 9.71 11.97 8.18
CA LYS E 63 10.79 12.95 8.12
C LYS E 63 10.99 13.64 9.46
N GLN E 64 9.96 13.70 10.29
CA GLN E 64 10.14 14.16 11.66
C GLN E 64 10.86 13.12 12.50
N LEU E 65 10.57 11.84 12.28
CA LEU E 65 11.07 10.80 13.16
C LEU E 65 12.49 10.37 12.81
N GLN E 66 12.91 10.51 11.55
CA GLN E 66 14.31 10.22 11.22
C GLN E 66 15.25 11.28 11.77
N ALA E 67 14.79 12.53 11.87
CA ALA E 67 15.65 13.62 12.30
C ALA E 67 15.99 13.50 13.79
N ARG E 68 15.05 13.03 14.61
CA ARG E 68 15.33 12.82 16.02
C ARG E 68 16.37 11.73 16.22
N VAL E 69 16.27 10.65 15.43
CA VAL E 69 17.24 9.56 15.50
C VAL E 69 18.62 10.02 15.07
N LEU E 70 18.72 10.82 14.01
CA LEU E 70 20.04 11.27 13.57
C LEU E 70 20.63 12.31 14.53
N ALA E 71 19.78 13.12 15.17
CA ALA E 71 20.27 14.05 16.18
C ALA E 71 20.82 13.31 17.40
N VAL E 72 20.12 12.25 17.84
CA VAL E 72 20.59 11.43 18.95
C VAL E 72 21.89 10.72 18.59
N GLU E 73 21.99 10.22 17.36
CA GLU E 73 23.23 9.58 16.87
C GLU E 73 24.41 10.55 16.89
N ARG E 74 24.22 11.76 16.36
CA ARG E 74 25.32 12.72 16.28
C ARG E 74 25.75 13.22 17.66
N TYR E 75 24.78 13.47 18.55
CA TYR E 75 25.11 13.90 19.90
C TYR E 75 25.82 12.80 20.68
N LEU E 76 25.40 11.54 20.50
CA LEU E 76 26.06 10.44 21.19
C LEU E 76 27.48 10.21 20.66
N ARG E 77 27.68 10.38 19.35
CA ARG E 77 29.02 10.27 18.78
C ARG E 77 29.95 11.36 19.33
N ASP E 78 29.45 12.60 19.40
CA ASP E 78 30.26 13.69 19.93
C ASP E 78 30.57 13.50 21.41
N GLN E 79 29.59 13.01 22.19
CA GLN E 79 29.81 12.80 23.62
C GLN E 79 30.77 11.64 23.89
N GLN E 80 30.66 10.56 23.10
CA GLN E 80 31.62 9.46 23.23
C GLN E 80 33.03 9.89 22.86
N LEU E 81 33.17 10.62 21.75
CA LEU E 81 34.49 11.05 21.29
C LEU E 81 35.10 12.05 22.25
N LEU E 82 34.28 12.85 22.93
CA LEU E 82 34.78 13.70 24.01
C LEU E 82 35.19 12.88 25.22
N GLY E 83 34.42 11.83 25.54
CA GLY E 83 34.67 11.07 26.74
C GLY E 83 35.74 10.00 26.63
N ILE E 84 36.26 9.73 25.43
CA ILE E 84 37.35 8.77 25.30
C ILE E 84 38.62 9.30 25.95
N TRP E 85 39.00 10.54 25.65
CA TRP E 85 40.29 11.06 26.14
C TRP E 85 40.15 11.86 27.43
N GLY E 86 39.24 11.47 28.30
CA GLY E 86 39.27 11.95 29.67
C GLY E 86 38.36 13.12 29.98
N CYS E 87 38.06 13.93 28.98
CA CYS E 87 37.18 15.09 29.15
C CYS E 87 35.76 14.56 29.24
N SER E 88 35.31 14.28 30.46
CA SER E 88 34.05 13.57 30.65
C SER E 88 32.85 14.47 30.37
N GLY E 89 32.73 15.55 31.13
CA GLY E 89 31.62 16.47 30.94
C GLY E 89 32.05 17.92 30.89
N LYS E 90 33.35 18.15 30.99
CA LYS E 90 33.86 19.52 30.99
C LYS E 90 33.84 20.10 29.58
N LEU E 91 33.64 21.42 29.51
CA LEU E 91 33.65 22.13 28.24
C LEU E 91 35.05 22.59 27.88
N ILE E 92 35.67 23.38 28.75
CA ILE E 92 37.07 23.79 28.57
C ILE E 92 37.92 22.75 29.31
N CYS E 93 38.25 21.68 28.62
CA CYS E 93 39.05 20.61 29.18
C CYS E 93 40.48 20.70 28.67
N CYS E 94 41.41 20.23 29.50
CA CYS E 94 42.83 20.38 29.23
C CYS E 94 43.51 19.02 29.16
N THR E 95 44.37 18.85 28.17
CA THR E 95 45.13 17.62 27.97
C THR E 95 46.62 17.92 28.08
N ASN E 96 47.43 16.86 28.10
CA ASN E 96 48.88 16.98 28.22
C ASN E 96 49.59 16.52 26.95
N VAL E 97 48.93 16.61 25.81
CA VAL E 97 49.58 16.34 24.53
C VAL E 97 50.35 17.58 24.13
N PRO E 98 51.66 17.49 23.86
CA PRO E 98 52.42 18.68 23.47
C PRO E 98 52.05 19.15 22.07
N TRP E 99 51.81 20.45 21.93
CA TRP E 99 51.37 21.03 20.67
C TRP E 99 52.56 21.15 19.73
N ASN E 100 52.49 20.45 18.61
CA ASN E 100 53.54 20.54 17.60
C ASN E 100 53.52 21.90 16.93
N SER E 101 54.70 22.45 16.66
CA SER E 101 54.80 23.75 16.01
C SER E 101 54.52 23.69 14.51
N SER E 102 54.45 22.49 13.94
CA SER E 102 54.21 22.31 12.51
C SER E 102 52.72 22.29 12.16
N TRP E 103 51.86 22.82 13.03
CA TRP E 103 50.43 22.87 12.79
C TRP E 103 49.89 24.28 12.68
N SER E 104 50.44 25.23 13.44
CA SER E 104 49.98 26.61 13.42
C SER E 104 51.04 27.60 12.97
N ASN E 105 52.22 27.56 13.59
CA ASN E 105 53.34 28.49 13.33
C ASN E 105 52.93 29.95 13.52
N ARG E 106 52.05 30.21 14.49
CA ARG E 106 51.65 31.56 14.84
C ARG E 106 51.75 31.76 16.34
N ASN E 107 51.67 33.02 16.75
CA ASN E 107 51.75 33.38 18.16
C ASN E 107 50.48 32.96 18.89
N LEU E 108 50.58 32.88 20.21
CA LEU E 108 49.43 32.53 21.05
C LEU E 108 48.41 33.67 21.07
N SER E 109 48.89 34.89 21.32
CA SER E 109 47.98 36.03 21.41
C SER E 109 47.39 36.38 20.05
N GLU E 110 48.14 36.14 18.97
CA GLU E 110 47.60 36.34 17.63
C GLU E 110 46.46 35.38 17.33
N ILE E 111 46.59 34.13 17.79
CA ILE E 111 45.51 33.15 17.62
C ILE E 111 44.30 33.53 18.45
N TRP E 112 44.51 33.87 19.72
CA TRP E 112 43.38 34.14 20.60
C TRP E 112 42.77 35.53 20.41
N ASP E 113 43.40 36.43 19.65
CA ASP E 113 42.86 37.76 19.46
C ASP E 113 42.47 38.09 18.03
N ASN E 114 43.25 37.66 17.04
CA ASN E 114 43.05 38.12 15.67
C ASN E 114 42.16 37.20 14.83
N MET E 115 41.61 36.14 15.41
CA MET E 115 40.76 35.22 14.67
C MET E 115 39.43 35.03 15.37
N THR E 116 38.53 34.34 14.66
CA THR E 116 37.42 33.64 15.25
C THR E 116 37.60 32.15 14.96
N TRP E 117 36.61 31.33 15.35
CA TRP E 117 36.77 29.89 15.27
C TRP E 117 36.70 29.37 13.83
N LEU E 118 36.14 30.15 12.91
CA LEU E 118 35.95 29.67 11.54
C LEU E 118 37.27 29.59 10.78
N GLN E 119 38.12 30.62 10.91
CA GLN E 119 39.43 30.57 10.26
C GLN E 119 40.31 29.48 10.87
N TRP E 120 40.22 29.28 12.19
CA TRP E 120 40.99 28.22 12.82
C TRP E 120 40.53 26.84 12.37
N ASP E 121 39.22 26.65 12.21
CA ASP E 121 38.72 25.40 11.65
C ASP E 121 39.17 25.20 10.21
N LYS E 122 39.31 26.30 9.46
CA LYS E 122 39.81 26.19 8.10
C LYS E 122 41.29 25.80 8.06
N GLU E 123 42.09 26.30 9.01
CA GLU E 123 43.52 25.96 9.02
C GLU E 123 43.87 24.73 9.85
N ILE E 124 42.93 24.10 10.56
CA ILE E 124 43.25 22.92 11.35
C ILE E 124 42.71 21.64 10.71
N SER E 125 41.83 21.76 9.70
CA SER E 125 41.00 20.65 9.25
C SER E 125 41.77 19.52 8.57
N ASN E 126 43.02 19.77 8.18
CA ASN E 126 43.85 18.70 7.64
C ASN E 126 44.59 17.92 8.74
N TYR E 127 44.71 18.49 9.94
CA TYR E 127 45.58 17.97 10.99
C TYR E 127 44.78 17.53 12.21
N THR E 128 43.61 16.94 12.01
CA THR E 128 42.74 16.61 13.14
C THR E 128 42.88 15.17 13.61
N GLN E 129 43.04 14.21 12.70
CA GLN E 129 43.08 12.80 13.08
C GLN E 129 44.35 12.45 13.84
N ILE E 130 45.47 13.09 13.49
CA ILE E 130 46.72 12.89 14.22
C ILE E 130 46.57 13.41 15.65
N ILE E 131 45.91 14.55 15.81
CA ILE E 131 45.65 15.13 17.13
C ILE E 131 44.77 14.20 17.96
N TYR E 132 43.71 13.65 17.34
CA TYR E 132 42.81 12.76 18.06
C TYR E 132 43.53 11.47 18.48
N GLY E 133 44.37 10.92 17.61
CA GLY E 133 45.15 9.74 17.97
C GLY E 133 46.13 10.00 19.09
N LEU E 134 46.78 11.18 19.06
CA LEU E 134 47.72 11.54 20.12
C LEU E 134 47.02 11.70 21.47
N LEU E 135 45.83 12.34 21.47
CA LEU E 135 45.06 12.47 22.70
C LEU E 135 44.61 11.13 23.25
N GLU E 136 44.18 10.21 22.38
CA GLU E 136 43.73 8.91 22.87
C GLU E 136 44.89 8.06 23.39
N GLU E 137 46.06 8.14 22.75
CA GLU E 137 47.24 7.45 23.25
C GLU E 137 47.70 8.01 24.60
N SER E 138 47.66 9.34 24.74
CA SER E 138 48.03 9.95 26.03
C SER E 138 47.03 9.60 27.12
N GLN E 139 45.74 9.46 26.76
CA GLN E 139 44.75 9.03 27.74
C GLN E 139 44.99 7.60 28.19
N ASN E 140 45.34 6.69 27.26
CA ASN E 140 45.66 5.32 27.65
C ASN E 140 46.90 5.27 28.56
N GLN E 141 47.90 6.09 28.25
CA GLN E 141 49.09 6.16 29.10
C GLN E 141 48.75 6.70 30.49
N GLN E 142 47.86 7.70 30.56
CA GLN E 142 47.44 8.25 31.84
C GLN E 142 46.67 7.23 32.68
N GLU E 143 45.78 6.45 32.05
CA GLU E 143 45.03 5.44 32.81
C GLU E 143 45.95 4.31 33.28
N LYS E 144 46.91 3.91 32.46
CA LYS E 144 47.86 2.87 32.88
C LYS E 144 48.73 3.34 34.03
N ASN E 145 49.21 4.60 33.96
CA ASN E 145 50.01 5.14 35.06
C ASN E 145 49.18 5.34 36.33
N GLU E 146 47.90 5.70 36.19
CA GLU E 146 47.04 5.83 37.36
C GLU E 146 46.77 4.48 38.02
N GLN E 147 46.58 3.43 37.19
CA GLN E 147 46.42 2.09 37.74
C GLN E 147 47.68 1.62 38.45
N ASP E 148 48.86 1.89 37.87
CA ASP E 148 50.11 1.51 38.52
C ASP E 148 50.35 2.29 39.81
N LEU E 149 50.00 3.57 39.84
CA LEU E 149 50.16 4.38 41.04
C LEU E 149 49.20 3.94 42.14
N LEU E 150 47.98 3.59 41.77
CA LEU E 150 47.03 3.09 42.78
C LEU E 150 47.36 1.68 43.24
N ALA E 151 48.05 0.90 42.40
CA ALA E 151 48.55 -0.41 42.83
C ALA E 151 49.84 -0.33 43.62
N LEU E 152 50.54 0.82 43.58
CA LEU E 152 51.73 0.98 44.40
C LEU E 152 51.39 1.01 45.89
N ASP E 153 50.28 1.64 46.26
CA ASP E 153 49.88 1.72 47.65
C ASP E 153 49.34 0.39 48.16
N ALA F 1 51.20 -3.30 22.18
CA ALA F 1 50.17 -2.88 21.25
C ALA F 1 50.07 -1.37 21.18
N VAL F 2 51.20 -0.71 20.94
CA VAL F 2 51.24 0.74 20.83
C VAL F 2 51.93 1.21 19.55
N GLY F 3 52.69 0.36 18.87
CA GLY F 3 53.41 0.76 17.68
C GLY F 3 52.65 0.49 16.40
N ILE F 4 51.33 0.33 16.50
CA ILE F 4 50.50 0.14 15.32
C ILE F 4 50.44 1.42 14.50
N GLY F 5 50.21 2.55 15.15
CA GLY F 5 50.16 3.83 14.47
C GLY F 5 48.82 4.10 13.83
N ALA F 6 48.54 3.44 12.72
CA ALA F 6 47.26 3.57 12.03
C ALA F 6 46.29 2.57 12.66
N VAL F 7 45.40 3.05 13.51
CA VAL F 7 44.50 2.21 14.29
C VAL F 7 43.16 2.17 13.56
N PHE F 8 42.87 1.03 12.92
CA PHE F 8 41.62 0.82 12.22
C PHE F 8 41.07 -0.58 12.43
N LEU F 9 41.49 -1.25 13.50
CA LEU F 9 41.31 -2.70 13.63
C LEU F 9 40.19 -3.11 14.55
N GLY F 10 39.79 -2.26 15.50
CA GLY F 10 38.72 -2.61 16.40
C GLY F 10 39.15 -3.65 17.42
N PHE F 11 38.15 -4.12 18.18
CA PHE F 11 38.35 -5.22 19.11
C PHE F 11 38.61 -6.54 18.41
N LEU F 12 38.33 -6.61 17.11
CA LEU F 12 38.55 -7.81 16.33
C LEU F 12 40.03 -8.16 16.28
N GLY F 13 40.88 -7.18 15.99
CA GLY F 13 42.27 -7.40 15.67
C GLY F 13 43.24 -7.51 16.82
N ALA F 14 42.80 -7.43 18.07
CA ALA F 14 43.70 -7.54 19.20
C ALA F 14 43.38 -8.70 20.12
N ALA F 15 42.30 -9.44 19.89
CA ALA F 15 41.97 -10.59 20.72
C ALA F 15 42.90 -11.76 20.41
N GLY F 16 43.04 -12.64 21.38
CA GLY F 16 44.01 -13.71 21.32
C GLY F 16 45.35 -13.39 21.92
N SER F 17 45.66 -12.11 22.11
CA SER F 17 46.84 -11.72 22.84
C SER F 17 46.58 -11.82 24.34
N THR F 18 47.64 -11.69 25.12
CA THR F 18 47.51 -11.70 26.57
C THR F 18 46.82 -10.43 27.05
N MET F 19 46.03 -10.57 28.13
CA MET F 19 45.26 -9.44 28.62
C MET F 19 46.11 -8.36 29.26
N GLY F 20 47.36 -8.65 29.61
CA GLY F 20 48.27 -7.60 29.98
C GLY F 20 48.62 -6.68 28.83
N ALA F 21 48.73 -7.24 27.62
CA ALA F 21 49.00 -6.45 26.43
C ALA F 21 47.74 -6.08 25.66
N ALA F 22 46.58 -6.56 26.08
CA ALA F 22 45.31 -6.24 25.44
C ALA F 22 44.52 -5.20 26.21
N SER F 23 45.11 -4.59 27.24
CA SER F 23 44.47 -3.52 27.99
C SER F 23 44.93 -2.14 27.55
N MET F 24 45.74 -2.05 26.50
CA MET F 24 46.19 -0.78 25.95
C MET F 24 45.71 -0.60 24.51
N THR F 25 44.59 -1.22 24.18
CA THR F 25 44.04 -1.21 22.83
C THR F 25 42.53 -0.97 22.88
N LEU F 26 42.12 0.06 23.62
CA LEU F 26 40.72 0.26 23.96
C LEU F 26 40.08 1.48 23.30
N THR F 27 40.86 2.51 22.93
CA THR F 27 40.28 3.81 22.64
C THR F 27 39.56 3.89 21.29
N VAL F 28 40.31 3.75 20.19
CA VAL F 28 39.68 3.78 18.86
C VAL F 28 38.86 2.51 18.65
N GLN F 29 39.28 1.42 19.30
CA GLN F 29 38.58 0.15 19.21
C GLN F 29 37.22 0.20 19.90
N ALA F 30 37.04 1.10 20.88
CA ALA F 30 35.72 1.38 21.45
C ALA F 30 35.03 2.55 20.76
N ARG F 31 35.79 3.39 20.06
CA ARG F 31 35.18 4.38 19.16
C ARG F 31 34.46 3.72 18.00
N ASN F 32 34.89 2.52 17.63
CA ASN F 32 34.26 1.73 16.57
C ASN F 32 32.94 1.04 17.00
N LEU F 33 32.35 1.41 18.14
CA LEU F 33 31.11 0.81 18.60
C LEU F 33 29.87 1.56 18.14
N LEU F 34 30.02 2.63 17.37
CA LEU F 34 28.88 3.36 16.84
C LEU F 34 28.97 3.59 15.34
N SER F 35 30.16 3.81 14.80
CA SER F 35 30.33 4.01 13.38
C SER F 35 30.51 2.68 12.66
N THR F 58 7.91 2.17 3.30
CA THR F 58 8.67 0.97 2.94
C THR F 58 8.98 0.13 4.17
N VAL F 59 9.64 -1.01 3.96
CA VAL F 59 9.97 -1.90 5.07
C VAL F 59 11.48 -1.98 5.32
N TRP F 60 12.32 -1.63 4.35
CA TRP F 60 13.76 -1.62 4.58
C TRP F 60 14.16 -0.47 5.50
N GLY F 61 13.52 0.69 5.34
CA GLY F 61 13.83 1.83 6.17
C GLY F 61 13.45 1.64 7.62
N ILE F 62 12.32 0.97 7.87
CA ILE F 62 11.90 0.70 9.24
C ILE F 62 12.83 -0.31 9.91
N LYS F 63 13.30 -1.31 9.14
CA LYS F 63 14.25 -2.28 9.67
C LYS F 63 15.61 -1.62 9.98
N GLN F 64 16.07 -0.74 9.09
CA GLN F 64 17.33 -0.02 9.33
C GLN F 64 17.22 0.92 10.51
N LEU F 65 16.09 1.61 10.65
CA LEU F 65 15.90 2.53 11.76
C LEU F 65 15.73 1.78 13.07
N GLN F 66 15.13 0.58 13.04
CA GLN F 66 15.11 -0.28 14.22
C GLN F 66 16.50 -0.73 14.60
N ALA F 67 17.35 -1.01 13.61
CA ALA F 67 18.75 -1.37 13.90
C ALA F 67 19.49 -0.21 14.54
N ARG F 68 19.26 1.02 14.05
CA ARG F 68 19.87 2.21 14.65
C ARG F 68 19.39 2.42 16.09
N VAL F 69 18.09 2.23 16.32
CA VAL F 69 17.53 2.43 17.66
C VAL F 69 18.07 1.38 18.63
N LEU F 70 18.19 0.12 18.19
CA LEU F 70 18.72 -0.89 19.10
C LEU F 70 20.21 -0.72 19.33
N ALA F 71 20.96 -0.18 18.36
CA ALA F 71 22.37 0.12 18.59
C ALA F 71 22.54 1.24 19.62
N VAL F 72 21.72 2.29 19.52
CA VAL F 72 21.76 3.39 20.49
C VAL F 72 21.34 2.89 21.88
N GLU F 73 20.31 2.03 21.92
CA GLU F 73 19.84 1.49 23.20
C GLU F 73 20.87 0.58 23.86
N ARG F 74 21.58 -0.23 23.06
CA ARG F 74 22.62 -1.08 23.61
C ARG F 74 23.80 -0.26 24.14
N TYR F 75 24.21 0.77 23.39
CA TYR F 75 25.30 1.63 23.86
C TYR F 75 24.93 2.37 25.13
N LEU F 76 23.71 2.88 25.21
CA LEU F 76 23.31 3.58 26.42
C LEU F 76 23.02 2.64 27.58
N ARG F 77 22.66 1.39 27.32
CA ARG F 77 22.58 0.41 28.40
C ARG F 77 23.96 0.11 28.98
N ASP F 78 24.97 0.00 28.11
CA ASP F 78 26.35 -0.18 28.60
C ASP F 78 26.82 1.04 29.38
N GLN F 79 26.49 2.24 28.89
CA GLN F 79 26.88 3.46 29.61
C GLN F 79 26.14 3.61 30.93
N GLN F 80 24.87 3.19 31.00
CA GLN F 80 24.14 3.20 32.27
C GLN F 80 24.72 2.19 33.24
N LEU F 81 25.15 1.03 32.74
CA LEU F 81 25.78 0.04 33.61
C LEU F 81 27.11 0.53 34.16
N LEU F 82 27.87 1.28 33.35
CA LEU F 82 29.05 1.93 33.91
C LEU F 82 28.69 3.04 34.89
N GLY F 83 27.58 3.74 34.66
CA GLY F 83 27.24 4.88 35.50
C GLY F 83 26.56 4.52 36.80
N ILE F 84 26.00 3.31 36.92
CA ILE F 84 25.34 2.92 38.16
C ILE F 84 26.36 2.74 39.29
N TRP F 85 27.44 2.00 39.03
CA TRP F 85 28.40 1.71 40.09
C TRP F 85 29.60 2.65 40.06
N GLY F 86 29.38 3.91 39.68
CA GLY F 86 30.35 4.99 39.86
C GLY F 86 31.65 4.83 39.10
N CYS F 87 31.56 4.39 37.86
CA CYS F 87 32.74 3.95 37.11
C CYS F 87 32.64 4.46 35.67
N SER F 88 32.15 5.69 35.50
CA SER F 88 31.86 6.22 34.19
C SER F 88 32.93 7.23 33.76
N GLY F 89 33.11 7.34 32.45
CA GLY F 89 34.10 8.24 31.89
C GLY F 89 35.51 7.72 31.88
N LYS F 90 35.75 6.50 32.35
CA LYS F 90 37.07 5.91 32.42
C LYS F 90 37.06 4.55 31.75
N LEU F 91 38.20 4.17 31.18
CA LEU F 91 38.34 2.87 30.54
C LEU F 91 38.88 1.85 31.53
N ILE F 92 40.07 2.08 32.07
CA ILE F 92 40.64 1.23 33.11
C ILE F 92 40.17 1.82 34.44
N CYS F 93 39.14 1.21 35.00
CA CYS F 93 38.35 1.78 36.10
C CYS F 93 38.19 0.74 37.18
N CYS F 94 38.99 0.85 38.25
CA CYS F 94 39.04 -0.19 39.27
C CYS F 94 38.48 0.30 40.60
N THR F 95 37.80 -0.60 41.30
CA THR F 95 36.94 -0.32 42.44
C THR F 95 37.48 -1.03 43.68
N ASN F 96 36.69 -1.00 44.76
CA ASN F 96 37.09 -1.54 46.05
C ASN F 96 36.22 -2.72 46.47
N VAL F 97 35.65 -3.43 45.51
CA VAL F 97 34.89 -4.65 45.82
C VAL F 97 35.88 -5.79 46.07
N PRO F 98 35.78 -6.52 47.18
CA PRO F 98 36.70 -7.62 47.43
C PRO F 98 36.44 -8.79 46.49
N TRP F 99 37.49 -9.22 45.79
CA TRP F 99 37.40 -10.30 44.83
C TRP F 99 37.35 -11.62 45.58
N ASN F 100 36.22 -12.34 45.47
CA ASN F 100 36.09 -13.64 46.09
C ASN F 100 36.95 -14.67 45.36
N SER F 101 37.66 -15.49 46.13
CA SER F 101 38.58 -16.45 45.55
C SER F 101 37.87 -17.65 44.93
N SER F 102 36.59 -17.85 45.20
CA SER F 102 35.88 -18.99 44.65
C SER F 102 35.53 -18.82 43.17
N TRP F 103 35.58 -17.59 42.66
CA TRP F 103 35.25 -17.36 41.26
C TRP F 103 36.39 -17.78 40.32
N SER F 104 37.64 -17.60 40.73
CA SER F 104 38.78 -17.83 39.87
C SER F 104 39.62 -19.02 40.33
N ASN F 105 40.10 -19.00 41.58
CA ASN F 105 40.97 -20.03 42.16
C ASN F 105 42.25 -20.25 41.34
N ARG F 106 42.87 -19.15 40.92
CA ARG F 106 44.09 -19.23 40.14
C ARG F 106 44.94 -17.99 40.38
N ASN F 107 46.22 -18.10 40.05
CA ASN F 107 47.20 -17.06 40.31
C ASN F 107 47.00 -15.88 39.36
N LEU F 108 47.47 -14.71 39.80
CA LEU F 108 47.32 -13.49 39.00
C LEU F 108 48.29 -13.48 37.82
N SER F 109 49.49 -14.03 38.01
CA SER F 109 50.49 -14.03 36.96
C SER F 109 50.06 -14.88 35.77
N GLU F 110 49.44 -16.03 36.04
CA GLU F 110 48.87 -16.86 34.98
C GLU F 110 47.75 -16.13 34.25
N ILE F 111 46.89 -15.43 35.00
CA ILE F 111 45.77 -14.69 34.44
C ILE F 111 46.25 -13.59 33.49
N TRP F 112 47.24 -12.81 33.93
CA TRP F 112 47.66 -11.65 33.16
C TRP F 112 48.86 -11.90 32.27
N ASP F 113 49.38 -13.14 32.20
CA ASP F 113 50.48 -13.42 31.30
C ASP F 113 50.29 -14.63 30.40
N ASN F 114 49.46 -15.61 30.77
CA ASN F 114 49.31 -16.81 29.95
C ASN F 114 47.84 -17.09 29.65
N MET F 115 47.05 -16.04 29.41
CA MET F 115 45.63 -16.20 29.24
C MET F 115 45.09 -15.01 28.44
N THR F 116 44.11 -15.25 27.58
CA THR F 116 43.49 -14.23 26.76
C THR F 116 42.13 -13.84 27.35
N TRP F 117 41.46 -12.90 26.69
CA TRP F 117 40.18 -12.40 27.19
C TRP F 117 39.04 -13.37 26.94
N LEU F 118 39.13 -14.18 25.88
CA LEU F 118 37.99 -15.01 25.46
C LEU F 118 37.70 -16.12 26.46
N GLN F 119 38.73 -16.87 26.87
CA GLN F 119 38.48 -17.92 27.86
C GLN F 119 38.31 -17.35 29.26
N TRP F 120 38.77 -16.12 29.52
CA TRP F 120 38.40 -15.46 30.77
C TRP F 120 36.91 -15.13 30.79
N ASP F 121 36.36 -14.69 29.66
CA ASP F 121 34.92 -14.49 29.55
C ASP F 121 34.16 -15.80 29.66
N LYS F 122 34.74 -16.89 29.13
CA LYS F 122 34.12 -18.21 29.26
C LYS F 122 34.15 -18.68 30.71
N GLU F 123 35.20 -18.37 31.45
CA GLU F 123 35.34 -18.82 32.84
C GLU F 123 34.65 -17.91 33.85
N ILE F 124 34.26 -16.69 33.46
CA ILE F 124 33.67 -15.75 34.40
C ILE F 124 32.17 -15.56 34.18
N SER F 125 31.61 -16.08 33.08
CA SER F 125 30.24 -15.75 32.69
C SER F 125 29.18 -16.33 33.63
N ASN F 126 29.53 -17.32 34.45
CA ASN F 126 28.57 -17.88 35.39
C ASN F 126 28.48 -17.10 36.69
N TYR F 127 29.36 -16.11 36.90
CA TYR F 127 29.46 -15.38 38.17
C TYR F 127 29.53 -13.88 37.92
N THR F 128 28.62 -13.36 37.09
CA THR F 128 28.62 -11.93 36.75
C THR F 128 27.65 -11.11 37.56
N GLN F 129 26.45 -11.65 37.84
CA GLN F 129 25.40 -10.88 38.50
C GLN F 129 25.74 -10.59 39.96
N ILE F 130 26.43 -11.52 40.62
CA ILE F 130 26.88 -11.29 42.00
C ILE F 130 27.90 -10.16 42.04
N ILE F 131 28.80 -10.13 41.05
CA ILE F 131 29.79 -9.05 40.97
C ILE F 131 29.12 -7.71 40.70
N TYR F 132 28.10 -7.71 39.82
CA TYR F 132 27.37 -6.47 39.53
C TYR F 132 26.61 -5.96 40.75
N GLY F 133 25.99 -6.86 41.50
CA GLY F 133 25.29 -6.46 42.72
C GLY F 133 26.23 -5.96 43.80
N LEU F 134 27.40 -6.59 43.93
CA LEU F 134 28.40 -6.14 44.89
C LEU F 134 28.94 -4.77 44.52
N LEU F 135 29.15 -4.52 43.22
CA LEU F 135 29.60 -3.20 42.77
C LEU F 135 28.55 -2.12 43.03
N GLU F 136 27.28 -2.44 42.79
CA GLU F 136 26.21 -1.49 43.06
C GLU F 136 26.08 -1.18 44.55
N GLU F 137 26.20 -2.21 45.41
CA GLU F 137 26.14 -2.00 46.85
C GLU F 137 27.33 -1.18 47.35
N SER F 138 28.52 -1.44 46.81
CA SER F 138 29.69 -0.67 47.20
C SER F 138 29.58 0.79 46.77
N GLN F 139 28.99 1.04 45.59
CA GLN F 139 28.79 2.41 45.16
C GLN F 139 27.74 3.12 46.01
N ASN F 140 26.69 2.41 46.42
CA ASN F 140 25.69 3.01 47.32
C ASN F 140 26.32 3.36 48.68
N GLN F 141 27.17 2.47 49.20
CA GLN F 141 27.87 2.76 50.45
C GLN F 141 28.82 3.94 50.31
N GLN F 142 29.51 4.03 49.16
CA GLN F 142 30.44 5.15 48.94
C GLN F 142 29.69 6.46 48.78
N GLU F 143 28.50 6.44 48.17
CA GLU F 143 27.71 7.67 48.05
C GLU F 143 27.14 8.09 49.40
N LYS F 144 26.76 7.13 50.24
CA LYS F 144 26.34 7.47 51.61
C LYS F 144 27.49 8.06 52.42
N ASN F 145 28.70 7.50 52.25
CA ASN F 145 29.86 8.04 52.93
C ASN F 145 30.21 9.44 52.41
N GLU F 146 30.03 9.67 51.11
CA GLU F 146 30.27 10.99 50.54
C GLU F 146 29.28 12.02 51.06
N GLN F 147 28.00 11.64 51.20
CA GLN F 147 27.01 12.54 51.77
C GLN F 147 27.29 12.81 53.26
N ASP F 148 27.77 11.79 53.99
CA ASP F 148 28.14 11.99 55.39
C ASP F 148 29.34 12.93 55.51
N LEU F 149 30.33 12.79 54.61
CA LEU F 149 31.48 13.68 54.63
C LEU F 149 31.12 15.10 54.20
N LEU F 150 30.13 15.24 53.32
CA LEU F 150 29.64 16.57 52.97
C LEU F 150 28.90 17.21 54.14
N ALA F 151 28.11 16.42 54.86
CA ALA F 151 27.39 16.94 56.02
C ALA F 151 28.31 17.20 57.20
N LEU F 152 29.47 16.54 57.27
CA LEU F 152 30.40 16.79 58.36
C LEU F 152 31.08 18.15 58.21
N ASP F 153 31.51 18.49 57.00
CA ASP F 153 32.17 19.77 56.75
C ASP F 153 31.16 20.87 56.51
N GLN G 1 -58.82 -40.91 25.46
CA GLN G 1 -57.37 -40.99 25.58
C GLN G 1 -56.71 -40.63 24.26
N VAL G 2 -55.48 -41.10 24.08
CA VAL G 2 -54.70 -40.85 22.87
C VAL G 2 -54.76 -42.09 22.01
N GLN G 3 -55.26 -41.94 20.77
CA GLN G 3 -55.37 -43.03 19.84
C GLN G 3 -54.79 -42.61 18.49
N LEU G 4 -54.20 -43.58 17.80
CA LEU G 4 -53.74 -43.41 16.43
C LEU G 4 -54.35 -44.50 15.57
N VAL G 5 -55.09 -44.10 14.54
CA VAL G 5 -55.74 -45.05 13.65
C VAL G 5 -55.26 -44.80 12.23
N GLN G 6 -55.25 -45.86 11.43
CA GLN G 6 -54.76 -45.78 10.06
C GLN G 6 -55.84 -46.26 9.09
N SER G 7 -55.47 -46.43 7.82
CA SER G 7 -56.40 -46.89 6.80
C SER G 7 -56.51 -48.41 6.85
N GLY G 8 -57.16 -48.99 5.84
CA GLY G 8 -57.27 -50.43 5.73
C GLY G 8 -56.07 -51.03 4.99
N ALA G 9 -56.10 -52.36 4.87
CA ALA G 9 -55.06 -53.06 4.14
C ALA G 9 -55.21 -52.81 2.64
N GLU G 10 -54.08 -52.64 1.97
CA GLU G 10 -54.06 -52.30 0.56
C GLU G 10 -53.24 -53.33 -0.21
N VAL G 11 -53.81 -53.84 -1.31
CA VAL G 11 -53.12 -54.73 -2.23
C VAL G 11 -52.88 -53.97 -3.53
N LYS G 12 -51.65 -54.02 -4.02
CA LYS G 12 -51.25 -53.24 -5.19
C LYS G 12 -50.42 -54.11 -6.13
N LYS G 13 -50.02 -53.51 -7.24
CA LYS G 13 -49.17 -54.07 -8.28
C LYS G 13 -47.79 -53.42 -8.23
N PRO G 14 -46.74 -54.11 -8.67
CA PRO G 14 -45.41 -53.47 -8.75
C PRO G 14 -45.39 -52.33 -9.75
N GLY G 15 -44.62 -51.29 -9.41
CA GLY G 15 -44.55 -50.09 -10.21
C GLY G 15 -45.61 -49.04 -9.92
N ALA G 16 -46.57 -49.34 -9.05
CA ALA G 16 -47.64 -48.41 -8.71
C ALA G 16 -47.25 -47.59 -7.48
N SER G 17 -48.20 -46.85 -6.93
CA SER G 17 -47.99 -46.01 -5.77
C SER G 17 -49.00 -46.35 -4.69
N VAL G 18 -48.53 -46.39 -3.44
CA VAL G 18 -49.37 -46.74 -2.29
C VAL G 18 -49.51 -45.51 -1.40
N LYS G 19 -50.67 -45.37 -0.77
CA LYS G 19 -50.96 -44.24 0.10
C LYS G 19 -51.46 -44.76 1.44
N VAL G 20 -50.77 -44.37 2.52
CA VAL G 20 -51.12 -44.78 3.88
C VAL G 20 -51.44 -43.54 4.70
N SER G 21 -52.59 -43.54 5.34
CA SER G 21 -53.03 -42.43 6.17
C SER G 21 -52.86 -42.77 7.65
N CYS G 22 -52.89 -41.73 8.49
CA CYS G 22 -52.74 -41.90 9.94
C CYS G 22 -53.41 -40.73 10.61
N LYS G 23 -54.52 -40.99 11.30
CA LYS G 23 -55.29 -39.95 11.98
C LYS G 23 -54.94 -39.93 13.46
N ALA G 24 -54.66 -38.74 13.99
CA ALA G 24 -54.30 -38.55 15.38
C ALA G 24 -55.45 -37.91 16.12
N SER G 25 -55.89 -38.55 17.21
CA SER G 25 -56.99 -38.05 18.02
C SER G 25 -56.61 -38.10 19.49
N GLY G 26 -57.16 -37.16 20.25
CA GLY G 26 -56.94 -37.10 21.68
C GLY G 26 -55.96 -36.04 22.15
N TYR G 27 -55.22 -35.43 21.23
CA TYR G 27 -54.24 -34.41 21.61
C TYR G 27 -54.05 -33.45 20.44
N THR G 28 -53.46 -32.30 20.75
CA THR G 28 -53.10 -31.32 19.72
C THR G 28 -51.94 -31.86 18.91
N PHE G 29 -52.21 -32.28 17.67
CA PHE G 29 -51.23 -32.97 16.86
C PHE G 29 -50.20 -32.02 16.24
N THR G 30 -50.41 -30.71 16.35
CA THR G 30 -49.49 -29.73 15.77
C THR G 30 -48.34 -29.37 16.70
N GLY G 31 -48.21 -30.07 17.82
CA GLY G 31 -47.11 -29.82 18.73
C GLY G 31 -46.18 -31.01 18.89
N TYR G 32 -46.47 -32.10 18.19
CA TYR G 32 -45.69 -33.32 18.30
C TYR G 32 -45.23 -33.78 16.92
N TYR G 33 -44.02 -34.33 16.86
CA TYR G 33 -43.51 -34.94 15.64
C TYR G 33 -44.27 -36.25 15.37
N MET G 34 -44.13 -36.75 14.14
CA MET G 34 -44.68 -38.07 13.82
C MET G 34 -43.70 -38.82 12.92
N HIS G 35 -43.20 -39.95 13.42
CA HIS G 35 -42.25 -40.78 12.70
C HIS G 35 -42.96 -41.99 12.09
N TRP G 36 -42.39 -42.50 11.01
CA TRP G 36 -42.92 -43.66 10.30
C TRP G 36 -41.88 -44.77 10.30
N VAL G 37 -42.28 -45.97 10.72
CA VAL G 37 -41.40 -47.13 10.69
C VAL G 37 -42.01 -48.18 9.77
N ARG G 38 -41.20 -49.19 9.43
CA ARG G 38 -41.58 -50.23 8.48
C ARG G 38 -41.22 -51.59 9.06
N GLN G 39 -42.14 -52.54 8.95
CA GLN G 39 -41.93 -53.90 9.46
C GLN G 39 -42.25 -54.90 8.35
N ALA G 40 -41.21 -55.53 7.81
CA ALA G 40 -41.43 -56.65 6.91
C ALA G 40 -41.88 -57.87 7.72
N PRO G 41 -42.77 -58.71 7.18
CA PRO G 41 -43.24 -59.88 7.93
C PRO G 41 -42.16 -60.95 8.08
N GLY G 42 -41.62 -61.07 9.29
CA GLY G 42 -40.53 -62.00 9.56
C GLY G 42 -39.16 -61.37 9.65
N GLN G 43 -39.05 -60.05 9.53
CA GLN G 43 -37.79 -59.34 9.62
C GLN G 43 -37.86 -58.32 10.75
N GLY G 44 -36.84 -57.47 10.84
CA GLY G 44 -36.76 -56.47 11.88
C GLY G 44 -37.58 -55.23 11.61
N LEU G 45 -37.04 -54.07 11.96
CA LEU G 45 -37.72 -52.79 11.78
C LEU G 45 -36.83 -51.84 11.00
N GLU G 46 -37.43 -51.08 10.10
CA GLU G 46 -36.73 -50.08 9.31
C GLU G 46 -37.40 -48.73 9.53
N TRP G 47 -36.60 -47.66 9.50
CA TRP G 47 -37.05 -46.33 9.87
C TRP G 47 -37.07 -45.42 8.64
N MET G 48 -38.22 -44.84 8.36
CA MET G 48 -38.33 -43.70 7.46
C MET G 48 -38.50 -42.43 8.27
N GLY G 49 -38.38 -41.30 7.59
CA GLY G 49 -38.21 -40.03 8.27
C GLY G 49 -39.46 -39.51 8.94
N TRP G 50 -39.33 -38.31 9.48
CA TRP G 50 -40.37 -37.68 10.29
C TRP G 50 -41.03 -36.55 9.54
N ILE G 51 -42.21 -36.16 10.02
CA ILE G 51 -42.97 -35.04 9.48
C ILE G 51 -43.27 -34.07 10.62
N ASN G 52 -42.99 -32.78 10.39
CA ASN G 52 -43.34 -31.74 11.34
C ASN G 52 -44.71 -31.21 10.95
N PRO G 53 -45.75 -31.40 11.76
CA PRO G 53 -47.10 -30.99 11.34
C PRO G 53 -47.33 -29.49 11.31
N ASN G 54 -46.44 -28.68 11.90
CA ASN G 54 -46.65 -27.24 11.90
C ASN G 54 -46.24 -26.62 10.57
N SER G 55 -44.96 -26.73 10.22
CA SER G 55 -44.43 -26.07 9.04
C SER G 55 -44.20 -27.02 7.87
N GLY G 56 -44.51 -28.30 8.02
CA GLY G 56 -44.36 -29.23 6.92
C GLY G 56 -42.95 -29.64 6.61
N GLY G 57 -42.02 -29.49 7.55
CA GLY G 57 -40.65 -29.90 7.32
C GLY G 57 -40.52 -31.41 7.34
N THR G 58 -39.72 -31.94 6.42
CA THR G 58 -39.54 -33.38 6.28
C THR G 58 -38.07 -33.73 6.30
N ASN G 59 -37.78 -34.96 6.72
CA ASN G 59 -36.49 -35.60 6.52
C ASN G 59 -36.76 -37.02 6.04
N TYR G 60 -35.76 -37.61 5.39
CA TYR G 60 -35.90 -38.96 4.88
C TYR G 60 -34.61 -39.72 5.14
N ALA G 61 -34.74 -41.02 5.38
CA ALA G 61 -33.58 -41.87 5.58
C ALA G 61 -32.88 -42.12 4.25
N GLN G 62 -31.68 -42.68 4.33
CA GLN G 62 -30.95 -43.02 3.12
C GLN G 62 -31.57 -44.25 2.46
N LYS G 63 -31.11 -44.51 1.21
CA LYS G 63 -31.65 -45.50 0.29
C LYS G 63 -33.13 -45.26 -0.04
N PHE G 64 -33.59 -44.02 0.09
CA PHE G 64 -34.93 -43.63 -0.34
C PHE G 64 -34.89 -42.52 -1.37
N GLN G 65 -34.12 -41.46 -1.10
CA GLN G 65 -33.76 -40.40 -2.07
C GLN G 65 -35.00 -39.69 -2.61
N GLY G 66 -35.96 -39.38 -1.74
CA GLY G 66 -37.13 -38.64 -2.14
C GLY G 66 -38.13 -39.40 -2.98
N ARG G 67 -38.05 -40.72 -3.02
CA ARG G 67 -39.08 -41.51 -3.69
C ARG G 67 -40.32 -41.70 -2.83
N VAL G 68 -40.27 -41.28 -1.57
CA VAL G 68 -41.42 -41.21 -0.68
C VAL G 68 -41.63 -39.76 -0.28
N THR G 69 -42.88 -39.30 -0.34
CA THR G 69 -43.23 -37.95 0.06
C THR G 69 -44.27 -38.01 1.17
N MET G 70 -44.05 -37.25 2.23
CA MET G 70 -44.96 -37.18 3.37
C MET G 70 -45.56 -35.78 3.45
N THR G 71 -46.88 -35.69 3.57
CA THR G 71 -47.57 -34.43 3.70
C THR G 71 -48.64 -34.57 4.76
N ARG G 72 -49.23 -33.43 5.14
CA ARG G 72 -50.20 -33.39 6.22
C ARG G 72 -51.12 -32.20 6.01
N ASP G 73 -52.27 -32.23 6.67
CA ASP G 73 -53.18 -31.10 6.70
C ASP G 73 -53.65 -30.86 8.13
N THR G 74 -53.86 -29.60 8.47
CA THR G 74 -54.26 -29.21 9.82
C THR G 74 -55.78 -29.18 10.00
N SER G 75 -56.55 -29.59 9.00
CA SER G 75 -58.00 -29.53 9.07
C SER G 75 -58.60 -30.79 9.68
N ILE G 76 -58.18 -31.96 9.21
CA ILE G 76 -58.79 -33.23 9.61
C ILE G 76 -57.88 -34.06 10.49
N SER G 77 -56.71 -33.54 10.87
CA SER G 77 -55.75 -34.17 11.79
C SER G 77 -55.29 -35.54 11.29
N THR G 78 -54.81 -35.56 10.04
CA THR G 78 -54.38 -36.81 9.43
C THR G 78 -53.08 -36.59 8.67
N ALA G 79 -52.10 -37.48 8.87
CA ALA G 79 -50.84 -37.41 8.16
C ALA G 79 -50.84 -38.40 6.99
N TYR G 80 -50.16 -38.03 5.90
CA TYR G 80 -50.22 -38.79 4.66
C TYR G 80 -48.83 -39.23 4.23
N MET G 81 -48.76 -40.45 3.70
CA MET G 81 -47.56 -40.96 3.02
C MET G 81 -47.90 -41.29 1.58
N GLU G 82 -47.08 -40.79 0.65
CA GLU G 82 -47.19 -41.15 -0.75
C GLU G 82 -45.88 -41.83 -1.15
N LEU G 83 -45.90 -43.15 -1.19
CA LEU G 83 -44.74 -43.94 -1.58
C LEU G 83 -44.92 -44.40 -3.02
N SER G 84 -43.95 -44.08 -3.87
CA SER G 84 -44.01 -44.38 -5.29
C SER G 84 -42.93 -45.38 -5.66
N ARG G 85 -43.08 -45.96 -6.85
CA ARG G 85 -42.18 -46.97 -7.44
C ARG G 85 -42.05 -48.18 -6.52
N LEU G 86 -43.18 -48.87 -6.37
CA LEU G 86 -43.25 -50.05 -5.50
C LEU G 86 -42.45 -51.21 -6.09
N ARG G 87 -42.08 -52.13 -5.21
CA ARG G 87 -41.29 -53.29 -5.58
C ARG G 87 -41.67 -54.45 -4.67
N SER G 88 -41.25 -55.65 -5.06
CA SER G 88 -41.57 -56.84 -4.29
C SER G 88 -40.86 -56.90 -2.95
N ASP G 89 -39.78 -56.13 -2.78
CA ASP G 89 -39.11 -56.04 -1.49
C ASP G 89 -39.92 -55.23 -0.48
N ASP G 90 -40.79 -54.34 -0.94
CA ASP G 90 -41.52 -53.42 -0.08
C ASP G 90 -42.82 -54.01 0.47
N THR G 91 -42.97 -55.33 0.44
CA THR G 91 -44.12 -55.99 1.07
C THR G 91 -43.90 -55.98 2.58
N ALA G 92 -44.59 -55.09 3.27
CA ALA G 92 -44.34 -54.87 4.69
C ALA G 92 -45.57 -54.26 5.34
N VAL G 93 -45.46 -53.99 6.64
CA VAL G 93 -46.50 -53.34 7.42
C VAL G 93 -45.97 -51.98 7.87
N TYR G 94 -46.76 -50.94 7.67
CA TYR G 94 -46.34 -49.57 7.95
C TYR G 94 -47.02 -49.04 9.21
N TYR G 95 -46.23 -48.47 10.11
CA TYR G 95 -46.71 -47.90 11.35
C TYR G 95 -46.43 -46.40 11.38
N CYS G 96 -47.30 -45.67 12.07
CA CYS G 96 -47.08 -44.25 12.36
C CYS G 96 -46.96 -44.09 13.87
N ALA G 97 -45.93 -43.38 14.31
CA ALA G 97 -45.63 -43.26 15.72
C ALA G 97 -45.46 -41.80 16.11
N ARG G 98 -45.79 -41.48 17.36
CA ARG G 98 -45.67 -40.13 17.87
C ARG G 98 -44.27 -39.93 18.47
N GLY G 99 -43.61 -38.85 18.06
CA GLY G 99 -42.23 -38.64 18.45
C GLY G 99 -42.04 -37.71 19.63
N GLY G 100 -41.14 -36.75 19.51
CA GLY G 100 -40.84 -35.82 20.58
C GLY G 100 -41.82 -34.66 20.62
N TRP G 101 -41.40 -33.60 21.31
CA TRP G 101 -42.22 -32.41 21.49
C TRP G 101 -41.59 -31.25 20.74
N ILE G 102 -42.38 -30.58 19.89
CA ILE G 102 -41.91 -29.41 19.18
C ILE G 102 -41.80 -28.25 20.17
N SER G 103 -40.61 -27.65 20.23
CA SER G 103 -40.31 -26.73 21.32
C SER G 103 -39.81 -25.36 20.88
N LEU G 104 -39.55 -25.14 19.59
CA LEU G 104 -39.15 -23.89 18.95
C LEU G 104 -37.79 -23.38 19.41
N TYR G 105 -37.06 -24.13 20.23
CA TYR G 105 -35.76 -23.69 20.74
C TYR G 105 -34.65 -24.74 20.64
N TYR G 106 -34.98 -26.01 20.43
CA TYR G 106 -33.95 -27.04 20.23
C TYR G 106 -34.48 -28.07 19.24
N ASP G 107 -33.56 -28.81 18.64
CA ASP G 107 -33.89 -29.80 17.63
C ASP G 107 -34.25 -31.09 18.34
N SER G 108 -35.54 -31.38 18.45
CA SER G 108 -36.04 -32.60 19.07
C SER G 108 -36.52 -33.62 18.05
N SER G 109 -36.06 -33.51 16.81
CA SER G 109 -36.55 -34.39 15.75
C SER G 109 -36.00 -35.80 15.88
N GLY G 110 -34.72 -35.93 16.23
CA GLY G 110 -34.06 -37.22 16.21
C GLY G 110 -34.17 -37.98 17.51
N TYR G 111 -35.15 -37.64 18.35
CA TYR G 111 -35.32 -38.30 19.62
C TYR G 111 -36.12 -39.58 19.40
N PRO G 112 -35.56 -40.76 19.65
CA PRO G 112 -36.29 -42.02 19.42
C PRO G 112 -37.16 -42.40 20.62
N ASN G 113 -38.20 -41.61 20.87
CA ASN G 113 -39.11 -41.82 21.99
C ASN G 113 -40.52 -41.95 21.42
N PHE G 114 -40.90 -43.16 21.03
CA PHE G 114 -42.18 -43.38 20.36
C PHE G 114 -43.13 -44.06 21.34
N ASP G 115 -44.20 -43.36 21.71
CA ASP G 115 -45.16 -43.90 22.68
C ASP G 115 -46.33 -44.59 22.00
N TYR G 116 -47.09 -43.85 21.20
CA TYR G 116 -48.34 -44.33 20.63
C TYR G 116 -48.14 -44.72 19.18
N TRP G 117 -48.78 -45.80 18.76
CA TRP G 117 -48.65 -46.32 17.42
C TRP G 117 -50.03 -46.64 16.87
N GLY G 118 -50.13 -46.65 15.55
CA GLY G 118 -51.31 -47.16 14.90
C GLY G 118 -51.31 -48.68 14.87
N GLN G 119 -52.46 -49.25 14.47
CA GLN G 119 -52.55 -50.70 14.37
C GLN G 119 -51.85 -51.25 13.13
N GLY G 120 -51.53 -50.40 12.16
CA GLY G 120 -50.75 -50.81 11.02
C GLY G 120 -51.54 -51.23 9.80
N THR G 121 -51.04 -50.87 8.62
CA THR G 121 -51.63 -51.26 7.36
C THR G 121 -50.75 -52.28 6.66
N LEU G 122 -51.35 -53.34 6.15
CA LEU G 122 -50.63 -54.37 5.43
C LEU G 122 -50.61 -54.03 3.95
N VAL G 123 -49.42 -53.76 3.42
CA VAL G 123 -49.24 -53.44 2.01
C VAL G 123 -48.49 -54.59 1.36
N THR G 124 -49.18 -55.31 0.47
CA THR G 124 -48.60 -56.44 -0.25
C THR G 124 -48.70 -56.17 -1.75
N VAL G 125 -47.69 -56.63 -2.49
CA VAL G 125 -47.65 -56.45 -3.94
C VAL G 125 -47.44 -57.80 -4.60
N SER G 126 -47.87 -57.89 -5.85
CA SER G 126 -47.76 -59.12 -6.62
C SER G 126 -46.47 -59.15 -7.44
N GLN H 1 -35.87 56.73 -35.98
CA GLN H 1 -34.97 56.15 -34.99
C GLN H 1 -34.97 54.62 -35.08
N VAL H 2 -35.35 53.97 -33.99
CA VAL H 2 -35.43 52.51 -33.91
C VAL H 2 -36.85 52.10 -33.60
N GLN H 3 -37.29 51.00 -34.21
CA GLN H 3 -38.66 50.54 -34.06
C GLN H 3 -38.68 49.02 -33.98
N LEU H 4 -39.67 48.49 -33.26
CA LEU H 4 -39.93 47.05 -33.19
C LEU H 4 -41.38 46.82 -33.60
N VAL H 5 -41.57 46.39 -34.85
CA VAL H 5 -42.90 46.15 -35.39
C VAL H 5 -43.15 44.64 -35.40
N GLN H 6 -44.43 44.26 -35.37
CA GLN H 6 -44.85 42.88 -35.34
C GLN H 6 -45.85 42.63 -36.47
N SER H 7 -46.36 41.41 -36.54
CA SER H 7 -47.35 41.05 -37.54
C SER H 7 -48.75 41.45 -37.05
N GLY H 8 -49.74 41.19 -37.90
CA GLY H 8 -51.11 41.52 -37.57
C GLY H 8 -51.74 40.51 -36.62
N ALA H 9 -52.99 40.78 -36.27
CA ALA H 9 -53.73 39.92 -35.36
C ALA H 9 -54.10 38.60 -36.06
N GLU H 10 -54.33 37.57 -35.24
CA GLU H 10 -54.63 36.25 -35.77
C GLU H 10 -55.51 35.50 -34.78
N VAL H 11 -56.46 34.73 -35.30
CA VAL H 11 -57.33 33.89 -34.50
C VAL H 11 -57.14 32.44 -34.94
N LYS H 12 -57.02 31.54 -33.96
CA LYS H 12 -56.80 30.12 -34.23
C LYS H 12 -57.71 29.28 -33.36
N LYS H 13 -58.04 28.09 -33.87
CA LYS H 13 -58.80 27.10 -33.12
C LYS H 13 -57.88 26.36 -32.15
N PRO H 14 -58.43 25.79 -31.05
CA PRO H 14 -57.59 25.02 -30.12
C PRO H 14 -57.00 23.77 -30.74
N GLY H 15 -55.67 23.74 -30.89
CA GLY H 15 -54.99 22.61 -31.47
C GLY H 15 -54.09 22.99 -32.62
N ALA H 16 -53.90 24.29 -32.83
CA ALA H 16 -53.08 24.83 -33.90
C ALA H 16 -51.84 25.51 -33.33
N SER H 17 -50.98 25.97 -34.23
CA SER H 17 -49.73 26.64 -33.87
C SER H 17 -49.73 28.05 -34.44
N VAL H 18 -49.34 29.02 -33.62
CA VAL H 18 -49.35 30.43 -33.98
C VAL H 18 -47.91 30.90 -34.17
N LYS H 19 -47.69 31.72 -35.20
CA LYS H 19 -46.38 32.29 -35.50
C LYS H 19 -46.47 33.81 -35.37
N VAL H 20 -45.65 34.38 -34.50
CA VAL H 20 -45.59 35.82 -34.29
C VAL H 20 -44.18 36.28 -34.63
N SER H 21 -44.08 37.28 -35.49
CA SER H 21 -42.80 37.84 -35.92
C SER H 21 -42.57 39.18 -35.23
N CYS H 22 -41.30 39.55 -35.13
CA CYS H 22 -40.89 40.81 -34.53
C CYS H 22 -39.70 41.34 -35.32
N LYS H 23 -39.88 42.46 -36.00
CA LYS H 23 -38.85 43.04 -36.85
C LYS H 23 -38.24 44.25 -36.14
N ALA H 24 -36.93 44.23 -35.95
CA ALA H 24 -36.20 45.32 -35.32
C ALA H 24 -35.35 46.03 -36.36
N SER H 25 -35.48 47.35 -36.41
CA SER H 25 -34.78 48.15 -37.41
C SER H 25 -34.17 49.38 -36.74
N GLY H 26 -33.16 49.94 -37.41
CA GLY H 26 -32.50 51.13 -36.94
C GLY H 26 -31.27 50.89 -36.07
N TYR H 27 -31.00 49.65 -35.69
CA TYR H 27 -29.86 49.34 -34.84
C TYR H 27 -29.40 47.92 -35.12
N THR H 28 -28.17 47.62 -34.72
CA THR H 28 -27.60 46.29 -34.86
C THR H 28 -28.27 45.36 -33.85
N PHE H 29 -29.21 44.55 -34.32
CA PHE H 29 -30.00 43.71 -33.41
C PHE H 29 -29.25 42.47 -32.96
N THR H 30 -28.14 42.12 -33.61
CA THR H 30 -27.38 40.95 -33.21
C THR H 30 -26.54 41.16 -31.97
N GLY H 31 -26.46 42.39 -31.47
CA GLY H 31 -25.74 42.68 -30.25
C GLY H 31 -26.59 42.90 -29.02
N TYR H 32 -27.89 42.60 -29.08
CA TYR H 32 -28.78 42.81 -27.95
C TYR H 32 -29.67 41.59 -27.78
N TYR H 33 -30.07 41.33 -26.54
CA TYR H 33 -30.99 40.23 -26.26
C TYR H 33 -32.40 40.57 -26.72
N MET H 34 -33.28 39.58 -26.68
CA MET H 34 -34.66 39.75 -27.08
C MET H 34 -35.55 38.91 -26.18
N HIS H 35 -36.45 39.58 -25.45
CA HIS H 35 -37.35 38.92 -24.52
C HIS H 35 -38.78 39.05 -25.01
N TRP H 36 -39.57 38.00 -24.80
CA TRP H 36 -40.97 37.95 -25.20
C TRP H 36 -41.84 37.76 -23.97
N VAL H 37 -42.87 38.60 -23.83
CA VAL H 37 -43.76 38.54 -22.67
C VAL H 37 -45.21 38.49 -23.14
N ARG H 38 -46.07 37.99 -22.24
CA ARG H 38 -47.48 37.77 -22.53
C ARG H 38 -48.33 38.59 -21.55
N GLN H 39 -49.47 39.07 -22.05
CA GLN H 39 -50.39 39.88 -21.22
C GLN H 39 -51.82 39.46 -21.53
N ALA H 40 -52.42 38.70 -20.63
CA ALA H 40 -53.84 38.40 -20.70
C ALA H 40 -54.65 39.68 -20.46
N PRO H 41 -55.80 39.83 -21.12
CA PRO H 41 -56.59 41.06 -20.96
C PRO H 41 -57.22 41.15 -19.58
N GLY H 42 -56.80 42.16 -18.82
CA GLY H 42 -57.25 42.38 -17.47
C GLY H 42 -56.32 41.87 -16.40
N GLN H 43 -55.41 40.97 -16.75
CA GLN H 43 -54.45 40.41 -15.82
C GLN H 43 -53.11 41.16 -15.95
N GLY H 44 -52.08 40.64 -15.31
CA GLY H 44 -50.76 41.22 -15.34
C GLY H 44 -49.95 40.73 -16.52
N LEU H 45 -48.63 40.71 -16.34
CA LEU H 45 -47.70 40.29 -17.37
C LEU H 45 -47.06 38.96 -16.99
N GLU H 46 -46.98 38.06 -17.96
CA GLU H 46 -46.28 36.78 -17.81
C GLU H 46 -45.09 36.77 -18.75
N TRP H 47 -43.98 36.21 -18.27
CA TRP H 47 -42.70 36.26 -18.97
C TRP H 47 -42.41 34.93 -19.63
N MET H 48 -42.35 34.91 -20.95
CA MET H 48 -41.77 33.81 -21.69
C MET H 48 -40.28 34.09 -21.90
N GLY H 49 -39.55 33.08 -22.33
CA GLY H 49 -38.10 33.12 -22.29
C GLY H 49 -37.48 34.06 -23.31
N TRP H 50 -36.15 34.13 -23.26
CA TRP H 50 -35.37 35.02 -24.10
C TRP H 50 -34.67 34.25 -25.22
N ILE H 51 -34.20 34.99 -26.21
CA ILE H 51 -33.43 34.45 -27.31
C ILE H 51 -32.18 35.32 -27.50
N ASN H 52 -31.03 34.66 -27.66
CA ASN H 52 -29.79 35.35 -27.96
C ASN H 52 -29.57 35.29 -29.46
N PRO H 53 -29.66 36.40 -30.20
CA PRO H 53 -29.64 36.32 -31.66
C PRO H 53 -28.27 36.15 -32.28
N ASN H 54 -27.20 36.01 -31.51
CA ASN H 54 -25.91 35.67 -32.11
C ASN H 54 -25.78 34.18 -32.35
N SER H 55 -25.81 33.38 -31.29
CA SER H 55 -25.64 31.94 -31.41
C SER H 55 -26.96 31.18 -31.48
N GLY H 56 -28.09 31.86 -31.30
CA GLY H 56 -29.37 31.20 -31.37
C GLY H 56 -29.77 30.44 -30.13
N GLY H 57 -28.99 30.53 -29.05
CA GLY H 57 -29.32 29.81 -27.83
C GLY H 57 -30.52 30.44 -27.15
N THR H 58 -31.45 29.60 -26.70
CA THR H 58 -32.69 30.06 -26.09
C THR H 58 -32.85 29.44 -24.71
N ASN H 59 -33.59 30.16 -23.86
CA ASN H 59 -34.07 29.64 -22.59
C ASN H 59 -35.56 29.90 -22.53
N TYR H 60 -36.27 29.07 -21.77
CA TYR H 60 -37.71 29.23 -21.58
C TYR H 60 -38.03 29.09 -20.10
N ALA H 61 -39.14 29.69 -19.69
CA ALA H 61 -39.53 29.72 -18.29
C ALA H 61 -40.26 28.42 -17.93
N GLN H 62 -40.80 28.36 -16.73
CA GLN H 62 -41.69 27.27 -16.36
C GLN H 62 -43.05 27.48 -17.02
N LYS H 63 -43.84 26.39 -17.04
CA LYS H 63 -45.19 26.27 -17.63
C LYS H 63 -45.21 26.60 -19.14
N PHE H 64 -44.05 26.68 -19.79
CA PHE H 64 -43.95 26.89 -21.22
C PHE H 64 -42.98 25.95 -21.89
N GLN H 65 -42.17 25.20 -21.15
CA GLN H 65 -41.12 24.37 -21.72
C GLN H 65 -41.73 23.14 -22.38
N GLY H 66 -41.73 23.12 -23.70
CA GLY H 66 -42.23 21.98 -24.44
C GLY H 66 -43.15 22.33 -25.58
N ARG H 67 -43.75 23.51 -25.55
CA ARG H 67 -44.70 23.91 -26.58
C ARG H 67 -44.38 25.28 -27.17
N VAL H 68 -43.18 25.80 -26.98
CA VAL H 68 -42.75 27.04 -27.62
C VAL H 68 -41.40 26.79 -28.28
N THR H 69 -41.25 27.30 -29.50
CA THR H 69 -40.01 27.17 -30.26
C THR H 69 -39.61 28.55 -30.75
N MET H 70 -38.38 28.95 -30.50
CA MET H 70 -37.92 30.32 -30.71
C MET H 70 -36.75 30.29 -31.69
N THR H 71 -36.97 30.75 -32.91
CA THR H 71 -35.95 30.81 -33.95
C THR H 71 -35.67 32.27 -34.29
N ARG H 72 -34.75 32.46 -35.25
CA ARG H 72 -34.32 33.79 -35.64
C ARG H 72 -33.89 33.76 -37.10
N ASP H 73 -33.86 34.96 -37.70
CA ASP H 73 -33.32 35.13 -39.05
C ASP H 73 -32.50 36.41 -39.07
N THR H 74 -31.18 36.26 -39.21
CA THR H 74 -30.27 37.40 -39.11
C THR H 74 -30.36 38.27 -40.36
N SER H 75 -30.52 37.66 -41.53
CA SER H 75 -30.42 38.39 -42.80
C SER H 75 -31.58 39.34 -43.02
N ILE H 76 -32.80 38.94 -42.62
CA ILE H 76 -33.98 39.76 -42.84
C ILE H 76 -34.43 40.50 -41.60
N SER H 77 -33.66 40.42 -40.50
CA SER H 77 -33.84 41.21 -39.28
C SER H 77 -35.20 40.96 -38.61
N THR H 78 -35.52 39.69 -38.41
CA THR H 78 -36.78 39.29 -37.78
C THR H 78 -36.49 38.29 -36.66
N ALA H 79 -37.39 38.26 -35.68
CA ALA H 79 -37.35 37.28 -34.60
C ALA H 79 -38.67 36.52 -34.60
N TYR H 80 -38.60 35.20 -34.52
CA TYR H 80 -39.76 34.34 -34.68
C TYR H 80 -40.12 33.65 -33.37
N MET H 81 -41.40 33.31 -33.25
CA MET H 81 -41.89 32.52 -32.12
C MET H 81 -42.90 31.51 -32.64
N GLU H 82 -42.72 30.25 -32.28
CA GLU H 82 -43.60 29.17 -32.70
C GLU H 82 -44.24 28.56 -31.45
N LEU H 83 -45.47 28.95 -31.14
CA LEU H 83 -46.21 28.42 -30.00
C LEU H 83 -47.28 27.47 -30.52
N SER H 84 -47.09 26.18 -30.28
CA SER H 84 -48.03 25.16 -30.70
C SER H 84 -48.86 24.68 -29.52
N ARG H 85 -49.86 23.85 -29.83
CA ARG H 85 -50.84 23.30 -28.88
C ARG H 85 -51.56 24.40 -28.11
N LEU H 86 -52.28 25.24 -28.86
CA LEU H 86 -52.99 26.37 -28.29
C LEU H 86 -54.20 25.91 -27.49
N ARG H 87 -54.44 26.57 -26.37
CA ARG H 87 -55.59 26.30 -25.52
C ARG H 87 -56.43 27.57 -25.38
N SER H 88 -57.53 27.45 -24.64
CA SER H 88 -58.42 28.60 -24.42
C SER H 88 -57.84 29.60 -23.43
N ASP H 89 -56.85 29.19 -22.64
CA ASP H 89 -56.23 30.07 -21.65
C ASP H 89 -55.10 30.92 -22.23
N ASP H 90 -54.78 30.75 -23.51
CA ASP H 90 -53.70 31.49 -24.14
C ASP H 90 -54.18 32.73 -24.89
N THR H 91 -55.43 33.13 -24.71
CA THR H 91 -55.90 34.37 -25.32
C THR H 91 -55.30 35.57 -24.59
N ALA H 92 -54.47 36.32 -25.32
CA ALA H 92 -53.66 37.39 -24.75
C ALA H 92 -53.15 38.28 -25.87
N VAL H 93 -52.21 39.15 -25.53
CA VAL H 93 -51.46 39.94 -26.51
C VAL H 93 -49.98 39.71 -26.26
N TYR H 94 -49.21 39.56 -27.34
CA TYR H 94 -47.81 39.16 -27.25
C TYR H 94 -46.89 40.32 -27.59
N TYR H 95 -45.89 40.55 -26.75
CA TYR H 95 -44.92 41.62 -26.92
C TYR H 95 -43.53 41.04 -27.11
N CYS H 96 -42.68 41.76 -27.86
CA CYS H 96 -41.27 41.46 -27.97
C CYS H 96 -40.48 42.65 -27.45
N ALA H 97 -39.53 42.39 -26.55
CA ALA H 97 -38.80 43.45 -25.87
C ALA H 97 -37.30 43.21 -26.01
N ARG H 98 -36.55 44.31 -26.03
CA ARG H 98 -35.10 44.27 -26.19
C ARG H 98 -34.44 44.29 -24.81
N GLY H 99 -33.71 43.23 -24.49
CA GLY H 99 -33.13 43.08 -23.17
C GLY H 99 -31.81 43.81 -22.98
N GLY H 100 -30.83 43.12 -22.42
CA GLY H 100 -29.53 43.71 -22.14
C GLY H 100 -28.63 43.73 -23.35
N TRP H 101 -27.33 43.75 -23.07
CA TRP H 101 -26.29 43.77 -24.09
C TRP H 101 -25.53 42.45 -24.07
N ILE H 102 -25.33 41.86 -25.24
CA ILE H 102 -24.53 40.65 -25.38
C ILE H 102 -23.06 41.05 -25.25
N SER H 103 -22.41 40.61 -24.18
CA SER H 103 -21.14 41.17 -23.78
C SER H 103 -19.97 40.20 -23.78
N LEU H 104 -20.22 38.89 -23.98
CA LEU H 104 -19.22 37.85 -24.23
C LEU H 104 -18.34 37.54 -23.01
N TYR H 105 -18.50 38.28 -21.91
CA TYR H 105 -17.69 38.07 -20.72
C TYR H 105 -18.52 37.89 -19.45
N TYR H 106 -19.82 38.20 -19.47
CA TYR H 106 -20.68 37.96 -18.33
C TYR H 106 -22.09 37.69 -18.82
N ASP H 107 -22.89 37.07 -17.97
CA ASP H 107 -24.26 36.67 -18.30
C ASP H 107 -25.18 37.86 -18.05
N SER H 108 -25.49 38.60 -19.10
CA SER H 108 -26.45 39.70 -19.03
C SER H 108 -27.80 39.31 -19.61
N SER H 109 -28.12 38.02 -19.63
CA SER H 109 -29.37 37.56 -20.22
C SER H 109 -30.57 37.90 -19.33
N GLY H 110 -30.45 37.67 -18.04
CA GLY H 110 -31.54 37.85 -17.11
C GLY H 110 -31.72 39.25 -16.58
N TYR H 111 -31.05 40.24 -17.16
CA TYR H 111 -31.20 41.61 -16.69
C TYR H 111 -32.55 42.15 -17.15
N PRO H 112 -33.42 42.56 -16.24
CA PRO H 112 -34.74 43.07 -16.67
C PRO H 112 -34.70 44.55 -17.03
N ASN H 113 -34.10 44.86 -18.17
CA ASN H 113 -34.02 46.23 -18.67
C ASN H 113 -34.57 46.21 -20.10
N PHE H 114 -35.89 46.27 -20.22
CA PHE H 114 -36.54 46.23 -21.53
C PHE H 114 -36.80 47.68 -21.92
N ASP H 115 -35.94 48.21 -22.77
CA ASP H 115 -36.07 49.60 -23.21
C ASP H 115 -37.26 49.78 -24.15
N TYR H 116 -37.20 49.15 -25.32
CA TYR H 116 -38.08 49.46 -26.44
C TYR H 116 -38.94 48.24 -26.76
N TRP H 117 -40.23 48.47 -26.91
CA TRP H 117 -41.22 47.42 -26.95
C TRP H 117 -42.00 47.45 -28.26
N GLY H 118 -42.54 46.29 -28.65
CA GLY H 118 -43.42 46.24 -29.79
C GLY H 118 -44.83 46.68 -29.47
N GLN H 119 -45.62 46.94 -30.52
CA GLN H 119 -46.98 47.41 -30.32
C GLN H 119 -47.95 46.29 -30.00
N GLY H 120 -47.54 45.03 -30.14
CA GLY H 120 -48.37 43.92 -29.69
C GLY H 120 -49.11 43.25 -30.82
N THR H 121 -49.35 41.95 -30.66
CA THR H 121 -50.13 41.16 -31.60
C THR H 121 -51.25 40.49 -30.83
N LEU H 122 -52.49 40.73 -31.25
CA LEU H 122 -53.66 40.21 -30.56
C LEU H 122 -53.96 38.80 -31.07
N VAL H 123 -53.79 37.81 -30.21
CA VAL H 123 -54.07 36.41 -30.53
C VAL H 123 -55.15 35.93 -29.59
N THR H 124 -56.27 35.49 -30.14
CA THR H 124 -57.39 34.99 -29.36
C THR H 124 -57.76 33.58 -29.83
N VAL H 125 -58.31 32.80 -28.90
CA VAL H 125 -58.64 31.40 -29.14
C VAL H 125 -60.11 31.21 -28.78
N SER H 126 -60.89 30.72 -29.76
CA SER H 126 -62.32 30.46 -29.54
C SER H 126 -62.65 29.00 -29.79
N GLN I 1 28.11 -41.87 -58.20
CA GLN I 1 28.09 -40.46 -57.84
C GLN I 1 26.66 -39.98 -57.55
N VAL I 2 26.44 -38.68 -57.70
CA VAL I 2 25.14 -38.07 -57.47
C VAL I 2 24.72 -37.36 -58.75
N GLN I 3 23.54 -37.71 -59.26
CA GLN I 3 22.97 -37.09 -60.45
C GLN I 3 21.58 -36.58 -60.12
N LEU I 4 21.31 -35.33 -60.47
CA LEU I 4 19.99 -34.72 -60.29
C LEU I 4 19.33 -34.59 -61.65
N VAL I 5 18.09 -35.09 -61.76
CA VAL I 5 17.34 -35.06 -63.01
C VAL I 5 16.03 -34.32 -62.77
N GLN I 6 15.50 -33.77 -63.86
CA GLN I 6 14.24 -33.04 -63.82
C GLN I 6 13.30 -33.56 -64.90
N SER I 7 12.19 -32.86 -65.14
CA SER I 7 11.21 -33.27 -66.13
C SER I 7 11.63 -32.80 -67.52
N GLY I 8 10.72 -32.87 -68.47
CA GLY I 8 10.99 -32.48 -69.84
C GLY I 8 10.72 -31.00 -70.10
N ALA I 9 10.48 -30.69 -71.37
CA ALA I 9 10.20 -29.32 -71.78
C ALA I 9 8.71 -29.05 -71.67
N GLU I 10 8.35 -28.06 -70.85
CA GLU I 10 6.95 -27.72 -70.59
C GLU I 10 6.60 -26.42 -71.30
N VAL I 11 5.47 -26.44 -72.02
CA VAL I 11 4.90 -25.25 -72.64
C VAL I 11 3.48 -25.08 -72.12
N LYS I 12 3.13 -23.86 -71.71
CA LYS I 12 1.86 -23.61 -71.06
C LYS I 12 1.29 -22.27 -71.50
N LYS I 13 -0.04 -22.16 -71.41
CA LYS I 13 -0.77 -20.94 -71.68
C LYS I 13 -0.73 -20.00 -70.48
N PRO I 14 -0.91 -18.69 -70.69
CA PRO I 14 -1.04 -17.78 -69.55
C PRO I 14 -2.29 -18.05 -68.73
N GLY I 15 -2.18 -17.78 -67.43
CA GLY I 15 -3.26 -18.01 -66.49
C GLY I 15 -3.35 -19.41 -65.93
N ALA I 16 -2.52 -20.34 -66.40
CA ALA I 16 -2.50 -21.70 -65.92
C ALA I 16 -1.37 -21.86 -64.90
N SER I 17 -1.10 -23.12 -64.53
CA SER I 17 -0.04 -23.44 -63.58
C SER I 17 0.88 -24.50 -64.18
N VAL I 18 2.11 -24.55 -63.68
CA VAL I 18 3.13 -25.45 -64.18
C VAL I 18 3.69 -26.25 -63.00
N LYS I 19 3.99 -27.53 -63.24
CA LYS I 19 4.58 -28.40 -62.23
C LYS I 19 5.99 -28.79 -62.65
N VAL I 20 6.96 -28.52 -61.78
CA VAL I 20 8.36 -28.84 -62.01
C VAL I 20 8.80 -29.86 -60.96
N SER I 21 9.48 -30.91 -61.39
CA SER I 21 9.97 -31.94 -60.50
C SER I 21 11.49 -32.04 -60.58
N CYS I 22 12.10 -32.45 -59.47
CA CYS I 22 13.55 -32.62 -59.38
C CYS I 22 13.83 -33.83 -58.51
N LYS I 23 14.49 -34.84 -59.08
CA LYS I 23 14.77 -36.09 -58.40
C LYS I 23 16.24 -36.16 -58.00
N ALA I 24 16.49 -36.51 -56.74
CA ALA I 24 17.84 -36.64 -56.21
C ALA I 24 18.16 -38.11 -55.98
N SER I 25 19.31 -38.55 -56.47
CA SER I 25 19.73 -39.93 -56.32
C SER I 25 21.23 -40.00 -56.09
N GLY I 26 21.68 -41.11 -55.51
CA GLY I 26 23.08 -41.30 -55.22
C GLY I 26 23.51 -40.85 -53.84
N TYR I 27 22.63 -40.24 -53.06
CA TYR I 27 22.97 -39.77 -51.72
C TYR I 27 21.68 -39.66 -50.92
N THR I 28 21.84 -39.55 -49.60
CA THR I 28 20.70 -39.36 -48.71
C THR I 28 20.21 -37.93 -48.88
N PHE I 29 19.12 -37.77 -49.63
CA PHE I 29 18.63 -36.43 -49.96
C PHE I 29 17.91 -35.75 -48.81
N THR I 30 17.60 -36.47 -47.74
CA THR I 30 17.00 -35.87 -46.56
C THR I 30 18.02 -35.16 -45.67
N GLY I 31 19.31 -35.33 -45.94
CA GLY I 31 20.31 -34.65 -45.15
C GLY I 31 20.74 -33.31 -45.67
N TYR I 32 20.16 -32.83 -46.77
CA TYR I 32 20.60 -31.59 -47.39
C TYR I 32 19.37 -30.77 -47.78
N TYR I 33 19.59 -29.46 -47.94
CA TYR I 33 18.55 -28.55 -48.36
C TYR I 33 18.34 -28.67 -49.87
N MET I 34 17.39 -27.89 -50.38
CA MET I 34 17.12 -27.86 -51.81
C MET I 34 16.62 -26.47 -52.18
N HIS I 35 17.39 -25.77 -53.00
CA HIS I 35 17.06 -24.42 -53.42
C HIS I 35 16.65 -24.40 -54.88
N TRP I 36 15.69 -23.54 -55.20
CA TRP I 36 15.19 -23.37 -56.56
C TRP I 36 15.56 -21.99 -57.06
N VAL I 37 16.15 -21.92 -58.25
CA VAL I 37 16.50 -20.64 -58.87
C VAL I 37 16.00 -20.65 -60.32
N ARG I 38 15.90 -19.45 -60.88
CA ARG I 38 15.40 -19.28 -62.24
C ARG I 38 16.14 -18.15 -62.93
N GLN I 39 16.64 -18.43 -64.13
CA GLN I 39 17.29 -17.43 -64.97
C GLN I 39 16.54 -17.30 -66.28
N ALA I 40 16.61 -16.10 -66.87
CA ALA I 40 15.93 -15.78 -68.11
C ALA I 40 16.91 -15.71 -69.27
N PRO I 41 16.49 -16.05 -70.50
CA PRO I 41 17.40 -15.94 -71.64
C PRO I 41 17.68 -14.49 -72.02
N GLY I 42 18.58 -13.85 -71.29
CA GLY I 42 18.90 -12.45 -71.50
C GLY I 42 19.09 -11.72 -70.20
N GLN I 43 18.79 -12.38 -69.08
CA GLN I 43 18.93 -11.78 -67.77
C GLN I 43 19.79 -12.64 -66.87
N GLY I 44 19.88 -12.28 -65.59
CA GLY I 44 20.68 -13.00 -64.62
C GLY I 44 19.89 -14.05 -63.87
N LEU I 45 20.46 -14.50 -62.76
CA LEU I 45 19.84 -15.50 -61.92
C LEU I 45 18.98 -14.82 -60.85
N GLU I 46 17.85 -15.45 -60.54
CA GLU I 46 16.98 -15.00 -59.47
C GLU I 46 16.65 -16.18 -58.56
N TRP I 47 16.53 -15.90 -57.27
CA TRP I 47 16.46 -16.93 -56.24
C TRP I 47 15.04 -17.07 -55.72
N MET I 48 14.54 -18.29 -55.72
CA MET I 48 13.27 -18.66 -55.09
C MET I 48 13.57 -19.46 -53.84
N GLY I 49 12.51 -19.82 -53.11
CA GLY I 49 12.67 -20.34 -51.76
C GLY I 49 13.30 -21.72 -51.68
N TRP I 50 13.65 -22.10 -50.47
CA TRP I 50 14.24 -23.40 -50.18
C TRP I 50 13.22 -24.29 -49.50
N ILE I 51 13.43 -25.60 -49.62
CA ILE I 51 12.59 -26.60 -48.97
C ILE I 51 13.46 -27.49 -48.10
N ASN I 52 13.00 -27.75 -46.86
CA ASN I 52 13.68 -28.66 -45.97
C ASN I 52 12.99 -30.01 -46.06
N PRO I 53 13.61 -31.03 -46.64
CA PRO I 53 12.89 -32.28 -46.95
C PRO I 53 12.69 -33.21 -45.76
N ASN I 54 12.91 -32.76 -44.53
CA ASN I 54 12.52 -33.54 -43.34
C ASN I 54 11.16 -33.13 -42.82
N SER I 55 11.00 -31.86 -42.45
CA SER I 55 9.77 -31.36 -41.88
C SER I 55 8.91 -30.62 -42.89
N GLY I 56 9.38 -30.45 -44.11
CA GLY I 56 8.60 -29.77 -45.13
C GLY I 56 8.53 -28.27 -44.99
N GLY I 57 9.31 -27.68 -44.08
CA GLY I 57 9.24 -26.24 -43.85
C GLY I 57 9.91 -25.48 -44.97
N THR I 58 9.18 -24.58 -45.61
CA THR I 58 9.71 -23.77 -46.70
C THR I 58 9.71 -22.30 -46.30
N ASN I 59 10.43 -21.50 -47.07
CA ASN I 59 10.45 -20.05 -46.90
C ASN I 59 10.75 -19.43 -48.25
N TYR I 60 9.72 -18.97 -48.93
CA TYR I 60 9.87 -18.39 -50.26
C TYR I 60 10.47 -16.99 -50.18
N ALA I 61 10.87 -16.48 -51.35
CA ALA I 61 11.49 -15.17 -51.43
C ALA I 61 10.42 -14.09 -51.44
N GLN I 62 10.83 -12.85 -51.65
CA GLN I 62 9.86 -11.77 -51.84
C GLN I 62 9.19 -11.92 -53.21
N LYS I 63 7.99 -11.34 -53.32
CA LYS I 63 7.11 -11.31 -54.50
C LYS I 63 6.77 -12.72 -55.04
N PHE I 64 6.94 -13.76 -54.23
CA PHE I 64 6.51 -15.11 -54.57
C PHE I 64 5.76 -15.76 -53.43
N GLN I 65 5.12 -14.95 -52.58
CA GLN I 65 4.53 -15.46 -51.34
C GLN I 65 3.26 -16.26 -51.56
N GLY I 66 2.63 -16.14 -52.73
CA GLY I 66 1.41 -16.87 -52.99
C GLY I 66 1.38 -17.58 -54.32
N ARG I 67 2.37 -17.31 -55.16
CA ARG I 67 2.40 -17.85 -56.52
C ARG I 67 3.05 -19.22 -56.61
N VAL I 68 3.85 -19.62 -55.63
CA VAL I 68 4.60 -20.88 -55.70
C VAL I 68 4.44 -21.63 -54.38
N THR I 69 4.22 -22.94 -54.49
CA THR I 69 4.20 -23.85 -53.36
C THR I 69 5.17 -25.00 -53.63
N MET I 70 5.77 -25.52 -52.57
CA MET I 70 6.79 -26.55 -52.67
C MET I 70 6.37 -27.77 -51.86
N THR I 71 6.51 -28.95 -52.46
CA THR I 71 6.06 -30.20 -51.86
C THR I 71 7.19 -31.23 -51.97
N ARG I 72 7.49 -31.88 -50.86
CA ARG I 72 8.51 -32.93 -50.82
C ARG I 72 7.89 -34.29 -51.13
N ASP I 73 8.76 -35.27 -51.40
CA ASP I 73 8.34 -36.66 -51.54
C ASP I 73 9.49 -37.53 -51.05
N THR I 74 9.34 -38.07 -49.84
CA THR I 74 10.42 -38.81 -49.20
C THR I 74 10.60 -40.19 -49.84
N SER I 75 9.49 -40.84 -50.20
CA SER I 75 9.53 -42.25 -50.60
C SER I 75 10.19 -42.44 -51.97
N ILE I 76 9.95 -41.53 -52.91
CA ILE I 76 10.50 -41.66 -54.26
C ILE I 76 11.58 -40.62 -54.54
N SER I 77 11.96 -39.83 -53.53
CA SER I 77 13.11 -38.92 -53.56
C SER I 77 13.00 -37.86 -54.65
N THR I 78 11.83 -37.22 -54.73
CA THR I 78 11.59 -36.14 -55.70
C THR I 78 11.11 -34.91 -54.97
N ALA I 79 11.42 -33.74 -55.52
CA ALA I 79 10.96 -32.46 -54.99
C ALA I 79 10.02 -31.83 -56.00
N TYR I 80 8.81 -31.49 -55.54
CA TYR I 80 7.77 -30.97 -56.42
C TYR I 80 7.69 -29.45 -56.29
N MET I 81 7.67 -28.79 -57.44
CA MET I 81 7.51 -27.34 -57.52
C MET I 81 6.24 -27.02 -58.30
N GLU I 82 5.33 -26.28 -57.67
CA GLU I 82 4.06 -25.90 -58.31
C GLU I 82 3.98 -24.38 -58.32
N LEU I 83 4.05 -23.79 -59.51
CA LEU I 83 3.95 -22.35 -59.68
C LEU I 83 2.67 -22.02 -60.42
N SER I 84 1.86 -21.14 -59.84
CA SER I 84 0.56 -20.77 -60.40
C SER I 84 0.62 -19.34 -60.95
N ARG I 85 -0.43 -18.99 -61.70
CA ARG I 85 -0.63 -17.68 -62.33
C ARG I 85 0.54 -17.32 -63.25
N LEU I 86 0.71 -18.12 -64.30
CA LEU I 86 1.79 -17.91 -65.24
C LEU I 86 1.57 -16.66 -66.08
N ARG I 87 2.61 -15.84 -66.20
CA ARG I 87 2.58 -14.63 -67.00
C ARG I 87 3.71 -14.68 -68.02
N SER I 88 3.77 -13.67 -68.88
CA SER I 88 4.81 -13.62 -69.91
C SER I 88 6.18 -13.28 -69.34
N ASP I 89 6.25 -12.75 -68.13
CA ASP I 89 7.52 -12.46 -67.50
C ASP I 89 8.23 -13.71 -67.01
N ASP I 90 7.50 -14.81 -66.84
CA ASP I 90 8.05 -16.06 -66.33
C ASP I 90 8.51 -17.00 -67.44
N THR I 91 8.68 -16.49 -68.67
CA THR I 91 9.25 -17.29 -69.75
C THR I 91 10.74 -17.47 -69.50
N ALA I 92 11.12 -18.57 -68.86
CA ALA I 92 12.47 -18.74 -68.36
C ALA I 92 12.74 -20.23 -68.16
N VAL I 93 13.88 -20.53 -67.53
CA VAL I 93 14.28 -21.89 -67.20
C VAL I 93 14.43 -21.98 -65.69
N TYR I 94 14.13 -23.16 -65.15
CA TYR I 94 14.09 -23.37 -63.70
C TYR I 94 15.10 -24.45 -63.30
N TYR I 95 15.85 -24.17 -62.24
CA TYR I 95 16.91 -25.05 -61.76
C TYR I 95 16.62 -25.48 -60.32
N CYS I 96 17.09 -26.68 -59.97
CA CYS I 96 17.08 -27.16 -58.60
C CYS I 96 18.52 -27.37 -58.15
N ALA I 97 18.85 -26.86 -56.96
CA ALA I 97 20.21 -26.90 -56.45
C ALA I 97 20.22 -27.47 -55.04
N ARG I 98 21.38 -28.00 -54.65
CA ARG I 98 21.57 -28.62 -53.35
C ARG I 98 22.28 -27.65 -52.40
N GLY I 99 21.67 -27.39 -51.26
CA GLY I 99 22.19 -26.38 -50.34
C GLY I 99 23.13 -26.93 -49.29
N GLY I 100 23.01 -26.42 -48.07
CA GLY I 100 23.87 -26.82 -46.98
C GLY I 100 23.40 -28.11 -46.32
N TRP I 101 23.95 -28.36 -45.13
CA TRP I 101 23.65 -29.57 -44.38
C TRP I 101 22.66 -29.25 -43.27
N ILE I 102 21.62 -30.07 -43.15
CA ILE I 102 20.66 -29.94 -42.07
C ILE I 102 21.28 -30.53 -40.81
N SER I 103 21.48 -29.68 -39.80
CA SER I 103 22.33 -30.02 -38.67
C SER I 103 21.62 -30.10 -37.33
N LEU I 104 20.39 -29.59 -37.22
CA LEU I 104 19.49 -29.60 -36.06
C LEU I 104 19.98 -28.68 -34.93
N TYR I 105 21.16 -28.06 -35.04
CA TYR I 105 21.69 -27.21 -33.99
C TYR I 105 21.94 -25.77 -34.43
N TYR I 106 22.17 -25.51 -35.72
CA TYR I 106 22.30 -24.14 -36.21
C TYR I 106 21.59 -24.02 -37.55
N ASP I 107 21.20 -22.80 -37.88
CA ASP I 107 20.43 -22.52 -39.09
C ASP I 107 21.38 -22.42 -40.28
N SER I 108 21.34 -23.41 -41.17
CA SER I 108 22.12 -23.40 -42.39
C SER I 108 21.25 -23.20 -43.62
N SER I 109 20.13 -22.49 -43.47
CA SER I 109 19.22 -22.27 -44.59
C SER I 109 19.80 -21.27 -45.58
N GLY I 110 20.33 -20.15 -45.09
CA GLY I 110 20.85 -19.13 -45.96
C GLY I 110 22.33 -19.23 -46.22
N TYR I 111 22.81 -20.46 -46.44
CA TYR I 111 24.20 -20.67 -46.82
C TYR I 111 24.23 -20.98 -48.30
N PRO I 112 24.63 -20.05 -49.15
CA PRO I 112 24.55 -20.28 -50.60
C PRO I 112 25.75 -21.09 -51.12
N ASN I 113 25.68 -22.40 -50.90
CA ASN I 113 26.71 -23.33 -51.36
C ASN I 113 26.00 -24.36 -52.23
N PHE I 114 25.84 -24.05 -53.52
CA PHE I 114 25.16 -24.93 -54.46
C PHE I 114 26.23 -25.64 -55.28
N ASP I 115 26.56 -26.87 -54.88
CA ASP I 115 27.59 -27.61 -55.58
C ASP I 115 27.04 -28.47 -56.71
N TYR I 116 25.91 -29.13 -56.49
CA TYR I 116 25.35 -30.10 -57.43
C TYR I 116 24.02 -29.60 -57.96
N TRP I 117 23.88 -29.55 -59.28
CA TRP I 117 22.75 -28.95 -59.94
C TRP I 117 22.08 -29.97 -60.87
N GLY I 118 21.00 -29.52 -61.51
CA GLY I 118 20.31 -30.31 -62.51
C GLY I 118 20.36 -29.66 -63.89
N GLN I 119 19.84 -30.39 -64.87
CA GLN I 119 19.85 -29.89 -66.24
C GLN I 119 18.79 -28.80 -66.45
N GLY I 120 17.71 -28.84 -65.69
CA GLY I 120 16.74 -27.75 -65.74
C GLY I 120 15.67 -27.96 -66.78
N THR I 121 14.49 -27.38 -66.51
CA THR I 121 13.36 -27.39 -67.41
C THR I 121 13.04 -25.95 -67.82
N LEU I 122 12.90 -25.72 -69.12
CA LEU I 122 12.53 -24.41 -69.61
C LEU I 122 11.01 -24.34 -69.77
N VAL I 123 10.44 -23.19 -69.40
CA VAL I 123 9.01 -22.96 -69.46
C VAL I 123 8.78 -21.73 -70.32
N THR I 124 8.01 -21.90 -71.41
CA THR I 124 7.68 -20.81 -72.31
C THR I 124 6.20 -20.49 -72.17
N VAL I 125 5.90 -19.20 -72.06
CA VAL I 125 4.54 -18.72 -71.89
C VAL I 125 4.14 -17.98 -73.16
N SER I 126 3.06 -18.43 -73.80
CA SER I 126 2.59 -17.82 -75.04
C SER I 126 1.88 -16.50 -74.76
N GLN J 1 -22.57 -48.10 8.00
CA GLN J 1 -23.77 -47.46 8.54
C GLN J 1 -24.97 -48.40 8.43
N SER J 2 -24.78 -49.64 8.84
CA SER J 2 -25.85 -50.63 8.84
C SER J 2 -26.59 -50.58 10.18
N ALA J 3 -27.44 -51.57 10.43
CA ALA J 3 -28.15 -51.64 11.69
C ALA J 3 -27.22 -52.06 12.82
N LEU J 4 -27.67 -51.83 14.05
CA LEU J 4 -26.89 -52.21 15.22
C LEU J 4 -26.87 -53.72 15.37
N THR J 5 -25.72 -54.25 15.78
CA THR J 5 -25.58 -55.69 15.97
C THR J 5 -26.38 -56.16 17.17
N GLN J 6 -26.93 -57.37 17.07
CA GLN J 6 -27.88 -57.85 18.04
C GLN J 6 -27.85 -59.37 18.07
N PRO J 7 -27.99 -59.99 19.23
CA PRO J 7 -28.15 -61.45 19.29
C PRO J 7 -29.45 -61.90 18.63
N ALA J 8 -29.42 -63.12 18.08
CA ALA J 8 -30.58 -63.65 17.38
C ALA J 8 -31.68 -64.03 18.35
N SER J 9 -31.33 -64.71 19.44
CA SER J 9 -32.31 -65.15 20.42
C SER J 9 -31.64 -65.31 21.78
N VAL J 10 -32.47 -65.27 22.83
CA VAL J 10 -32.02 -65.49 24.19
C VAL J 10 -32.94 -66.50 24.86
N SER J 11 -32.43 -67.14 25.90
CA SER J 11 -33.18 -68.13 26.66
C SER J 11 -32.98 -67.90 28.14
N GLY J 12 -33.96 -68.31 28.93
CA GLY J 12 -33.86 -68.15 30.37
C GLY J 12 -34.99 -68.76 31.16
N SER J 13 -34.66 -69.34 32.32
CA SER J 13 -35.66 -69.85 33.23
C SER J 13 -36.38 -68.71 33.92
N PRO J 14 -37.61 -68.94 34.40
CA PRO J 14 -38.27 -67.93 35.24
C PRO J 14 -37.50 -67.69 36.54
N GLY J 15 -37.43 -66.42 36.95
CA GLY J 15 -36.68 -66.04 38.11
C GLY J 15 -35.19 -65.87 37.88
N GLN J 16 -34.73 -65.95 36.64
CA GLN J 16 -33.32 -65.86 36.30
C GLN J 16 -33.04 -64.53 35.62
N SER J 17 -31.93 -63.89 36.01
CA SER J 17 -31.57 -62.60 35.45
C SER J 17 -31.06 -62.75 34.02
N ILE J 18 -31.64 -61.97 33.10
CA ILE J 18 -31.30 -62.02 31.68
C ILE J 18 -30.82 -60.65 31.25
N THR J 19 -29.67 -60.60 30.57
CA THR J 19 -29.10 -59.37 30.06
C THR J 19 -29.09 -59.39 28.54
N ILE J 20 -29.61 -58.34 27.93
CA ILE J 20 -29.62 -58.18 26.47
C ILE J 20 -28.85 -56.91 26.13
N SER J 21 -27.87 -57.04 25.24
CA SER J 21 -26.99 -55.93 24.88
C SER J 21 -26.89 -55.81 23.36
N CYS J 22 -26.85 -54.56 22.88
CA CYS J 22 -26.60 -54.26 21.49
C CYS J 22 -25.44 -53.28 21.39
N THR J 23 -24.61 -53.48 20.37
CA THR J 23 -23.39 -52.68 20.19
C THR J 23 -23.52 -51.83 18.94
N GLY J 24 -22.98 -50.60 19.02
CA GLY J 24 -22.99 -49.69 17.89
C GLY J 24 -21.62 -49.04 17.74
N THR J 25 -21.52 -48.18 16.73
CA THR J 25 -20.28 -47.48 16.45
C THR J 25 -20.17 -46.25 17.35
N SER J 26 -19.13 -45.43 17.11
CA SER J 26 -18.92 -44.25 17.94
C SER J 26 -19.88 -43.12 17.62
N SER J 27 -20.51 -43.14 16.45
CA SER J 27 -21.43 -42.08 16.06
C SER J 27 -22.88 -42.37 16.41
N ASP J 28 -23.20 -43.58 16.87
CA ASP J 28 -24.57 -43.94 17.21
C ASP J 28 -24.81 -43.98 18.71
N VAL J 29 -24.03 -44.78 19.44
CA VAL J 29 -24.22 -44.95 20.87
C VAL J 29 -23.12 -44.25 21.68
N GLY J 30 -21.90 -44.22 21.14
CA GLY J 30 -20.78 -43.66 21.88
C GLY J 30 -20.73 -42.15 21.96
N SER J 31 -21.62 -41.45 21.25
CA SER J 31 -21.62 -39.99 21.27
C SER J 31 -22.94 -39.38 21.72
N TYR J 32 -24.06 -40.08 21.60
CA TYR J 32 -25.36 -39.57 21.98
C TYR J 32 -26.00 -40.50 23.00
N ASN J 33 -26.70 -39.91 23.97
CA ASN J 33 -27.31 -40.66 25.06
C ASN J 33 -28.77 -40.97 24.80
N LEU J 34 -29.20 -41.02 23.55
CA LEU J 34 -30.59 -41.32 23.19
C LEU J 34 -30.70 -42.76 22.69
N VAL J 35 -30.69 -43.70 23.64
CA VAL J 35 -30.75 -45.14 23.32
C VAL J 35 -31.98 -45.70 24.01
N SER J 36 -33.03 -45.97 23.25
CA SER J 36 -34.28 -46.48 23.80
C SER J 36 -34.47 -47.94 23.38
N TRP J 37 -35.40 -48.61 24.08
CA TRP J 37 -35.68 -50.03 23.87
C TRP J 37 -37.18 -50.22 23.74
N TYR J 38 -37.59 -51.12 22.85
CA TYR J 38 -38.99 -51.39 22.57
C TYR J 38 -39.23 -52.90 22.60
N GLN J 39 -40.41 -53.31 23.08
CA GLN J 39 -40.83 -54.68 22.89
C GLN J 39 -42.10 -54.72 22.06
N GLN J 40 -42.35 -55.87 21.44
CA GLN J 40 -43.60 -56.08 20.72
C GLN J 40 -44.03 -57.54 20.87
N HIS J 41 -45.32 -57.74 21.15
CA HIS J 41 -45.91 -59.05 20.99
C HIS J 41 -46.00 -59.37 19.50
N PRO J 42 -45.85 -60.64 19.12
CA PRO J 42 -46.00 -61.01 17.71
C PRO J 42 -47.44 -60.80 17.24
N GLY J 43 -47.59 -59.97 16.21
CA GLY J 43 -48.88 -59.57 15.73
C GLY J 43 -49.41 -58.27 16.32
N LYS J 44 -48.67 -57.62 17.20
CA LYS J 44 -49.10 -56.40 17.85
C LYS J 44 -48.08 -55.28 17.65
N ALA J 45 -48.52 -54.05 17.92
CA ALA J 45 -47.67 -52.89 17.76
C ALA J 45 -46.59 -52.86 18.85
N PRO J 46 -45.43 -52.27 18.56
CA PRO J 46 -44.40 -52.12 19.60
C PRO J 46 -44.80 -51.14 20.69
N LYS J 47 -44.09 -51.24 21.82
CA LYS J 47 -44.36 -50.45 23.01
C LYS J 47 -43.05 -49.97 23.62
N LEU J 48 -42.99 -48.70 24.00
CA LEU J 48 -41.80 -48.15 24.62
C LEU J 48 -41.65 -48.68 26.04
N MET J 49 -40.41 -48.98 26.43
CA MET J 49 -40.12 -49.48 27.78
C MET J 49 -38.96 -48.76 28.46
N ILE J 50 -38.06 -48.13 27.73
CA ILE J 50 -36.97 -47.35 28.32
C ILE J 50 -36.86 -46.02 27.59
N TYR J 51 -36.70 -44.93 28.34
CA TYR J 51 -36.39 -43.59 27.84
C TYR J 51 -34.93 -43.46 27.42
N GLU J 52 -34.45 -42.21 27.41
CA GLU J 52 -33.22 -41.75 26.76
C GLU J 52 -32.02 -42.68 26.90
N VAL J 53 -31.54 -42.93 28.11
CA VAL J 53 -30.61 -44.03 28.26
C VAL J 53 -30.96 -44.94 29.44
N SER J 54 -31.62 -44.38 30.48
CA SER J 54 -31.82 -45.19 31.68
C SER J 54 -33.14 -44.94 32.41
N LYS J 55 -34.03 -44.11 31.89
CA LYS J 55 -35.21 -43.69 32.64
C LYS J 55 -36.41 -44.58 32.29
N ARG J 56 -37.27 -44.78 33.27
CA ARG J 56 -38.45 -45.63 33.16
C ARG J 56 -39.69 -44.78 32.90
N PRO J 57 -40.54 -45.15 31.95
CA PRO J 57 -41.77 -44.41 31.71
C PRO J 57 -42.84 -44.75 32.74
N SER J 58 -43.97 -44.05 32.65
CA SER J 58 -45.07 -44.28 33.55
C SER J 58 -45.82 -45.56 33.18
N GLY J 59 -46.45 -46.18 34.18
CA GLY J 59 -47.21 -47.39 33.94
C GLY J 59 -46.38 -48.62 33.70
N VAL J 60 -45.10 -48.61 34.09
CA VAL J 60 -44.19 -49.71 33.86
C VAL J 60 -43.64 -50.15 35.21
N SER J 61 -43.75 -51.44 35.51
CA SER J 61 -43.21 -52.00 36.74
C SER J 61 -41.68 -51.92 36.74
N ASN J 62 -41.12 -51.75 37.93
CA ASN J 62 -39.68 -51.56 38.10
C ASN J 62 -38.95 -52.89 37.94
N ARG J 63 -38.84 -53.34 36.69
CA ARG J 63 -38.16 -54.58 36.37
C ARG J 63 -37.18 -54.45 35.21
N PHE J 64 -37.26 -53.41 34.40
CA PHE J 64 -36.40 -53.24 33.24
C PHE J 64 -35.42 -52.11 33.51
N SER J 65 -34.12 -52.41 33.49
CA SER J 65 -33.08 -51.43 33.74
C SER J 65 -32.12 -51.42 32.57
N GLY J 66 -31.88 -50.23 32.01
CA GLY J 66 -30.99 -50.06 30.88
C GLY J 66 -29.75 -49.27 31.27
N SER J 67 -28.63 -49.60 30.64
CA SER J 67 -27.38 -48.90 30.90
C SER J 67 -26.51 -48.96 29.66
N LYS J 68 -25.53 -48.06 29.59
CA LYS J 68 -24.60 -48.02 28.48
C LYS J 68 -23.17 -47.95 29.02
N SER J 69 -22.24 -48.40 28.20
CA SER J 69 -20.82 -48.43 28.58
C SER J 69 -20.00 -48.33 27.30
N GLY J 70 -19.49 -47.14 27.01
CA GLY J 70 -18.70 -46.93 25.81
C GLY J 70 -19.53 -46.96 24.55
N ASN J 71 -19.31 -47.99 23.72
CA ASN J 71 -20.07 -48.18 22.49
C ASN J 71 -21.11 -49.29 22.61
N THR J 72 -21.40 -49.74 23.82
CA THR J 72 -22.32 -50.85 24.05
C THR J 72 -23.40 -50.41 25.03
N ALA J 73 -24.66 -50.64 24.68
CA ALA J 73 -25.80 -50.39 25.55
C ALA J 73 -26.46 -51.72 25.88
N SER J 74 -26.76 -51.93 27.15
CA SER J 74 -27.29 -53.21 27.62
C SER J 74 -28.55 -53.00 28.45
N LEU J 75 -29.47 -53.95 28.35
CA LEU J 75 -30.70 -53.96 29.14
C LEU J 75 -30.71 -55.22 29.99
N THR J 76 -30.89 -55.04 31.29
CA THR J 76 -30.85 -56.15 32.25
C THR J 76 -32.23 -56.35 32.86
N ILE J 77 -32.71 -57.59 32.83
CA ILE J 77 -34.03 -57.95 33.33
C ILE J 77 -33.85 -59.03 34.39
N SER J 78 -34.43 -58.81 35.57
CA SER J 78 -34.47 -59.81 36.63
C SER J 78 -35.92 -60.10 36.99
N GLY J 79 -36.18 -61.34 37.42
CA GLY J 79 -37.54 -61.75 37.74
C GLY J 79 -38.42 -61.93 36.51
N LEU J 80 -38.09 -62.92 35.70
CA LEU J 80 -38.77 -63.14 34.42
C LEU J 80 -40.00 -64.03 34.60
N GLN J 81 -41.06 -63.71 33.87
CA GLN J 81 -42.28 -64.50 33.85
C GLN J 81 -42.59 -64.88 32.40
N ALA J 82 -43.76 -65.51 32.20
CA ALA J 82 -44.16 -65.94 30.87
C ALA J 82 -44.68 -64.80 30.00
N GLU J 83 -44.95 -63.63 30.58
CA GLU J 83 -45.44 -62.50 29.81
C GLU J 83 -44.34 -61.70 29.15
N ASP J 84 -43.08 -62.03 29.40
CA ASP J 84 -41.95 -61.32 28.81
C ASP J 84 -41.49 -61.92 27.49
N GLU J 85 -42.19 -62.94 26.98
CA GLU J 85 -41.87 -63.54 25.69
C GLU J 85 -42.28 -62.58 24.59
N ALA J 86 -41.30 -61.85 24.05
CA ALA J 86 -41.57 -60.84 23.04
C ALA J 86 -40.29 -60.59 22.24
N ASP J 87 -40.39 -59.68 21.27
CA ASP J 87 -39.27 -59.31 20.42
C ASP J 87 -38.77 -57.93 20.83
N TYR J 88 -37.49 -57.84 21.18
CA TYR J 88 -36.93 -56.64 21.80
C TYR J 88 -35.96 -55.99 20.83
N TYR J 89 -36.09 -54.67 20.65
CA TYR J 89 -35.34 -53.95 19.65
C TYR J 89 -34.60 -52.77 20.25
N CYS J 90 -33.44 -52.45 19.67
CA CYS J 90 -32.65 -51.28 20.03
C CYS J 90 -32.88 -50.16 19.03
N CYS J 91 -32.61 -48.93 19.47
CA CYS J 91 -32.58 -47.78 18.58
C CYS J 91 -31.64 -46.75 19.17
N SER J 92 -31.18 -45.84 18.32
CA SER J 92 -30.26 -44.80 18.76
C SER J 92 -30.34 -43.61 17.82
N TYR J 93 -29.86 -42.48 18.30
CA TYR J 93 -29.72 -41.28 17.46
C TYR J 93 -28.45 -41.43 16.64
N ALA J 94 -28.59 -41.57 15.33
CA ALA J 94 -27.48 -41.88 14.45
C ALA J 94 -26.75 -40.64 13.96
N GLY J 95 -27.18 -39.45 14.34
CA GLY J 95 -26.63 -38.23 13.80
C GLY J 95 -27.27 -37.86 12.48
N SER J 96 -27.20 -36.55 12.17
CA SER J 96 -27.82 -35.92 11.00
C SER J 96 -29.32 -36.16 10.95
N SER J 97 -29.96 -36.16 12.14
CA SER J 97 -31.40 -36.31 12.33
C SER J 97 -31.95 -37.61 11.73
N THR J 98 -31.25 -38.71 12.01
CA THR J 98 -31.65 -40.03 11.54
C THR J 98 -31.65 -41.01 12.70
N VAL J 99 -32.55 -42.00 12.64
CA VAL J 99 -32.69 -43.01 13.67
C VAL J 99 -32.43 -44.38 13.05
N ILE J 100 -31.53 -45.15 13.66
CA ILE J 100 -31.22 -46.49 13.20
C ILE J 100 -31.72 -47.49 14.23
N PHE J 101 -32.54 -48.44 13.80
CA PHE J 101 -33.09 -49.46 14.67
C PHE J 101 -32.18 -50.68 14.71
N GLY J 102 -32.30 -51.45 15.79
CA GLY J 102 -31.50 -52.64 15.96
C GLY J 102 -32.05 -53.85 15.24
N GLY J 103 -31.27 -54.93 15.28
CA GLY J 103 -31.68 -56.16 14.59
C GLY J 103 -32.85 -56.86 15.28
N GLY J 104 -32.78 -56.96 16.61
CA GLY J 104 -33.87 -57.55 17.37
C GLY J 104 -33.51 -58.91 17.96
N THR J 105 -34.01 -59.16 19.17
CA THR J 105 -33.89 -60.45 19.84
C THR J 105 -35.24 -61.12 19.94
N LYS J 106 -35.23 -62.38 20.36
CA LYS J 106 -36.43 -63.12 20.71
C LYS J 106 -36.19 -63.80 22.05
N LEU J 107 -37.11 -63.61 22.99
CA LEU J 107 -36.99 -64.15 24.33
C LEU J 107 -37.81 -65.43 24.43
N THR J 108 -37.17 -66.52 24.86
CA THR J 108 -37.80 -67.80 25.03
C THR J 108 -37.88 -68.13 26.52
N VAL J 109 -39.08 -68.44 27.00
CA VAL J 109 -39.27 -68.79 28.39
C VAL J 109 -39.06 -70.29 28.58
N LEU J 110 -38.77 -70.69 29.81
CA LEU J 110 -38.57 -72.09 30.13
C LEU J 110 -39.55 -72.56 31.19
N GLN K 1 16.39 -2.60 -51.71
CA GLN K 1 16.49 -4.06 -51.71
C GLN K 1 16.45 -4.61 -53.14
N SER K 2 17.49 -4.29 -53.90
CA SER K 2 17.63 -4.71 -55.28
C SER K 2 18.78 -5.73 -55.41
N ALA K 3 19.09 -6.10 -56.64
CA ALA K 3 20.18 -7.02 -56.90
C ALA K 3 21.53 -6.33 -56.70
N LEU K 4 22.58 -7.14 -56.68
CA LEU K 4 23.93 -6.62 -56.48
C LEU K 4 24.43 -5.91 -57.73
N THR K 5 25.36 -4.99 -57.53
CA THR K 5 25.93 -4.20 -58.62
C THR K 5 27.16 -4.92 -59.18
N GLN K 6 27.14 -5.16 -60.49
CA GLN K 6 28.23 -5.83 -61.18
C GLN K 6 28.60 -5.08 -62.44
N PRO K 7 29.86 -5.16 -62.88
CA PRO K 7 30.21 -4.65 -64.22
C PRO K 7 29.55 -5.47 -65.30
N ALA K 8 29.25 -4.79 -66.42
CA ALA K 8 28.55 -5.45 -67.51
C ALA K 8 29.44 -6.44 -68.25
N SER K 9 30.68 -6.07 -68.52
CA SER K 9 31.59 -6.93 -69.26
C SER K 9 33.01 -6.66 -68.81
N VAL K 10 33.88 -7.64 -69.06
CA VAL K 10 35.31 -7.53 -68.76
C VAL K 10 36.08 -8.21 -69.88
N SER K 11 37.30 -7.74 -70.12
CA SER K 11 38.16 -8.27 -71.16
C SER K 11 39.60 -8.24 -70.69
N GLY K 12 40.42 -9.12 -71.27
CA GLY K 12 41.82 -9.17 -70.93
C GLY K 12 42.63 -10.12 -71.78
N SER K 13 43.93 -9.86 -71.90
CA SER K 13 44.82 -10.76 -72.61
C SER K 13 45.05 -12.02 -71.79
N PRO K 14 45.39 -13.14 -72.44
CA PRO K 14 45.81 -14.33 -71.68
C PRO K 14 47.10 -14.08 -70.90
N GLY K 15 47.14 -14.58 -69.67
CA GLY K 15 48.23 -14.31 -68.78
C GLY K 15 48.11 -13.03 -67.97
N GLN K 16 47.06 -12.25 -68.19
CA GLN K 16 46.85 -11.00 -67.49
C GLN K 16 45.84 -11.20 -66.36
N SER K 17 46.10 -10.57 -65.22
CA SER K 17 45.22 -10.70 -64.07
C SER K 17 43.94 -9.90 -64.29
N ILE K 18 42.80 -10.54 -64.01
CA ILE K 18 41.49 -9.94 -64.19
C ILE K 18 40.76 -10.00 -62.84
N THR K 19 40.29 -8.85 -62.37
CA THR K 19 39.58 -8.75 -61.11
C THR K 19 38.15 -8.30 -61.38
N ILE K 20 37.19 -9.00 -60.80
CA ILE K 20 35.77 -8.66 -60.88
C ILE K 20 35.27 -8.38 -59.48
N SER K 21 34.64 -7.23 -59.30
CA SER K 21 34.22 -6.75 -57.99
C SER K 21 32.71 -6.81 -57.85
N CYS K 22 32.23 -7.23 -56.68
CA CYS K 22 30.81 -7.25 -56.36
C CYS K 22 30.58 -6.41 -55.12
N THR K 23 29.65 -5.46 -55.20
CA THR K 23 29.35 -4.55 -54.10
C THR K 23 27.85 -4.57 -53.82
N GLY K 24 27.50 -4.13 -52.63
CA GLY K 24 26.09 -4.12 -52.23
C GLY K 24 25.91 -3.46 -50.88
N THR K 25 24.71 -3.66 -50.33
CA THR K 25 24.33 -3.07 -49.06
C THR K 25 25.11 -3.75 -47.93
N SER K 26 25.47 -2.96 -46.91
CA SER K 26 26.22 -3.47 -45.75
C SER K 26 25.43 -4.49 -44.95
N SER K 27 24.10 -4.48 -45.03
CA SER K 27 23.30 -5.52 -44.39
C SER K 27 23.30 -6.83 -45.17
N ASP K 28 23.80 -6.83 -46.41
CA ASP K 28 23.84 -8.00 -47.26
C ASP K 28 25.22 -8.63 -47.34
N VAL K 29 26.25 -7.85 -47.64
CA VAL K 29 27.61 -8.35 -47.79
C VAL K 29 28.50 -7.93 -46.64
N GLY K 30 28.31 -6.70 -46.13
CA GLY K 30 29.16 -6.20 -45.07
C GLY K 30 28.85 -6.75 -43.69
N SER K 31 27.73 -7.44 -43.51
CA SER K 31 27.35 -7.98 -42.21
C SER K 31 27.58 -9.47 -42.08
N TYR K 32 27.61 -10.20 -43.19
CA TYR K 32 27.77 -11.65 -43.17
C TYR K 32 28.93 -12.04 -44.07
N ASN K 33 29.63 -13.10 -43.68
CA ASN K 33 30.78 -13.60 -44.42
C ASN K 33 30.41 -14.70 -45.40
N LEU K 34 29.19 -14.70 -45.92
CA LEU K 34 28.69 -15.74 -46.81
C LEU K 34 28.58 -15.15 -48.21
N VAL K 35 29.67 -15.22 -48.96
CA VAL K 35 29.72 -14.79 -50.36
C VAL K 35 30.21 -15.96 -51.20
N SER K 36 29.54 -16.23 -52.31
CA SER K 36 29.93 -17.29 -53.21
C SER K 36 29.94 -16.79 -54.65
N TRP K 37 30.73 -17.45 -55.48
CA TRP K 37 30.92 -17.06 -56.87
C TRP K 37 30.61 -18.22 -57.79
N TYR K 38 30.00 -17.93 -58.93
CA TYR K 38 29.59 -18.94 -59.89
C TYR K 38 29.96 -18.51 -61.30
N GLN K 39 30.16 -19.50 -62.17
CA GLN K 39 30.35 -19.25 -63.58
C GLN K 39 29.56 -20.28 -64.38
N GLN K 40 29.22 -19.92 -65.61
CA GLN K 40 28.50 -20.84 -66.48
C GLN K 40 28.84 -20.54 -67.94
N HIS K 41 28.63 -21.53 -68.75
CA HIS K 41 28.70 -21.59 -70.20
C HIS K 41 27.30 -21.53 -70.80
N PRO K 42 27.13 -20.93 -71.97
CA PRO K 42 25.82 -20.96 -72.64
C PRO K 42 25.46 -22.37 -73.06
N GLY K 43 24.34 -22.86 -72.53
CA GLY K 43 23.92 -24.23 -72.74
C GLY K 43 24.29 -25.21 -71.65
N LYS K 44 24.77 -24.73 -70.50
CA LYS K 44 25.20 -25.59 -69.41
C LYS K 44 24.75 -25.00 -68.08
N ALA K 45 24.63 -25.87 -67.08
CA ALA K 45 24.31 -25.43 -65.73
C ALA K 45 25.50 -24.71 -65.11
N PRO K 46 25.26 -23.77 -64.19
CA PRO K 46 26.36 -23.13 -63.48
C PRO K 46 27.09 -24.09 -62.56
N LYS K 47 28.38 -23.83 -62.37
CA LYS K 47 29.25 -24.64 -61.55
C LYS K 47 29.89 -23.73 -60.50
N LEU K 48 29.98 -24.24 -59.27
CA LEU K 48 30.38 -23.43 -58.13
C LEU K 48 31.89 -23.25 -58.10
N MET K 49 32.34 -22.03 -57.87
CA MET K 49 33.76 -21.69 -57.72
C MET K 49 34.21 -21.61 -56.26
N ILE K 50 33.60 -20.72 -55.47
CA ILE K 50 34.15 -20.30 -54.19
C ILE K 50 33.08 -20.47 -53.11
N TYR K 51 33.44 -21.10 -51.98
CA TYR K 51 32.44 -21.38 -50.94
C TYR K 51 32.18 -20.16 -50.06
N GLU K 52 33.16 -19.80 -49.24
CA GLU K 52 33.16 -18.67 -48.33
C GLU K 52 33.86 -17.50 -49.01
N VAL K 53 34.37 -16.55 -48.20
CA VAL K 53 35.07 -15.39 -48.73
C VAL K 53 36.28 -15.80 -49.58
N SER K 54 37.15 -16.67 -49.06
CA SER K 54 38.28 -17.13 -49.85
C SER K 54 38.23 -18.63 -50.13
N LYS K 55 38.41 -19.49 -49.12
CA LYS K 55 38.01 -20.90 -49.00
C LYS K 55 37.96 -21.75 -50.26
N ARG K 56 39.09 -21.91 -50.94
CA ARG K 56 39.13 -22.61 -52.22
C ARG K 56 38.81 -24.09 -52.06
N PRO K 57 37.78 -24.61 -52.72
CA PRO K 57 37.39 -26.01 -52.52
C PRO K 57 38.09 -27.00 -53.42
N SER K 58 37.69 -28.27 -53.33
CA SER K 58 38.24 -29.31 -54.17
C SER K 58 37.67 -29.20 -55.59
N GLY K 59 38.44 -29.72 -56.55
CA GLY K 59 38.04 -29.68 -57.94
C GLY K 59 38.40 -28.41 -58.68
N VAL K 60 38.93 -27.40 -57.98
CA VAL K 60 39.32 -26.13 -58.57
C VAL K 60 40.79 -25.91 -58.26
N SER K 61 41.58 -25.65 -59.29
CA SER K 61 43.02 -25.42 -59.11
C SER K 61 43.25 -24.03 -58.52
N ASN K 62 44.51 -23.77 -58.17
CA ASN K 62 44.90 -22.50 -57.54
C ASN K 62 44.97 -21.40 -58.59
N ARG K 63 43.78 -20.98 -59.04
CA ARG K 63 43.66 -19.98 -60.08
C ARG K 63 42.72 -18.87 -59.64
N PHE K 64 41.70 -19.22 -58.86
CA PHE K 64 40.67 -18.29 -58.41
C PHE K 64 40.89 -18.00 -56.94
N SER K 65 41.06 -16.72 -56.60
CA SER K 65 41.18 -16.27 -55.22
C SER K 65 40.20 -15.14 -54.97
N GLY K 66 39.43 -15.25 -53.90
CA GLY K 66 38.41 -14.28 -53.58
C GLY K 66 38.66 -13.60 -52.26
N SER K 67 38.23 -12.35 -52.16
CA SER K 67 38.38 -11.58 -50.92
C SER K 67 37.31 -10.51 -50.89
N LYS K 68 37.09 -9.96 -49.68
CA LYS K 68 36.13 -8.89 -49.48
C LYS K 68 36.83 -7.75 -48.74
N SER K 69 36.29 -6.54 -48.93
CA SER K 69 36.84 -5.35 -48.28
C SER K 69 35.67 -4.41 -47.99
N GLY K 70 35.14 -4.51 -46.77
CA GLY K 70 34.04 -3.65 -46.35
C GLY K 70 32.73 -3.98 -47.05
N ASN K 71 32.30 -3.10 -47.93
CA ASN K 71 31.05 -3.26 -48.65
C ASN K 71 31.21 -3.92 -50.00
N THR K 72 32.43 -4.31 -50.38
CA THR K 72 32.72 -4.83 -51.71
C THR K 72 33.52 -6.11 -51.60
N ALA K 73 33.13 -7.12 -52.39
CA ALA K 73 33.85 -8.37 -52.50
C ALA K 73 34.37 -8.53 -53.92
N SER K 74 35.54 -9.13 -54.05
CA SER K 74 36.22 -9.24 -55.34
C SER K 74 36.76 -10.65 -55.54
N LEU K 75 36.87 -11.04 -56.81
CA LEU K 75 37.47 -12.31 -57.21
C LEU K 75 38.60 -12.02 -58.19
N THR K 76 39.76 -12.62 -57.94
CA THR K 76 40.95 -12.41 -58.74
C THR K 76 41.25 -13.65 -59.58
N ILE K 77 41.40 -13.47 -60.88
CA ILE K 77 41.73 -14.55 -61.81
C ILE K 77 43.12 -14.28 -62.36
N SER K 78 44.04 -15.21 -62.15
CA SER K 78 45.41 -15.10 -62.63
C SER K 78 45.69 -16.18 -63.65
N GLY K 79 46.36 -15.80 -64.74
CA GLY K 79 46.63 -16.73 -65.81
C GLY K 79 45.39 -17.09 -66.60
N LEU K 80 44.83 -16.12 -67.31
CA LEU K 80 43.61 -16.33 -68.07
C LEU K 80 43.86 -17.23 -69.27
N GLN K 81 42.94 -18.17 -69.48
CA GLN K 81 43.01 -19.13 -70.58
C GLN K 81 41.78 -18.98 -71.46
N ALA K 82 41.69 -19.81 -72.49
CA ALA K 82 40.55 -19.78 -73.40
C ALA K 82 39.31 -20.43 -72.80
N GLU K 83 39.47 -21.22 -71.74
CA GLU K 83 38.34 -21.87 -71.08
C GLU K 83 37.69 -21.01 -70.01
N ASP K 84 38.21 -19.81 -69.76
CA ASP K 84 37.66 -18.90 -68.77
C ASP K 84 36.61 -17.97 -69.34
N GLU K 85 36.28 -18.08 -70.63
CA GLU K 85 35.23 -17.28 -71.24
C GLU K 85 33.88 -17.77 -70.75
N ALA K 86 33.30 -17.05 -69.79
CA ALA K 86 32.08 -17.47 -69.13
C ALA K 86 31.33 -16.25 -68.64
N ASP K 87 30.27 -16.49 -67.87
CA ASP K 87 29.46 -15.44 -67.26
C ASP K 87 29.53 -15.61 -65.75
N TYR K 88 30.06 -14.60 -65.05
CA TYR K 88 30.33 -14.70 -63.62
C TYR K 88 29.23 -14.02 -62.82
N TYR K 89 28.78 -14.68 -61.76
CA TYR K 89 27.68 -14.20 -60.94
C TYR K 89 28.07 -14.22 -59.47
N CYS K 90 27.45 -13.31 -58.71
CA CYS K 90 27.64 -13.20 -57.27
C CYS K 90 26.33 -13.51 -56.56
N CYS K 91 26.46 -14.00 -55.32
CA CYS K 91 25.31 -14.28 -54.48
C CYS K 91 25.76 -14.26 -53.03
N SER K 92 24.86 -13.86 -52.14
CA SER K 92 25.21 -13.68 -50.75
C SER K 92 23.96 -13.78 -49.87
N TYR K 93 24.19 -14.01 -48.59
CA TYR K 93 23.11 -14.11 -47.61
C TYR K 93 22.62 -12.72 -47.25
N ALA K 94 21.37 -12.41 -47.58
CA ALA K 94 20.81 -11.09 -47.37
C ALA K 94 20.02 -10.97 -46.07
N GLY K 95 20.08 -11.98 -45.21
CA GLY K 95 19.35 -11.92 -43.96
C GLY K 95 17.93 -12.42 -44.08
N SER K 96 17.38 -12.90 -42.96
CA SER K 96 16.02 -13.47 -42.88
C SER K 96 15.82 -14.64 -43.85
N SER K 97 16.89 -15.45 -44.00
CA SER K 97 16.93 -16.63 -44.88
C SER K 97 16.58 -16.29 -46.32
N THR K 98 17.11 -15.17 -46.81
CA THR K 98 16.87 -14.71 -48.17
C THR K 98 18.22 -14.60 -48.89
N VAL K 99 18.31 -15.22 -50.07
CA VAL K 99 19.51 -15.20 -50.88
C VAL K 99 19.27 -14.28 -52.08
N ILE K 100 20.14 -13.30 -52.28
CA ILE K 100 20.07 -12.44 -53.45
C ILE K 100 21.16 -12.84 -54.42
N PHE K 101 21.05 -12.36 -55.65
CA PHE K 101 22.00 -12.67 -56.70
C PHE K 101 22.44 -11.38 -57.39
N GLY K 102 23.61 -11.43 -58.02
CA GLY K 102 24.13 -10.30 -58.74
C GLY K 102 23.59 -10.19 -60.15
N GLY K 103 24.07 -9.17 -60.86
CA GLY K 103 23.64 -8.94 -62.22
C GLY K 103 24.31 -9.86 -63.23
N GLY K 104 25.64 -9.94 -63.18
CA GLY K 104 26.38 -10.79 -64.09
C GLY K 104 27.47 -10.03 -64.82
N THR K 105 28.58 -10.72 -65.08
CA THR K 105 29.72 -10.12 -65.77
C THR K 105 30.24 -11.11 -66.81
N LYS K 106 30.26 -10.69 -68.07
CA LYS K 106 30.70 -11.53 -69.16
C LYS K 106 32.18 -11.30 -69.44
N LEU K 107 32.94 -12.39 -69.49
CA LEU K 107 34.38 -12.32 -69.75
C LEU K 107 34.63 -12.73 -71.19
N THR K 108 35.42 -11.92 -71.89
CA THR K 108 35.81 -12.20 -73.27
C THR K 108 37.31 -12.42 -73.33
N VAL K 109 37.74 -13.39 -74.15
CA VAL K 109 39.14 -13.71 -74.30
C VAL K 109 39.71 -12.91 -75.47
N LEU K 110 41.02 -12.68 -75.43
CA LEU K 110 41.70 -11.94 -76.48
C LEU K 110 42.81 -12.77 -77.09
N GLN L 1 -42.42 30.09 -6.00
CA GLN L 1 -42.23 30.15 -7.45
C GLN L 1 -43.37 30.93 -8.10
N SER L 2 -44.20 31.54 -7.27
CA SER L 2 -45.36 32.29 -7.74
C SER L 2 -44.95 33.72 -8.09
N ALA L 3 -45.92 34.55 -8.43
CA ALA L 3 -45.66 35.94 -8.77
C ALA L 3 -45.33 36.76 -7.52
N LEU L 4 -44.77 37.94 -7.75
CA LEU L 4 -44.43 38.83 -6.65
C LEU L 4 -45.69 39.46 -6.06
N THR L 5 -45.67 39.64 -4.74
CA THR L 5 -46.82 40.21 -4.05
C THR L 5 -46.93 41.71 -4.34
N GLN L 6 -48.16 42.16 -4.57
CA GLN L 6 -48.44 43.55 -4.91
C GLN L 6 -49.87 43.85 -4.51
N PRO L 7 -50.16 45.05 -4.02
CA PRO L 7 -51.55 45.40 -3.68
C PRO L 7 -52.42 45.56 -4.92
N ALA L 8 -53.71 45.69 -4.67
CA ALA L 8 -54.68 45.81 -5.76
C ALA L 8 -54.62 47.19 -6.40
N SER L 9 -54.87 48.25 -5.63
CA SER L 9 -54.88 49.60 -6.16
C SER L 9 -54.50 50.59 -5.06
N VAL L 10 -53.98 51.74 -5.48
CA VAL L 10 -53.64 52.83 -4.58
C VAL L 10 -54.24 54.11 -5.13
N SER L 11 -54.37 55.11 -4.24
CA SER L 11 -54.93 56.40 -4.63
C SER L 11 -54.28 57.48 -3.79
N GLY L 12 -54.34 58.71 -4.30
CA GLY L 12 -53.79 59.84 -3.59
C GLY L 12 -54.18 61.14 -4.24
N SER L 13 -54.17 62.21 -3.44
CA SER L 13 -54.46 63.53 -3.94
C SER L 13 -53.28 64.05 -4.77
N PRO L 14 -53.53 64.98 -5.70
CA PRO L 14 -52.42 65.63 -6.40
C PRO L 14 -51.53 66.42 -5.46
N GLY L 15 -50.24 66.37 -5.71
CA GLY L 15 -49.26 66.98 -4.83
C GLY L 15 -48.89 66.15 -3.62
N GLN L 16 -49.38 64.92 -3.52
CA GLN L 16 -49.13 64.05 -2.38
C GLN L 16 -48.33 62.84 -2.83
N SER L 17 -47.31 62.49 -2.05
CA SER L 17 -46.47 61.35 -2.36
C SER L 17 -47.20 60.03 -2.12
N ILE L 18 -46.86 59.03 -2.93
CA ILE L 18 -47.44 57.70 -2.83
C ILE L 18 -46.32 56.68 -2.92
N THR L 19 -46.47 55.56 -2.23
CA THR L 19 -45.47 54.50 -2.20
C THR L 19 -46.09 53.19 -2.63
N ILE L 20 -45.44 52.50 -3.56
CA ILE L 20 -45.84 51.17 -4.02
C ILE L 20 -44.70 50.21 -3.70
N SER L 21 -45.00 49.16 -2.96
CA SER L 21 -43.97 48.24 -2.46
C SER L 21 -44.26 46.82 -2.90
N CYS L 22 -43.20 46.06 -3.14
CA CYS L 22 -43.28 44.65 -3.51
C CYS L 22 -42.46 43.83 -2.53
N THR L 23 -43.06 42.76 -2.01
CA THR L 23 -42.40 41.84 -1.12
C THR L 23 -42.26 40.49 -1.81
N GLY L 24 -41.03 39.97 -1.86
CA GLY L 24 -40.75 38.75 -2.59
C GLY L 24 -39.90 37.79 -1.78
N THR L 25 -39.70 36.61 -2.37
CA THR L 25 -38.85 35.58 -1.80
C THR L 25 -37.39 36.06 -1.82
N SER L 26 -36.62 35.65 -0.80
CA SER L 26 -35.23 36.07 -0.65
C SER L 26 -34.33 35.59 -1.79
N SER L 27 -34.72 34.55 -2.52
CA SER L 27 -33.97 34.12 -3.69
C SER L 27 -34.18 35.04 -4.89
N ASP L 28 -35.23 35.87 -4.88
CA ASP L 28 -35.54 36.71 -6.03
C ASP L 28 -35.09 38.16 -5.84
N VAL L 29 -35.58 38.82 -4.80
CA VAL L 29 -35.34 40.25 -4.61
C VAL L 29 -34.30 40.50 -3.53
N GLY L 30 -34.31 39.69 -2.46
CA GLY L 30 -33.41 39.92 -1.36
C GLY L 30 -31.95 39.58 -1.64
N SER L 31 -31.68 38.78 -2.68
CA SER L 31 -30.32 38.39 -3.02
C SER L 31 -29.73 39.26 -4.13
N TYR L 32 -30.40 39.30 -5.28
CA TYR L 32 -29.91 40.09 -6.42
C TYR L 32 -30.54 41.48 -6.40
N ASN L 33 -29.78 42.46 -6.88
CA ASN L 33 -30.20 43.85 -6.91
C ASN L 33 -30.79 44.26 -8.25
N LEU L 34 -31.46 43.35 -8.94
CA LEU L 34 -32.04 43.61 -10.25
C LEU L 34 -33.55 43.74 -10.07
N VAL L 35 -34.04 44.98 -10.01
CA VAL L 35 -35.47 45.29 -9.89
C VAL L 35 -35.77 46.40 -10.88
N SER L 36 -36.86 46.27 -11.64
CA SER L 36 -37.27 47.35 -12.53
C SER L 36 -38.76 47.60 -12.40
N TRP L 37 -39.16 48.82 -12.75
CA TRP L 37 -40.51 49.33 -12.58
C TRP L 37 -41.13 49.63 -13.94
N TYR L 38 -42.44 49.44 -14.05
CA TYR L 38 -43.06 49.39 -15.37
C TYR L 38 -44.49 49.92 -15.28
N GLN L 39 -44.72 51.14 -15.78
CA GLN L 39 -46.07 51.65 -15.90
C GLN L 39 -46.53 51.49 -17.35
N GLN L 40 -47.85 51.49 -17.53
CA GLN L 40 -48.41 51.42 -18.87
C GLN L 40 -49.71 52.21 -18.93
N HIS L 41 -49.99 52.71 -20.07
CA HIS L 41 -51.27 53.29 -20.41
C HIS L 41 -52.23 52.19 -20.88
N PRO L 42 -53.52 52.31 -20.57
CA PRO L 42 -54.49 51.30 -21.07
C PRO L 42 -54.61 51.31 -22.58
N GLY L 43 -54.17 50.22 -23.22
CA GLY L 43 -54.14 50.13 -24.66
C GLY L 43 -52.82 50.49 -25.29
N LYS L 44 -51.74 50.59 -24.52
CA LYS L 44 -50.45 51.00 -25.03
C LYS L 44 -49.36 50.11 -24.43
N ALA L 45 -48.22 50.07 -25.10
CA ALA L 45 -47.07 49.32 -24.62
C ALA L 45 -46.47 50.00 -23.39
N PRO L 46 -45.97 49.22 -22.43
CA PRO L 46 -45.37 49.82 -21.24
C PRO L 46 -44.00 50.44 -21.54
N LYS L 47 -43.56 51.30 -20.62
CA LYS L 47 -42.31 52.02 -20.77
C LYS L 47 -41.48 51.86 -19.50
N LEU L 48 -40.16 51.90 -19.66
CA LEU L 48 -39.26 51.59 -18.56
C LEU L 48 -39.09 52.79 -17.63
N MET L 49 -39.20 52.55 -16.32
CA MET L 49 -39.09 53.61 -15.33
C MET L 49 -37.73 53.65 -14.64
N ILE L 50 -37.34 52.58 -13.96
CA ILE L 50 -36.15 52.56 -13.11
C ILE L 50 -35.32 51.34 -13.49
N TYR L 51 -34.03 51.55 -13.81
CA TYR L 51 -33.15 50.49 -14.29
C TYR L 51 -32.88 49.40 -13.24
N GLU L 52 -32.09 49.74 -12.23
CA GLU L 52 -31.75 48.92 -11.08
C GLU L 52 -32.71 49.29 -9.94
N VAL L 53 -32.32 48.94 -8.70
CA VAL L 53 -33.12 49.32 -7.55
C VAL L 53 -33.21 50.85 -7.40
N SER L 54 -32.21 51.59 -7.87
CA SER L 54 -32.27 53.05 -7.90
C SER L 54 -31.35 53.55 -9.02
N LYS L 55 -31.94 53.90 -10.16
CA LYS L 55 -31.18 54.48 -11.26
C LYS L 55 -32.15 55.24 -12.16
N ARG L 56 -31.64 56.30 -12.81
CA ARG L 56 -32.51 57.13 -13.64
C ARG L 56 -32.13 56.98 -15.10
N PRO L 57 -33.08 56.69 -15.99
CA PRO L 57 -32.79 56.65 -17.42
C PRO L 57 -32.89 58.03 -18.06
N SER L 58 -32.77 58.10 -19.38
CA SER L 58 -32.91 59.34 -20.10
C SER L 58 -34.36 59.54 -20.54
N GLY L 59 -34.84 60.78 -20.46
CA GLY L 59 -36.20 61.10 -20.81
C GLY L 59 -37.21 60.99 -19.69
N VAL L 60 -36.78 60.63 -18.48
CA VAL L 60 -37.66 60.51 -17.32
C VAL L 60 -37.22 61.55 -16.30
N SER L 61 -38.18 62.38 -15.85
CA SER L 61 -37.89 63.42 -14.88
C SER L 61 -37.63 62.81 -13.51
N ASN L 62 -37.10 63.65 -12.61
CA ASN L 62 -36.70 63.20 -11.28
C ASN L 62 -37.87 63.16 -10.27
N ARG L 63 -38.96 62.51 -10.64
CA ARG L 63 -40.11 62.33 -9.77
C ARG L 63 -40.26 60.92 -9.24
N PHE L 64 -39.50 59.95 -9.78
CA PHE L 64 -39.57 58.56 -9.36
C PHE L 64 -38.22 58.14 -8.79
N SER L 65 -38.25 57.53 -7.62
CA SER L 65 -37.04 56.98 -7.01
C SER L 65 -37.39 55.65 -6.34
N GLY L 66 -36.39 54.78 -6.27
CA GLY L 66 -36.59 53.46 -5.71
C GLY L 66 -35.58 53.16 -4.62
N SER L 67 -35.94 52.18 -3.79
CA SER L 67 -35.06 51.74 -2.71
C SER L 67 -35.41 50.29 -2.36
N LYS L 68 -34.46 49.63 -1.70
CA LYS L 68 -34.64 48.26 -1.25
C LYS L 68 -34.27 48.16 0.23
N SER L 69 -35.04 47.37 0.97
CA SER L 69 -34.80 47.15 2.39
C SER L 69 -35.10 45.68 2.69
N GLY L 70 -34.06 44.85 2.67
CA GLY L 70 -34.23 43.44 2.92
C GLY L 70 -34.93 42.72 1.77
N ASN L 71 -36.17 42.30 2.01
CA ASN L 71 -36.96 41.60 1.01
C ASN L 71 -37.98 42.50 0.34
N THR L 72 -37.97 43.80 0.66
CA THR L 72 -38.98 44.74 0.17
C THR L 72 -38.32 45.77 -0.74
N ALA L 73 -38.93 46.03 -1.88
CA ALA L 73 -38.51 47.08 -2.80
C ALA L 73 -39.67 48.03 -3.01
N SER L 74 -39.41 49.34 -2.89
CA SER L 74 -40.44 50.34 -2.92
C SER L 74 -40.11 51.41 -3.96
N LEU L 75 -41.17 52.06 -4.45
CA LEU L 75 -41.06 53.14 -5.41
C LEU L 75 -41.77 54.37 -4.85
N THR L 76 -41.11 55.51 -4.88
CA THR L 76 -41.66 56.76 -4.35
C THR L 76 -41.94 57.71 -5.51
N ILE L 77 -43.17 58.18 -5.59
CA ILE L 77 -43.60 59.12 -6.62
C ILE L 77 -43.83 60.47 -5.96
N SER L 78 -43.15 61.50 -6.46
CA SER L 78 -43.26 62.85 -5.92
C SER L 78 -43.94 63.75 -6.94
N GLY L 79 -44.90 64.55 -6.49
CA GLY L 79 -45.61 65.45 -7.38
C GLY L 79 -46.60 64.72 -8.27
N LEU L 80 -47.64 64.14 -7.67
CA LEU L 80 -48.64 63.40 -8.41
C LEU L 80 -49.50 64.35 -9.24
N GLN L 81 -49.65 64.03 -10.52
CA GLN L 81 -50.42 64.85 -11.45
C GLN L 81 -51.49 63.97 -12.12
N ALA L 82 -52.14 64.52 -13.13
CA ALA L 82 -53.15 63.79 -13.89
C ALA L 82 -52.53 62.81 -14.89
N GLU L 83 -51.22 62.85 -15.10
CA GLU L 83 -50.52 61.93 -15.98
C GLU L 83 -50.06 60.68 -15.25
N ASP L 84 -50.42 60.52 -13.98
CA ASP L 84 -50.04 59.37 -13.18
C ASP L 84 -51.04 58.22 -13.28
N GLU L 85 -52.08 58.36 -14.11
CA GLU L 85 -53.07 57.31 -14.30
C GLU L 85 -52.45 56.19 -15.12
N ALA L 86 -52.01 55.13 -14.44
CA ALA L 86 -51.30 54.05 -15.11
C ALA L 86 -51.47 52.78 -14.28
N ASP L 87 -50.76 51.73 -14.67
CA ASP L 87 -50.75 50.45 -13.97
C ASP L 87 -49.29 50.03 -13.79
N TYR L 88 -48.85 49.91 -12.55
CA TYR L 88 -47.44 49.74 -12.23
C TYR L 88 -47.14 48.27 -11.90
N TYR L 89 -46.00 47.80 -12.38
CA TYR L 89 -45.61 46.40 -12.25
C TYR L 89 -44.22 46.28 -11.64
N CYS L 90 -44.01 45.20 -10.90
CA CYS L 90 -42.70 44.80 -10.40
C CYS L 90 -42.15 43.67 -11.27
N CYS L 91 -40.84 43.67 -11.48
CA CYS L 91 -40.19 42.53 -12.08
C CYS L 91 -38.75 42.46 -11.57
N SER L 92 -38.21 41.25 -11.51
CA SER L 92 -36.91 41.05 -10.92
C SER L 92 -36.27 39.78 -11.46
N TYR L 93 -34.95 39.72 -11.31
CA TYR L 93 -34.22 38.48 -11.60
C TYR L 93 -34.58 37.44 -10.55
N ALA L 94 -34.88 36.22 -11.00
CA ALA L 94 -35.37 35.18 -10.11
C ALA L 94 -34.47 33.95 -10.06
N GLY L 95 -33.25 34.03 -10.57
CA GLY L 95 -32.40 32.86 -10.57
C GLY L 95 -32.66 31.96 -11.76
N SER L 96 -31.60 31.24 -12.15
CA SER L 96 -31.59 30.31 -13.29
C SER L 96 -31.96 31.01 -14.60
N SER L 97 -31.58 32.29 -14.72
CA SER L 97 -31.86 33.14 -15.88
C SER L 97 -33.35 33.21 -16.22
N THR L 98 -34.18 33.33 -15.18
CA THR L 98 -35.62 33.49 -15.33
C THR L 98 -36.05 34.81 -14.70
N VAL L 99 -36.94 35.52 -15.37
CA VAL L 99 -37.47 36.80 -14.90
C VAL L 99 -38.94 36.61 -14.57
N ILE L 100 -39.33 37.01 -13.37
CA ILE L 100 -40.71 36.92 -12.93
C ILE L 100 -41.28 38.33 -12.85
N PHE L 101 -42.61 38.42 -12.87
CA PHE L 101 -43.30 39.70 -12.89
C PHE L 101 -44.31 39.76 -11.75
N GLY L 102 -44.63 40.99 -11.34
CA GLY L 102 -45.56 41.23 -10.26
C GLY L 102 -47.01 41.26 -10.72
N GLY L 103 -47.89 41.54 -9.76
CA GLY L 103 -49.32 41.55 -10.02
C GLY L 103 -49.82 42.79 -10.73
N GLY L 104 -49.70 43.95 -10.08
CA GLY L 104 -50.14 45.19 -10.68
C GLY L 104 -50.88 46.12 -9.75
N THR L 105 -50.45 47.38 -9.70
CA THR L 105 -51.10 48.41 -8.89
C THR L 105 -51.65 49.49 -9.83
N LYS L 106 -52.94 49.74 -9.75
CA LYS L 106 -53.60 50.77 -10.54
C LYS L 106 -53.77 52.01 -9.68
N LEU L 107 -53.25 53.14 -10.16
CA LEU L 107 -53.28 54.39 -9.42
C LEU L 107 -54.36 55.30 -9.99
N THR L 108 -55.14 55.90 -9.10
CA THR L 108 -56.19 56.84 -9.46
C THR L 108 -55.92 58.19 -8.83
N VAL L 109 -56.30 59.26 -9.53
CA VAL L 109 -56.12 60.62 -9.03
C VAL L 109 -57.43 61.08 -8.42
N LEU L 110 -57.35 62.15 -7.63
CA LEU L 110 -58.53 62.70 -6.97
C LEU L 110 -58.82 64.11 -7.44
#